data_1TZ2
#
_entry.id   1TZ2
#
_cell.length_a   67.702
_cell.length_b   68.731
_cell.length_c   351.611
_cell.angle_alpha   90.00
_cell.angle_beta   90.00
_cell.angle_gamma   90.00
#
_symmetry.space_group_name_H-M   'P 21 21 21'
#
loop_
_entity.id
_entity.type
_entity.pdbx_description
1 polymer '1-aminocyclopropane-1-carboxylate deaminase'
2 non-polymer "PYRIDOXAL-5'-PHOSPHATE"
3 non-polymer '1-AMINOCYCLOPROPANECARBOXYLIC ACID'
4 water water
#
_entity_poly.entity_id   1
_entity_poly.type   'polypeptide(L)'
_entity_poly.pdbx_seq_one_letter_code
;MNLQRFPRYPLTFGPTPIQPLARLSKHLGGKVHLYAKREDCNSGLAFGGNKTRKLEYLIPEALAQGCDTLVSIGGIQSNQ
TRQVAAVAAHLGMKCVLVQENWVNYSDAVYDRVGNIQMSRILGADVRLVPDGFDIGFRRSWEDALESVRAAGGKPYAIPA
GCSDHPLGGLGFVGFAEEVRAQEAELGFKFDYVVVCSVTGSTQAGMVVGFAADGRADRVIGVDASAKPAQTREQITRIAR
QTAEKVGLERDIMRADVVLDERFAGPEYGLPNEGTLEAIRLCARTEGMLTDPVYEGKSMHGMIEMVRNGEFPEGSRVLYA
HLGGVPALNGYSFIFRDG
;
_entity_poly.pdbx_strand_id   A,B,C,D
#
# COMPACT_ATOMS: atom_id res chain seq x y z
N MET A 1 -31.46 -27.85 -30.16
CA MET A 1 -30.63 -28.30 -29.00
C MET A 1 -31.43 -28.48 -27.71
N ASN A 2 -30.76 -28.97 -26.67
CA ASN A 2 -31.43 -29.18 -25.40
C ASN A 2 -30.48 -29.06 -24.21
N LEU A 3 -30.38 -27.84 -23.69
CA LEU A 3 -29.53 -27.48 -22.56
C LEU A 3 -30.23 -27.90 -21.27
N GLN A 4 -31.56 -27.90 -21.32
CA GLN A 4 -32.40 -28.26 -20.19
C GLN A 4 -32.15 -29.67 -19.70
N ARG A 5 -31.40 -30.44 -20.49
CA ARG A 5 -31.06 -31.80 -20.11
C ARG A 5 -30.14 -31.79 -18.88
N PHE A 6 -29.30 -30.76 -18.79
CA PHE A 6 -28.36 -30.62 -17.68
C PHE A 6 -28.90 -29.76 -16.56
N PRO A 7 -28.87 -30.28 -15.33
CA PRO A 7 -29.37 -29.52 -14.19
C PRO A 7 -28.58 -28.23 -13.95
N ARG A 8 -29.28 -27.23 -13.41
CA ARG A 8 -28.68 -25.93 -13.12
C ARG A 8 -28.88 -25.58 -11.66
N TYR A 9 -27.78 -25.34 -10.96
CA TYR A 9 -27.88 -24.97 -9.57
C TYR A 9 -27.93 -23.43 -9.50
N PRO A 10 -29.04 -22.88 -8.99
CA PRO A 10 -29.19 -21.42 -8.90
C PRO A 10 -28.17 -20.72 -8.01
N LEU A 11 -27.38 -19.86 -8.62
CA LEU A 11 -26.37 -19.11 -7.88
C LEU A 11 -26.52 -17.64 -8.21
N THR A 12 -27.45 -17.36 -9.13
CA THR A 12 -27.71 -16.01 -9.62
C THR A 12 -29.08 -15.48 -9.22
N PHE A 13 -29.33 -14.19 -9.45
CA PHE A 13 -30.64 -13.61 -9.10
C PHE A 13 -31.68 -14.02 -10.11
N GLY A 14 -31.21 -14.32 -11.33
CA GLY A 14 -32.11 -14.69 -12.41
C GLY A 14 -31.52 -14.11 -13.66
N PRO A 15 -32.25 -14.11 -14.77
CA PRO A 15 -31.70 -13.55 -16.02
C PRO A 15 -31.06 -12.20 -15.75
N THR A 16 -30.00 -11.89 -16.46
CA THR A 16 -29.31 -10.64 -16.26
C THR A 16 -29.91 -9.57 -17.18
N PRO A 17 -30.14 -8.36 -16.64
CA PRO A 17 -30.72 -7.27 -17.44
C PRO A 17 -29.80 -6.73 -18.53
N ILE A 18 -30.43 -6.18 -19.55
CA ILE A 18 -29.73 -5.55 -20.67
C ILE A 18 -30.06 -4.07 -20.57
N GLN A 19 -29.06 -3.21 -20.74
CA GLN A 19 -29.26 -1.78 -20.61
C GLN A 19 -28.63 -1.04 -21.76
N PRO A 20 -29.33 -0.05 -22.31
CA PRO A 20 -28.70 0.68 -23.43
C PRO A 20 -27.57 1.57 -22.93
N LEU A 21 -26.55 1.79 -23.76
CA LEU A 21 -25.48 2.67 -23.37
C LEU A 21 -25.66 3.85 -24.34
N ALA A 22 -26.76 4.57 -24.14
CA ALA A 22 -27.14 5.70 -24.98
C ALA A 22 -26.16 6.85 -24.95
N ARG A 23 -25.61 7.14 -23.78
CA ARG A 23 -24.65 8.24 -23.67
C ARG A 23 -23.39 7.86 -24.45
N LEU A 24 -22.83 6.69 -24.17
CA LEU A 24 -21.63 6.25 -24.88
C LEU A 24 -21.92 6.18 -26.40
N SER A 25 -23.08 5.62 -26.76
CA SER A 25 -23.47 5.52 -28.16
C SER A 25 -23.46 6.88 -28.83
N LYS A 26 -24.09 7.86 -28.21
CA LYS A 26 -24.15 9.19 -28.76
C LYS A 26 -22.73 9.76 -28.86
N HIS A 27 -21.99 9.72 -27.76
CA HIS A 27 -20.63 10.23 -27.73
C HIS A 27 -19.82 9.74 -28.92
N LEU A 28 -20.05 8.49 -29.29
CA LEU A 28 -19.32 7.86 -30.40
C LEU A 28 -19.84 8.24 -31.79
N GLY A 29 -20.94 8.96 -31.86
CA GLY A 29 -21.46 9.37 -33.16
C GLY A 29 -22.90 9.01 -33.41
N GLY A 30 -23.49 8.25 -32.51
CA GLY A 30 -24.88 7.86 -32.66
C GLY A 30 -25.21 6.93 -33.80
N LYS A 31 -24.18 6.47 -34.53
CA LYS A 31 -24.42 5.57 -35.65
C LYS A 31 -24.66 4.12 -35.21
N VAL A 32 -24.03 3.70 -34.12
CA VAL A 32 -24.21 2.34 -33.62
C VAL A 32 -24.81 2.36 -32.22
N HIS A 33 -25.83 1.55 -32.01
CA HIS A 33 -26.51 1.48 -30.71
C HIS A 33 -25.85 0.46 -29.81
N LEU A 34 -25.18 0.93 -28.77
CA LEU A 34 -24.51 0.04 -27.84
C LEU A 34 -25.37 -0.29 -26.61
N TYR A 35 -25.31 -1.56 -26.19
CA TYR A 35 -26.03 -2.05 -25.02
C TYR A 35 -25.09 -2.89 -24.15
N ALA A 36 -25.53 -3.20 -22.93
CA ALA A 36 -24.73 -4.05 -22.05
C ALA A 36 -25.65 -5.02 -21.34
N LYS A 37 -25.23 -6.28 -21.25
CA LYS A 37 -25.98 -7.29 -20.52
C LYS A 37 -25.12 -7.45 -19.28
N ARG A 38 -25.70 -7.12 -18.13
CA ARG A 38 -24.96 -7.11 -16.88
C ARG A 38 -24.68 -8.43 -16.11
N GLU A 39 -23.76 -9.25 -16.63
CA GLU A 39 -23.39 -10.50 -15.93
C GLU A 39 -22.71 -10.16 -14.60
N ASP A 40 -22.04 -9.01 -14.60
CA ASP A 40 -21.35 -8.51 -13.42
C ASP A 40 -22.30 -8.19 -12.25
N CYS A 41 -23.62 -8.26 -12.48
CA CYS A 41 -24.58 -7.94 -11.41
C CYS A 41 -25.51 -9.10 -11.22
N ASN A 42 -25.05 -10.27 -11.64
CA ASN A 42 -25.86 -11.46 -11.58
C ASN A 42 -25.98 -12.15 -10.25
N SER A 43 -25.26 -11.71 -9.23
CA SER A 43 -25.34 -12.49 -8.00
C SER A 43 -24.99 -11.81 -6.70
N GLY A 44 -25.52 -12.35 -5.61
CA GLY A 44 -25.26 -11.82 -4.27
C GLY A 44 -24.02 -12.43 -3.65
N LEU A 45 -23.42 -13.38 -4.39
CA LEU A 45 -22.19 -14.07 -3.95
C LEU A 45 -20.92 -13.30 -4.34
N ALA A 46 -20.49 -12.45 -3.42
CA ALA A 46 -19.29 -11.63 -3.59
C ALA A 46 -19.16 -11.04 -4.98
N PHE A 47 -20.23 -10.37 -5.42
CA PHE A 47 -20.30 -9.71 -6.72
C PHE A 47 -20.46 -10.60 -7.94
N GLY A 48 -20.31 -11.92 -7.77
CA GLY A 48 -20.45 -12.84 -8.89
C GLY A 48 -19.76 -12.43 -10.19
N GLY A 49 -20.43 -12.64 -11.32
CA GLY A 49 -19.84 -12.32 -12.61
C GLY A 49 -19.97 -13.51 -13.56
N ASN A 50 -19.38 -13.44 -14.74
CA ASN A 50 -19.50 -14.55 -15.70
C ASN A 50 -19.20 -15.96 -15.18
N LYS A 51 -18.17 -16.11 -14.36
CA LYS A 51 -17.83 -17.44 -13.87
C LYS A 51 -18.91 -18.07 -13.00
N THR A 52 -19.71 -17.22 -12.36
CA THR A 52 -20.77 -17.72 -11.52
C THR A 52 -21.89 -18.30 -12.39
N ARG A 53 -22.09 -17.76 -13.58
CA ARG A 53 -23.11 -18.31 -14.46
C ARG A 53 -22.60 -19.73 -14.84
N LYS A 54 -21.30 -19.83 -15.14
CA LYS A 54 -20.73 -21.13 -15.51
C LYS A 54 -20.88 -22.11 -14.35
N LEU A 55 -20.56 -21.66 -13.14
CA LEU A 55 -20.64 -22.57 -11.99
C LEU A 55 -21.99 -23.22 -11.79
N GLU A 56 -23.07 -22.57 -12.24
CA GLU A 56 -24.39 -23.16 -12.05
C GLU A 56 -24.49 -24.58 -12.63
N TYR A 57 -23.80 -24.84 -13.74
CA TYR A 57 -23.86 -26.17 -14.35
C TYR A 57 -22.80 -27.18 -13.86
N LEU A 58 -21.84 -26.70 -13.07
CA LEU A 58 -20.82 -27.57 -12.52
C LEU A 58 -21.21 -28.09 -11.15
N ILE A 59 -21.81 -27.21 -10.34
CA ILE A 59 -22.19 -27.54 -8.97
C ILE A 59 -23.07 -28.79 -8.80
N PRO A 60 -24.04 -29.01 -9.71
CA PRO A 60 -24.91 -30.21 -9.59
C PRO A 60 -24.05 -31.49 -9.60
N GLU A 61 -23.03 -31.51 -10.46
CA GLU A 61 -22.14 -32.65 -10.56
C GLU A 61 -21.27 -32.81 -9.31
N ALA A 62 -20.76 -31.69 -8.80
CA ALA A 62 -19.91 -31.73 -7.61
C ALA A 62 -20.69 -32.31 -6.45
N LEU A 63 -21.96 -31.94 -6.39
CA LEU A 63 -22.82 -32.40 -5.32
C LEU A 63 -23.20 -33.85 -5.55
N ALA A 64 -23.48 -34.18 -6.80
CA ALA A 64 -23.87 -35.53 -7.14
C ALA A 64 -22.73 -36.48 -6.74
N GLN A 65 -21.51 -36.15 -7.15
CA GLN A 65 -20.35 -36.97 -6.84
C GLN A 65 -19.98 -36.95 -5.35
N GLY A 66 -20.75 -36.22 -4.56
CA GLY A 66 -20.47 -36.17 -3.14
C GLY A 66 -19.20 -35.43 -2.74
N CYS A 67 -18.75 -34.48 -3.54
CA CYS A 67 -17.54 -33.73 -3.18
C CYS A 67 -17.84 -32.79 -2.01
N ASP A 68 -16.81 -32.40 -1.27
CA ASP A 68 -16.97 -31.51 -0.13
C ASP A 68 -16.01 -30.33 -0.19
N THR A 69 -15.24 -30.22 -1.25
CA THR A 69 -14.28 -29.14 -1.37
C THR A 69 -14.13 -28.73 -2.81
N LEU A 70 -14.20 -27.44 -3.09
CA LEU A 70 -14.02 -26.98 -4.44
C LEU A 70 -12.59 -26.50 -4.54
N VAL A 71 -11.89 -26.97 -5.57
CA VAL A 71 -10.51 -26.59 -5.79
C VAL A 71 -10.40 -25.90 -7.14
N SER A 72 -9.71 -24.77 -7.20
CA SER A 72 -9.59 -24.08 -8.48
C SER A 72 -8.31 -23.30 -8.54
N ILE A 73 -8.17 -22.46 -9.56
CA ILE A 73 -6.89 -21.80 -9.72
C ILE A 73 -6.95 -20.61 -10.65
N GLY A 74 -5.98 -19.73 -10.51
CA GLY A 74 -5.90 -18.57 -11.36
C GLY A 74 -4.87 -17.60 -10.81
N GLY A 75 -4.70 -16.46 -11.49
CA GLY A 75 -3.76 -15.45 -11.02
C GLY A 75 -4.11 -14.85 -9.67
N ILE A 76 -3.23 -13.94 -9.20
CA ILE A 76 -3.42 -13.27 -7.91
C ILE A 76 -4.76 -12.53 -7.89
N GLN A 77 -5.06 -11.77 -8.95
CA GLN A 77 -6.34 -11.05 -8.98
C GLN A 77 -7.46 -11.79 -9.72
N SER A 78 -7.32 -13.10 -9.89
CA SER A 78 -8.33 -13.87 -10.57
C SER A 78 -9.75 -13.65 -10.02
N ASN A 79 -10.72 -13.52 -10.92
CA ASN A 79 -12.12 -13.37 -10.54
C ASN A 79 -12.67 -14.75 -10.27
N GLN A 80 -12.24 -15.70 -11.09
CA GLN A 80 -12.65 -17.10 -10.98
C GLN A 80 -12.50 -17.65 -9.57
N THR A 81 -11.30 -17.52 -9.01
CA THR A 81 -11.09 -18.08 -7.69
C THR A 81 -12.00 -17.43 -6.60
N ARG A 82 -12.21 -16.12 -6.68
CA ARG A 82 -13.07 -15.45 -5.71
C ARG A 82 -14.51 -15.99 -5.80
N GLN A 83 -15.02 -16.17 -7.01
CA GLN A 83 -16.39 -16.69 -7.16
C GLN A 83 -16.48 -18.14 -6.68
N VAL A 84 -15.41 -18.91 -6.89
CA VAL A 84 -15.38 -20.29 -6.43
C VAL A 84 -15.46 -20.29 -4.91
N ALA A 85 -14.71 -19.38 -4.30
CA ALA A 85 -14.71 -19.26 -2.84
C ALA A 85 -16.08 -18.88 -2.29
N ALA A 86 -16.77 -17.95 -2.96
CA ALA A 86 -18.08 -17.50 -2.50
C ALA A 86 -19.11 -18.60 -2.68
N VAL A 87 -19.07 -19.24 -3.84
CA VAL A 87 -19.99 -20.33 -4.11
C VAL A 87 -19.80 -21.46 -3.09
N ALA A 88 -18.53 -21.81 -2.82
CA ALA A 88 -18.22 -22.88 -1.87
C ALA A 88 -18.79 -22.56 -0.48
N ALA A 89 -18.46 -21.37 0.02
CA ALA A 89 -18.97 -20.95 1.32
C ALA A 89 -20.49 -21.08 1.31
N HIS A 90 -21.12 -20.54 0.28
CA HIS A 90 -22.58 -20.56 0.16
C HIS A 90 -23.11 -21.99 0.21
N LEU A 91 -22.39 -22.90 -0.44
CA LEU A 91 -22.81 -24.29 -0.49
C LEU A 91 -22.42 -25.09 0.76
N GLY A 92 -21.53 -24.58 1.60
CA GLY A 92 -21.17 -25.36 2.77
C GLY A 92 -19.99 -26.25 2.44
N MET A 93 -19.25 -25.88 1.40
CA MET A 93 -18.09 -26.66 0.99
C MET A 93 -16.80 -25.93 1.33
N LYS A 94 -15.73 -26.69 1.47
CA LYS A 94 -14.45 -26.09 1.76
C LYS A 94 -13.96 -25.65 0.40
N CYS A 95 -12.86 -24.93 0.38
CA CYS A 95 -12.35 -24.44 -0.88
C CYS A 95 -10.85 -24.25 -0.82
N VAL A 96 -10.16 -24.74 -1.84
CA VAL A 96 -8.71 -24.55 -1.89
C VAL A 96 -8.41 -23.85 -3.21
N LEU A 97 -7.61 -22.80 -3.13
CA LEU A 97 -7.30 -22.03 -4.32
C LEU A 97 -5.81 -21.95 -4.54
N VAL A 98 -5.38 -22.25 -5.76
CA VAL A 98 -3.96 -22.14 -6.10
C VAL A 98 -3.86 -20.83 -6.83
N GLN A 99 -3.10 -19.86 -6.30
CA GLN A 99 -3.00 -18.57 -6.98
C GLN A 99 -1.59 -18.45 -7.51
N GLU A 100 -1.45 -18.29 -8.81
CA GLU A 100 -0.12 -18.19 -9.39
C GLU A 100 0.15 -16.77 -9.83
N ASN A 101 1.41 -16.44 -10.05
CA ASN A 101 1.80 -15.12 -10.50
C ASN A 101 1.66 -15.12 -12.01
N TRP A 102 0.43 -14.93 -12.49
CA TRP A 102 0.17 -14.93 -13.92
C TRP A 102 0.44 -13.59 -14.60
N VAL A 103 0.89 -12.59 -13.85
CA VAL A 103 1.07 -11.28 -14.46
C VAL A 103 2.34 -10.59 -14.05
N ASN A 104 2.96 -9.90 -15.01
CA ASN A 104 4.20 -9.17 -14.75
C ASN A 104 3.83 -7.82 -14.15
N TYR A 105 3.31 -7.87 -12.93
CA TYR A 105 2.90 -6.68 -12.22
C TYR A 105 3.33 -6.89 -10.77
N SER A 106 3.81 -5.83 -10.14
CA SER A 106 4.29 -5.96 -8.76
C SER A 106 3.81 -4.85 -7.81
N ASP A 107 2.53 -4.62 -7.78
CA ASP A 107 1.94 -3.61 -6.92
C ASP A 107 2.01 -4.02 -5.44
N ALA A 108 2.30 -3.03 -4.58
CA ALA A 108 2.42 -3.26 -3.14
C ALA A 108 1.30 -4.02 -2.45
N VAL A 109 0.07 -3.88 -2.92
CA VAL A 109 -1.03 -4.59 -2.27
C VAL A 109 -1.77 -5.54 -3.22
N TYR A 110 -1.09 -5.92 -4.32
CA TYR A 110 -1.68 -6.80 -5.35
C TYR A 110 -2.29 -8.06 -4.74
N ASP A 111 -1.63 -8.62 -3.75
CA ASP A 111 -2.12 -9.84 -3.10
C ASP A 111 -2.89 -9.63 -1.80
N ARG A 112 -3.34 -8.40 -1.55
CA ARG A 112 -4.03 -8.13 -0.28
C ARG A 112 -5.33 -7.33 -0.45
N VAL A 113 -5.66 -6.95 -1.69
CA VAL A 113 -6.90 -6.21 -1.93
C VAL A 113 -7.73 -6.93 -3.00
N GLY A 114 -8.86 -6.34 -3.34
CA GLY A 114 -9.67 -6.92 -4.40
C GLY A 114 -10.17 -8.35 -4.24
N ASN A 115 -10.04 -9.11 -5.32
CA ASN A 115 -10.50 -10.49 -5.36
C ASN A 115 -9.90 -11.43 -4.33
N ILE A 116 -8.58 -11.40 -4.19
CA ILE A 116 -7.93 -12.31 -3.27
C ILE A 116 -8.25 -11.99 -1.82
N GLN A 117 -8.49 -10.70 -1.53
CA GLN A 117 -8.83 -10.34 -0.16
C GLN A 117 -10.16 -11.02 0.18
N MET A 118 -11.12 -10.93 -0.74
CA MET A 118 -12.42 -11.54 -0.52
C MET A 118 -12.32 -13.07 -0.37
N SER A 119 -11.50 -13.71 -1.21
CA SER A 119 -11.34 -15.17 -1.10
C SER A 119 -10.95 -15.56 0.31
N ARG A 120 -9.99 -14.85 0.88
CA ARG A 120 -9.53 -15.15 2.23
C ARG A 120 -10.65 -14.86 3.24
N ILE A 121 -11.37 -13.75 3.05
CA ILE A 121 -12.46 -13.45 3.97
C ILE A 121 -13.51 -14.54 3.88
N LEU A 122 -13.77 -15.02 2.65
CA LEU A 122 -14.75 -16.07 2.41
C LEU A 122 -14.28 -17.41 2.96
N GLY A 123 -13.13 -17.42 3.64
CA GLY A 123 -12.64 -18.66 4.23
C GLY A 123 -11.91 -19.68 3.36
N ALA A 124 -11.58 -19.33 2.13
CA ALA A 124 -10.85 -20.24 1.26
C ALA A 124 -9.38 -20.39 1.71
N ASP A 125 -8.80 -21.55 1.44
CA ASP A 125 -7.39 -21.79 1.77
C ASP A 125 -6.70 -21.29 0.50
N VAL A 126 -6.16 -20.07 0.59
CA VAL A 126 -5.51 -19.39 -0.53
C VAL A 126 -4.02 -19.66 -0.54
N ARG A 127 -3.59 -20.43 -1.53
CA ARG A 127 -2.19 -20.81 -1.66
C ARG A 127 -1.40 -20.08 -2.73
N LEU A 128 -0.40 -19.35 -2.30
CA LEU A 128 0.43 -18.60 -3.23
C LEU A 128 1.64 -19.42 -3.66
N VAL A 129 1.67 -19.83 -4.93
CA VAL A 129 2.80 -20.60 -5.44
C VAL A 129 4.06 -19.74 -5.28
N PRO A 130 5.03 -20.23 -4.49
CA PRO A 130 6.33 -19.61 -4.15
C PRO A 130 6.59 -18.14 -4.50
N ASP A 131 7.78 -17.90 -5.04
CA ASP A 131 8.26 -16.58 -5.44
C ASP A 131 7.69 -15.39 -4.67
N ARG A 139 3.85 -29.74 -8.93
CA ARG A 139 2.55 -29.16 -9.24
C ARG A 139 1.79 -28.72 -8.00
N SER A 140 1.50 -27.43 -7.96
CA SER A 140 0.74 -26.84 -6.86
C SER A 140 -0.69 -27.39 -6.96
N TRP A 141 -1.19 -27.48 -8.19
CA TRP A 141 -2.53 -27.98 -8.44
C TRP A 141 -2.74 -29.38 -7.86
N GLU A 142 -1.88 -30.32 -8.27
CA GLU A 142 -2.00 -31.68 -7.80
C GLU A 142 -1.80 -31.77 -6.30
N ASP A 143 -0.86 -30.99 -5.76
CA ASP A 143 -0.64 -30.99 -4.33
C ASP A 143 -1.92 -30.53 -3.64
N ALA A 144 -2.59 -29.57 -4.27
CA ALA A 144 -3.81 -29.04 -3.70
C ALA A 144 -4.87 -30.14 -3.70
N LEU A 145 -5.06 -30.80 -4.83
CA LEU A 145 -6.07 -31.85 -4.89
C LEU A 145 -5.83 -32.96 -3.88
N GLU A 146 -4.59 -33.41 -3.81
CA GLU A 146 -4.18 -34.48 -2.92
C GLU A 146 -4.30 -34.11 -1.45
N SER A 147 -3.93 -32.88 -1.13
CA SER A 147 -4.01 -32.42 0.24
C SER A 147 -5.46 -32.55 0.70
N VAL A 148 -6.39 -32.37 -0.22
CA VAL A 148 -7.80 -32.48 0.14
C VAL A 148 -8.13 -33.93 0.48
N ARG A 149 -7.71 -34.85 -0.39
CA ARG A 149 -7.97 -36.26 -0.15
C ARG A 149 -7.33 -36.68 1.18
N ALA A 150 -6.04 -36.36 1.34
CA ALA A 150 -5.33 -36.71 2.54
C ALA A 150 -6.06 -36.21 3.78
N ALA A 151 -6.78 -35.10 3.63
CA ALA A 151 -7.51 -34.53 4.75
C ALA A 151 -8.77 -35.33 5.03
N GLY A 152 -9.21 -36.10 4.04
CA GLY A 152 -10.42 -36.87 4.23
C GLY A 152 -11.54 -36.26 3.43
N GLY A 153 -11.23 -35.20 2.70
CA GLY A 153 -12.26 -34.55 1.89
C GLY A 153 -12.31 -35.18 0.51
N LYS A 154 -13.18 -34.65 -0.34
CA LYS A 154 -13.28 -35.14 -1.70
C LYS A 154 -13.35 -33.88 -2.54
N PRO A 155 -12.29 -33.59 -3.28
CA PRO A 155 -12.26 -32.39 -4.11
C PRO A 155 -12.95 -32.45 -5.44
N TYR A 156 -13.57 -31.33 -5.83
CA TYR A 156 -14.19 -31.23 -7.14
C TYR A 156 -13.25 -30.26 -7.89
N ALA A 157 -12.59 -30.75 -8.91
CA ALA A 157 -11.62 -29.92 -9.61
C ALA A 157 -12.20 -28.94 -10.59
N ILE A 158 -11.94 -27.65 -10.38
CA ILE A 158 -12.44 -26.66 -11.31
C ILE A 158 -11.22 -26.00 -11.94
N PRO A 159 -11.01 -26.24 -13.24
CA PRO A 159 -9.87 -25.67 -13.98
C PRO A 159 -9.98 -24.19 -14.25
N ALA A 160 -8.90 -23.58 -14.71
CA ALA A 160 -8.90 -22.16 -14.99
C ALA A 160 -10.20 -21.70 -15.65
N GLY A 161 -10.79 -20.66 -15.06
CA GLY A 161 -12.03 -20.12 -15.59
C GLY A 161 -13.17 -21.08 -15.78
N CYS A 162 -13.06 -22.30 -15.26
CA CYS A 162 -14.10 -23.31 -15.44
C CYS A 162 -14.18 -23.70 -16.91
N SER A 163 -13.30 -23.18 -17.74
CA SER A 163 -13.42 -23.45 -19.16
C SER A 163 -13.19 -24.86 -19.69
N ASP A 164 -11.95 -25.33 -19.67
CA ASP A 164 -11.60 -26.66 -20.20
C ASP A 164 -12.18 -27.73 -19.29
N HIS A 165 -13.50 -27.79 -19.25
CA HIS A 165 -14.21 -28.74 -18.40
C HIS A 165 -15.42 -29.15 -19.20
N PRO A 166 -15.82 -30.42 -19.10
CA PRO A 166 -16.97 -30.93 -19.85
C PRO A 166 -18.24 -30.09 -19.74
N LEU A 167 -18.41 -29.43 -18.59
CA LEU A 167 -19.60 -28.62 -18.34
C LEU A 167 -19.40 -27.12 -18.44
N GLY A 168 -18.15 -26.69 -18.61
CA GLY A 168 -17.85 -25.27 -18.67
C GLY A 168 -18.42 -24.40 -19.76
N GLY A 169 -19.13 -24.98 -20.73
CA GLY A 169 -19.67 -24.16 -21.79
C GLY A 169 -21.18 -24.05 -21.72
N LEU A 170 -21.81 -24.86 -20.89
CA LEU A 170 -23.25 -24.83 -20.76
C LEU A 170 -23.74 -23.45 -20.34
N GLY A 171 -23.07 -22.90 -19.32
CA GLY A 171 -23.44 -21.60 -18.81
C GLY A 171 -23.77 -20.60 -19.91
N PHE A 172 -22.81 -20.30 -20.76
CA PHE A 172 -23.12 -19.32 -21.78
C PHE A 172 -23.93 -19.71 -22.99
N VAL A 173 -24.44 -20.94 -23.00
CA VAL A 173 -25.35 -21.34 -24.09
C VAL A 173 -26.62 -20.71 -23.55
N GLY A 174 -26.81 -20.90 -22.24
CA GLY A 174 -27.96 -20.33 -21.56
C GLY A 174 -28.00 -18.82 -21.77
N PHE A 175 -26.83 -18.19 -21.83
CA PHE A 175 -26.77 -16.75 -22.04
C PHE A 175 -27.51 -16.38 -23.34
N ALA A 176 -27.21 -17.07 -24.43
CA ALA A 176 -27.86 -16.80 -25.71
C ALA A 176 -29.36 -17.10 -25.58
N GLU A 177 -29.67 -18.09 -24.76
CA GLU A 177 -31.04 -18.49 -24.52
C GLU A 177 -31.78 -17.29 -23.93
N GLU A 178 -31.12 -16.61 -22.98
CA GLU A 178 -31.69 -15.44 -22.32
C GLU A 178 -31.87 -14.29 -23.28
N VAL A 179 -30.85 -14.05 -24.10
CA VAL A 179 -30.89 -12.97 -25.06
C VAL A 179 -32.06 -13.05 -26.04
N ARG A 180 -32.40 -14.25 -26.49
CA ARG A 180 -33.50 -14.40 -27.42
C ARG A 180 -34.82 -14.02 -26.72
N ALA A 181 -34.97 -14.49 -25.49
CA ALA A 181 -36.16 -14.18 -24.73
C ALA A 181 -36.28 -12.67 -24.59
N GLN A 182 -35.17 -12.01 -24.31
CA GLN A 182 -35.18 -10.57 -24.13
C GLN A 182 -35.40 -9.87 -25.47
N GLU A 183 -34.89 -10.47 -26.54
CA GLU A 183 -35.07 -9.89 -27.87
C GLU A 183 -36.55 -9.92 -28.27
N ALA A 184 -37.28 -10.90 -27.73
CA ALA A 184 -38.70 -11.05 -27.99
C ALA A 184 -39.49 -9.91 -27.35
N GLU A 185 -39.01 -9.42 -26.21
CA GLU A 185 -39.68 -8.34 -25.54
C GLU A 185 -39.30 -7.01 -26.15
N LEU A 186 -38.07 -6.94 -26.67
CA LEU A 186 -37.55 -5.73 -27.30
C LEU A 186 -38.07 -5.61 -28.71
N GLY A 187 -38.48 -6.74 -29.28
CA GLY A 187 -39.00 -6.72 -30.63
C GLY A 187 -37.95 -6.65 -31.73
N PHE A 188 -36.69 -6.88 -31.38
CA PHE A 188 -35.62 -6.87 -32.38
C PHE A 188 -34.48 -7.81 -31.99
N LYS A 189 -33.60 -8.10 -32.94
CA LYS A 189 -32.48 -8.97 -32.65
C LYS A 189 -31.21 -8.15 -32.65
N PHE A 190 -30.33 -8.43 -31.70
CA PHE A 190 -29.06 -7.74 -31.62
C PHE A 190 -28.22 -8.21 -32.80
N ASP A 191 -27.52 -7.29 -33.43
CA ASP A 191 -26.70 -7.61 -34.58
C ASP A 191 -25.34 -8.19 -34.22
N TYR A 192 -24.83 -7.83 -33.04
CA TYR A 192 -23.54 -8.34 -32.59
C TYR A 192 -23.44 -8.43 -31.07
N VAL A 193 -22.52 -9.27 -30.63
CA VAL A 193 -22.24 -9.43 -29.20
C VAL A 193 -20.74 -9.25 -29.06
N VAL A 194 -20.30 -8.45 -28.08
CA VAL A 194 -18.88 -8.23 -27.84
C VAL A 194 -18.58 -8.85 -26.50
N VAL A 195 -17.58 -9.73 -26.46
CA VAL A 195 -17.24 -10.42 -25.23
C VAL A 195 -15.73 -10.60 -25.10
N CYS A 196 -15.23 -10.43 -23.87
CA CYS A 196 -13.80 -10.56 -23.60
C CYS A 196 -13.46 -12.04 -23.44
N SER A 197 -12.45 -12.51 -24.14
CA SER A 197 -12.09 -13.93 -24.04
C SER A 197 -10.68 -14.21 -23.56
N VAL A 198 -10.54 -15.18 -22.66
CA VAL A 198 -9.23 -15.57 -22.16
C VAL A 198 -9.14 -17.08 -22.03
N THR A 199 -9.88 -17.71 -21.10
CA THR A 199 -9.81 -19.16 -21.03
C THR A 199 -10.80 -19.79 -22.01
N GLY A 200 -11.65 -18.94 -22.60
CA GLY A 200 -12.57 -19.38 -23.65
C GLY A 200 -13.94 -20.01 -23.53
N SER A 201 -14.34 -20.56 -22.40
CA SER A 201 -15.67 -21.16 -22.37
C SER A 201 -16.86 -20.18 -22.29
N THR A 202 -16.60 -18.88 -22.09
CA THR A 202 -17.69 -17.90 -22.07
C THR A 202 -18.09 -17.73 -23.53
N GLN A 203 -17.12 -17.30 -24.35
CA GLN A 203 -17.36 -17.14 -25.78
C GLN A 203 -17.78 -18.46 -26.44
N ALA A 204 -17.25 -19.58 -25.96
CA ALA A 204 -17.61 -20.88 -26.55
C ALA A 204 -19.09 -21.15 -26.33
N GLY A 205 -19.56 -20.94 -25.10
CA GLY A 205 -20.98 -21.14 -24.80
C GLY A 205 -21.84 -20.23 -25.67
N MET A 206 -21.39 -18.99 -25.86
CA MET A 206 -22.12 -18.04 -26.69
C MET A 206 -22.15 -18.46 -28.15
N VAL A 207 -21.01 -18.96 -28.63
CA VAL A 207 -20.91 -19.41 -30.00
C VAL A 207 -21.95 -20.51 -30.23
N VAL A 208 -21.96 -21.50 -29.35
CA VAL A 208 -22.93 -22.59 -29.46
C VAL A 208 -24.35 -22.04 -29.41
N GLY A 209 -24.68 -21.33 -28.33
CA GLY A 209 -26.01 -20.76 -28.18
C GLY A 209 -26.52 -19.88 -29.34
N PHE A 210 -25.64 -19.12 -29.99
CA PHE A 210 -26.09 -18.26 -31.10
C PHE A 210 -25.98 -18.95 -32.47
N ALA A 211 -25.37 -20.13 -32.48
CA ALA A 211 -25.23 -20.92 -33.69
C ALA A 211 -26.63 -21.43 -33.99
N ALA A 212 -27.37 -21.68 -32.91
CA ALA A 212 -28.72 -22.19 -32.98
C ALA A 212 -29.64 -21.34 -33.87
N ASP A 213 -29.31 -20.07 -34.04
CA ASP A 213 -30.10 -19.21 -34.91
C ASP A 213 -29.21 -18.51 -35.93
N GLY A 214 -28.08 -19.16 -36.24
CA GLY A 214 -27.14 -18.66 -37.23
C GLY A 214 -26.34 -17.41 -36.91
N ARG A 215 -26.20 -17.04 -35.63
CA ARG A 215 -25.45 -15.85 -35.28
C ARG A 215 -24.09 -16.11 -34.61
N ALA A 216 -23.68 -17.39 -34.58
CA ALA A 216 -22.42 -17.77 -33.96
C ALA A 216 -21.29 -16.82 -34.36
N ASP A 217 -21.21 -16.48 -35.64
CA ASP A 217 -20.16 -15.60 -36.14
C ASP A 217 -20.42 -14.14 -35.80
N ARG A 218 -21.48 -13.86 -35.05
CA ARG A 218 -21.76 -12.47 -34.67
C ARG A 218 -21.21 -12.22 -33.25
N VAL A 219 -20.81 -13.28 -32.57
CA VAL A 219 -20.22 -13.18 -31.23
C VAL A 219 -18.81 -12.69 -31.48
N ILE A 220 -18.55 -11.40 -31.26
CA ILE A 220 -17.23 -10.86 -31.49
C ILE A 220 -16.39 -10.94 -30.22
N GLY A 221 -15.48 -11.91 -30.18
CA GLY A 221 -14.61 -12.08 -29.03
C GLY A 221 -13.49 -11.08 -29.12
N VAL A 222 -13.04 -10.60 -27.95
CA VAL A 222 -11.92 -9.66 -27.89
C VAL A 222 -10.90 -10.34 -26.97
N ASP A 223 -9.77 -10.71 -27.55
CA ASP A 223 -8.75 -11.40 -26.78
C ASP A 223 -8.11 -10.55 -25.68
N ALA A 224 -8.03 -11.10 -24.48
CA ALA A 224 -7.37 -10.37 -23.40
C ALA A 224 -6.17 -11.19 -22.90
N SER A 225 -5.95 -12.35 -23.53
CA SER A 225 -4.87 -13.24 -23.14
C SER A 225 -3.53 -12.78 -23.69
N ALA A 226 -3.58 -12.13 -24.85
CA ALA A 226 -2.38 -11.68 -25.53
C ALA A 226 -1.65 -12.91 -26.11
N LYS A 227 -2.37 -14.02 -26.20
CA LYS A 227 -1.88 -15.28 -26.81
C LYS A 227 -3.08 -15.80 -27.60
N PRO A 228 -3.49 -15.05 -28.63
CA PRO A 228 -4.60 -15.28 -29.56
C PRO A 228 -4.77 -16.74 -29.99
N ALA A 229 -3.73 -17.27 -30.65
CA ALA A 229 -3.76 -18.65 -31.15
C ALA A 229 -4.25 -19.65 -30.11
N GLN A 230 -3.62 -19.66 -28.94
CA GLN A 230 -4.04 -20.61 -27.91
C GLN A 230 -5.48 -20.37 -27.50
N THR A 231 -5.82 -19.10 -27.31
CA THR A 231 -7.19 -18.75 -26.90
C THR A 231 -8.19 -19.15 -27.99
N ARG A 232 -7.92 -18.73 -29.23
CA ARG A 232 -8.79 -19.07 -30.35
C ARG A 232 -9.01 -20.57 -30.45
N GLU A 233 -7.92 -21.34 -30.31
CA GLU A 233 -7.99 -22.79 -30.37
C GLU A 233 -8.85 -23.33 -29.26
N GLN A 234 -8.68 -22.79 -28.05
CA GLN A 234 -9.48 -23.29 -26.93
C GLN A 234 -10.97 -22.96 -27.07
N ILE A 235 -11.28 -21.78 -27.56
CA ILE A 235 -12.69 -21.39 -27.76
C ILE A 235 -13.31 -22.43 -28.74
N THR A 236 -12.65 -22.63 -29.88
CA THR A 236 -13.14 -23.58 -30.88
C THR A 236 -13.38 -24.96 -30.29
N ARG A 237 -12.35 -25.53 -29.70
CA ARG A 237 -12.47 -26.85 -29.12
C ARG A 237 -13.59 -26.96 -28.09
N ILE A 238 -13.65 -26.01 -27.16
CA ILE A 238 -14.69 -26.06 -26.15
C ILE A 238 -16.08 -25.90 -26.78
N ALA A 239 -16.16 -25.07 -27.81
CA ALA A 239 -17.44 -24.84 -28.50
C ALA A 239 -17.94 -26.14 -29.17
N ARG A 240 -17.08 -26.79 -29.94
CA ARG A 240 -17.50 -28.04 -30.60
C ARG A 240 -17.93 -29.07 -29.55
N GLN A 241 -17.14 -29.19 -28.49
CA GLN A 241 -17.45 -30.12 -27.42
C GLN A 241 -18.80 -29.78 -26.80
N THR A 242 -19.04 -28.50 -26.53
CA THR A 242 -20.30 -28.10 -25.93
C THR A 242 -21.43 -28.27 -26.94
N ALA A 243 -21.17 -27.92 -28.19
CA ALA A 243 -22.19 -28.06 -29.24
C ALA A 243 -22.77 -29.47 -29.19
N GLU A 244 -21.91 -30.49 -29.12
CA GLU A 244 -22.36 -31.86 -29.08
C GLU A 244 -23.04 -32.19 -27.76
N LYS A 245 -22.52 -31.65 -26.67
CA LYS A 245 -23.11 -31.93 -25.35
C LYS A 245 -24.58 -31.51 -25.31
N VAL A 246 -24.92 -30.44 -26.02
CA VAL A 246 -26.29 -29.93 -26.02
C VAL A 246 -27.13 -30.29 -27.25
N GLY A 247 -26.50 -30.76 -28.32
CA GLY A 247 -27.26 -31.13 -29.49
C GLY A 247 -27.44 -30.06 -30.55
N LEU A 248 -26.43 -29.23 -30.76
CA LEU A 248 -26.53 -28.19 -31.78
C LEU A 248 -26.73 -28.86 -33.14
N GLU A 249 -27.90 -28.65 -33.72
CA GLU A 249 -28.23 -29.26 -35.01
C GLU A 249 -27.41 -28.67 -36.15
N ARG A 250 -26.26 -28.11 -35.79
CA ARG A 250 -25.34 -27.50 -36.75
C ARG A 250 -23.92 -27.72 -36.23
N ASP A 251 -22.93 -27.53 -37.08
CA ASP A 251 -21.55 -27.71 -36.63
C ASP A 251 -20.88 -26.38 -36.49
N ILE A 252 -19.95 -26.31 -35.54
CA ILE A 252 -19.19 -25.08 -35.34
C ILE A 252 -18.02 -25.06 -36.31
N MET A 253 -18.04 -24.14 -37.25
CA MET A 253 -16.99 -24.01 -38.24
C MET A 253 -15.90 -23.15 -37.63
N ARG A 254 -14.75 -23.10 -38.28
CA ARG A 254 -13.68 -22.28 -37.78
C ARG A 254 -14.03 -20.82 -37.93
N ALA A 255 -14.84 -20.51 -38.94
CA ALA A 255 -15.25 -19.14 -39.19
C ALA A 255 -16.35 -18.68 -38.23
N ASP A 256 -16.82 -19.59 -37.39
CA ASP A 256 -17.85 -19.26 -36.42
C ASP A 256 -17.22 -18.65 -35.14
N VAL A 257 -15.91 -18.81 -34.99
CA VAL A 257 -15.21 -18.27 -33.84
C VAL A 257 -14.47 -17.02 -34.24
N VAL A 258 -14.95 -15.87 -33.76
CA VAL A 258 -14.34 -14.60 -34.10
C VAL A 258 -13.61 -14.08 -32.84
N LEU A 259 -12.30 -13.89 -32.95
CA LEU A 259 -11.48 -13.40 -31.84
C LEU A 259 -10.58 -12.29 -32.33
N ASP A 260 -10.95 -11.06 -32.01
CA ASP A 260 -10.17 -9.89 -32.40
C ASP A 260 -8.96 -9.83 -31.47
N GLU A 261 -7.77 -9.73 -32.03
CA GLU A 261 -6.54 -9.74 -31.23
C GLU A 261 -5.91 -8.36 -31.04
N ARG A 262 -6.56 -7.32 -31.54
CA ARG A 262 -6.00 -5.98 -31.47
C ARG A 262 -6.02 -5.26 -30.11
N PHE A 263 -6.74 -5.76 -29.13
CA PHE A 263 -6.81 -5.01 -27.89
C PHE A 263 -6.26 -5.70 -26.65
N ALA A 264 -5.55 -6.79 -26.85
CA ALA A 264 -5.00 -7.55 -25.72
C ALA A 264 -3.72 -6.99 -25.08
N GLY A 265 -2.96 -6.18 -25.81
CA GLY A 265 -1.69 -5.69 -25.30
C GLY A 265 -1.62 -4.85 -24.03
N PRO A 266 -0.44 -4.75 -23.41
CA PRO A 266 0.83 -5.36 -23.84
C PRO A 266 0.96 -6.84 -23.49
N GLU A 267 0.32 -7.23 -22.39
CA GLU A 267 0.36 -8.62 -21.94
C GLU A 267 -0.91 -8.92 -21.15
N TYR A 268 -1.13 -10.20 -20.87
CA TYR A 268 -2.29 -10.57 -20.06
C TYR A 268 -2.13 -9.85 -18.69
N GLY A 269 -3.17 -9.18 -18.23
CA GLY A 269 -3.14 -8.52 -16.93
C GLY A 269 -2.59 -7.11 -16.88
N LEU A 270 -2.10 -6.64 -18.02
CA LEU A 270 -1.55 -5.28 -18.12
C LEU A 270 -2.38 -4.51 -19.15
N PRO A 271 -2.90 -3.34 -18.78
CA PRO A 271 -3.70 -2.51 -19.68
C PRO A 271 -2.79 -1.65 -20.54
N ASN A 272 -3.26 -1.22 -21.70
CA ASN A 272 -2.45 -0.32 -22.52
C ASN A 272 -3.18 1.03 -22.32
N GLU A 273 -2.77 2.09 -23.00
CA GLU A 273 -3.43 3.39 -22.81
C GLU A 273 -4.86 3.44 -23.34
N GLY A 274 -5.16 2.64 -24.37
CA GLY A 274 -6.50 2.61 -24.89
C GLY A 274 -7.42 1.96 -23.88
N THR A 275 -6.92 0.93 -23.20
CA THR A 275 -7.69 0.24 -22.15
C THR A 275 -8.15 1.27 -21.13
N LEU A 276 -7.21 2.10 -20.65
CA LEU A 276 -7.50 3.12 -19.65
C LEU A 276 -8.49 4.17 -20.14
N GLU A 277 -8.33 4.60 -21.39
CA GLU A 277 -9.20 5.60 -21.99
C GLU A 277 -10.62 5.05 -22.01
N ALA A 278 -10.74 3.81 -22.45
CA ALA A 278 -12.03 3.16 -22.57
C ALA A 278 -12.71 3.02 -21.22
N ILE A 279 -11.95 2.61 -20.21
CA ILE A 279 -12.47 2.44 -18.87
C ILE A 279 -13.05 3.80 -18.43
N ARG A 280 -12.29 4.86 -18.65
CA ARG A 280 -12.73 6.18 -18.25
C ARG A 280 -13.93 6.68 -19.06
N LEU A 281 -13.85 6.52 -20.39
CA LEU A 281 -14.92 6.99 -21.24
C LEU A 281 -16.22 6.30 -20.87
N CYS A 282 -16.18 4.99 -20.72
CA CYS A 282 -17.38 4.25 -20.38
C CYS A 282 -17.88 4.60 -18.99
N ALA A 283 -16.96 4.77 -18.04
CA ALA A 283 -17.37 5.08 -16.67
C ALA A 283 -18.00 6.44 -16.57
N ARG A 284 -17.43 7.42 -17.27
CA ARG A 284 -17.92 8.78 -17.20
C ARG A 284 -19.18 9.08 -18.01
N THR A 285 -19.51 8.22 -18.97
CA THR A 285 -20.70 8.43 -19.78
C THR A 285 -21.86 7.57 -19.34
N GLU A 286 -21.57 6.50 -18.61
CA GLU A 286 -22.65 5.62 -18.20
C GLU A 286 -22.71 5.23 -16.75
N GLY A 287 -21.64 5.48 -16.02
CA GLY A 287 -21.63 5.08 -14.62
C GLY A 287 -21.32 3.61 -14.50
N MET A 288 -20.85 3.02 -15.61
CA MET A 288 -20.51 1.61 -15.66
C MET A 288 -18.98 1.43 -15.69
N LEU A 289 -18.47 0.77 -14.64
CA LEU A 289 -17.05 0.50 -14.46
C LEU A 289 -16.59 -0.78 -15.14
N THR A 290 -15.36 -0.77 -15.64
CA THR A 290 -14.72 -1.93 -16.28
C THR A 290 -13.29 -2.00 -15.71
N ASP A 291 -12.59 -3.11 -15.89
CA ASP A 291 -11.26 -3.24 -15.27
C ASP A 291 -10.09 -3.22 -16.24
N PRO A 292 -8.86 -3.07 -15.72
CA PRO A 292 -7.72 -3.04 -16.63
C PRO A 292 -7.25 -4.37 -17.21
N VAL A 293 -7.76 -5.49 -16.71
CA VAL A 293 -7.35 -6.82 -17.17
C VAL A 293 -8.24 -7.42 -18.28
N TYR A 294 -9.54 -7.49 -17.99
CA TYR A 294 -10.53 -8.08 -18.86
C TYR A 294 -11.52 -7.15 -19.55
N GLU A 295 -12.50 -6.65 -18.81
CA GLU A 295 -13.54 -5.82 -19.39
C GLU A 295 -13.10 -4.54 -20.06
N GLY A 296 -12.11 -3.86 -19.47
CA GLY A 296 -11.64 -2.63 -20.07
C GLY A 296 -11.09 -2.87 -21.47
N LYS A 297 -10.57 -4.08 -21.72
CA LYS A 297 -10.02 -4.40 -23.02
C LYS A 297 -11.13 -4.70 -24.03
N SER A 298 -12.17 -5.40 -23.60
CA SER A 298 -13.26 -5.65 -24.53
C SER A 298 -14.05 -4.37 -24.79
N MET A 299 -14.06 -3.46 -23.80
CA MET A 299 -14.76 -2.18 -23.96
C MET A 299 -13.97 -1.34 -24.94
N HIS A 300 -12.66 -1.38 -24.78
CA HIS A 300 -11.76 -0.66 -25.65
C HIS A 300 -12.04 -1.13 -27.08
N GLY A 301 -12.10 -2.45 -27.25
CA GLY A 301 -12.36 -3.01 -28.57
C GLY A 301 -13.66 -2.50 -29.17
N MET A 302 -14.75 -2.65 -28.44
CA MET A 302 -16.05 -2.20 -28.94
C MET A 302 -16.06 -0.75 -29.38
N ILE A 303 -15.55 0.14 -28.53
CA ILE A 303 -15.52 1.57 -28.85
C ILE A 303 -14.69 1.81 -30.10
N GLU A 304 -13.53 1.15 -30.19
CA GLU A 304 -12.64 1.30 -31.33
C GLU A 304 -13.33 0.80 -32.59
N MET A 305 -14.03 -0.34 -32.50
CA MET A 305 -14.74 -0.87 -33.64
C MET A 305 -15.75 0.19 -34.10
N VAL A 306 -16.64 0.61 -33.20
CA VAL A 306 -17.62 1.64 -33.52
C VAL A 306 -16.87 2.82 -34.17
N ARG A 307 -15.87 3.32 -33.46
CA ARG A 307 -15.08 4.44 -33.94
C ARG A 307 -14.53 4.25 -35.36
N ASN A 308 -14.13 3.02 -35.68
CA ASN A 308 -13.58 2.73 -37.00
C ASN A 308 -14.63 2.40 -38.06
N GLY A 309 -15.90 2.52 -37.69
CA GLY A 309 -16.97 2.22 -38.62
C GLY A 309 -17.07 0.76 -38.99
N GLU A 310 -16.45 -0.12 -38.21
CA GLU A 310 -16.50 -1.55 -38.50
C GLU A 310 -17.88 -2.12 -38.24
N PHE A 311 -18.70 -1.38 -37.51
CA PHE A 311 -20.06 -1.80 -37.25
C PHE A 311 -20.94 -1.06 -38.25
N PRO A 312 -21.91 -1.76 -38.86
CA PRO A 312 -22.81 -1.14 -39.84
C PRO A 312 -23.72 -0.13 -39.17
N GLU A 313 -23.82 1.07 -39.74
CA GLU A 313 -24.68 2.09 -39.17
C GLU A 313 -26.03 1.46 -38.89
N GLY A 314 -26.62 1.76 -37.74
CA GLY A 314 -27.90 1.16 -37.41
C GLY A 314 -27.76 -0.11 -36.61
N SER A 315 -26.56 -0.70 -36.56
CA SER A 315 -26.37 -1.94 -35.80
C SER A 315 -26.70 -1.79 -34.30
N ARG A 316 -27.07 -2.90 -33.68
CA ARG A 316 -27.32 -2.94 -32.25
C ARG A 316 -26.31 -3.96 -31.70
N VAL A 317 -25.33 -3.45 -30.97
CA VAL A 317 -24.26 -4.29 -30.42
C VAL A 317 -24.49 -4.54 -28.93
N LEU A 318 -24.50 -5.82 -28.53
CA LEU A 318 -24.70 -6.13 -27.14
C LEU A 318 -23.37 -6.45 -26.44
N TYR A 319 -22.92 -5.55 -25.56
CA TYR A 319 -21.68 -5.76 -24.81
C TYR A 319 -21.94 -6.66 -23.61
N ALA A 320 -21.25 -7.79 -23.49
CA ALA A 320 -21.48 -8.65 -22.33
C ALA A 320 -20.49 -8.20 -21.24
N HIS A 321 -21.02 -7.65 -20.15
CA HIS A 321 -20.14 -7.23 -19.07
C HIS A 321 -19.97 -8.44 -18.15
N LEU A 322 -18.79 -9.03 -18.22
CA LEU A 322 -18.50 -10.26 -17.47
C LEU A 322 -18.14 -10.17 -16.00
N GLY A 323 -17.87 -8.95 -15.51
CA GLY A 323 -17.51 -8.72 -14.11
C GLY A 323 -16.11 -8.15 -14.01
N GLY A 324 -15.36 -8.56 -12.99
CA GLY A 324 -13.96 -8.13 -12.88
C GLY A 324 -13.57 -6.83 -12.21
N VAL A 325 -14.55 -5.94 -11.97
CA VAL A 325 -14.29 -4.65 -11.36
C VAL A 325 -13.45 -4.66 -10.07
N PRO A 326 -13.72 -5.58 -9.13
CA PRO A 326 -12.89 -5.58 -7.90
C PRO A 326 -11.36 -5.55 -8.14
N ALA A 327 -10.88 -6.03 -9.31
CA ALA A 327 -9.43 -6.04 -9.60
C ALA A 327 -8.83 -4.64 -9.72
N LEU A 328 -9.71 -3.67 -9.86
CA LEU A 328 -9.33 -2.25 -9.96
C LEU A 328 -8.40 -1.88 -8.78
N ASN A 329 -8.67 -2.47 -7.61
CA ASN A 329 -7.94 -2.23 -6.38
C ASN A 329 -6.45 -2.55 -6.46
N GLY A 330 -6.09 -3.47 -7.36
CA GLY A 330 -4.70 -3.84 -7.56
C GLY A 330 -3.91 -2.91 -8.48
N TYR A 331 -4.59 -1.94 -9.09
CA TYR A 331 -3.94 -0.97 -9.99
C TYR A 331 -4.24 0.45 -9.50
N SER A 332 -4.20 0.65 -8.19
CA SER A 332 -4.53 1.96 -7.66
C SER A 332 -3.69 3.14 -8.17
N PHE A 333 -2.41 2.96 -8.39
CA PHE A 333 -1.56 4.09 -8.81
C PHE A 333 -1.91 4.71 -10.18
N ILE A 334 -2.32 3.85 -11.11
CA ILE A 334 -2.72 4.25 -12.44
C ILE A 334 -3.95 5.18 -12.40
N PHE A 335 -4.83 4.95 -11.42
CA PHE A 335 -6.03 5.74 -11.29
C PHE A 335 -6.04 6.74 -10.14
N ARG A 336 -4.87 7.03 -9.59
CA ARG A 336 -4.75 7.94 -8.46
C ARG A 336 -5.37 9.31 -8.71
N ASP A 337 -5.26 9.79 -9.95
CA ASP A 337 -5.82 11.09 -10.35
C ASP A 337 -7.06 10.83 -11.19
N GLY A 338 -7.60 9.62 -11.11
CA GLY A 338 -8.76 9.28 -11.92
C GLY A 338 -8.33 8.43 -13.12
N MET B 1 -50.83 6.91 4.26
CA MET B 1 -49.73 7.65 3.56
C MET B 1 -49.79 7.47 2.04
N ASN B 2 -49.10 8.36 1.32
CA ASN B 2 -49.06 8.31 -0.13
C ASN B 2 -47.69 8.72 -0.66
N LEU B 3 -46.80 7.73 -0.81
CA LEU B 3 -45.46 7.99 -1.32
C LEU B 3 -45.52 8.32 -2.81
N GLN B 4 -46.53 7.76 -3.48
CA GLN B 4 -46.75 7.95 -4.91
C GLN B 4 -46.78 9.41 -5.38
N ARG B 5 -47.18 10.33 -4.51
CA ARG B 5 -47.23 11.74 -4.88
C ARG B 5 -45.83 12.23 -5.24
N PHE B 6 -44.82 11.42 -4.92
CA PHE B 6 -43.44 11.80 -5.22
C PHE B 6 -42.83 10.97 -6.32
N PRO B 7 -42.31 11.64 -7.34
CA PRO B 7 -41.69 10.98 -8.49
C PRO B 7 -40.39 10.27 -8.11
N ARG B 8 -40.16 9.13 -8.73
CA ARG B 8 -38.99 8.32 -8.48
C ARG B 8 -38.22 8.13 -9.78
N TYR B 9 -36.95 8.51 -9.80
CA TYR B 9 -36.16 8.34 -11.00
C TYR B 9 -35.43 7.00 -10.88
N PRO B 10 -35.75 6.04 -11.76
CA PRO B 10 -35.11 4.71 -11.75
C PRO B 10 -33.58 4.71 -11.87
N LEU B 11 -32.95 4.17 -10.83
CA LEU B 11 -31.49 4.07 -10.76
C LEU B 11 -31.14 2.64 -10.32
N THR B 12 -32.17 1.82 -10.10
CA THR B 12 -32.00 0.46 -9.67
C THR B 12 -32.60 -0.48 -10.70
N PHE B 13 -32.30 -1.78 -10.57
CA PHE B 13 -32.83 -2.79 -11.49
C PHE B 13 -34.31 -3.07 -11.17
N GLY B 14 -34.74 -2.68 -9.97
CA GLY B 14 -36.11 -2.91 -9.55
C GLY B 14 -36.12 -3.35 -8.09
N PRO B 15 -37.22 -3.93 -7.58
CA PRO B 15 -37.18 -4.34 -6.18
C PRO B 15 -36.03 -5.30 -5.91
N THR B 16 -35.41 -5.13 -4.76
CA THR B 16 -34.28 -5.94 -4.38
C THR B 16 -34.75 -7.29 -3.82
N PRO B 17 -34.01 -8.37 -4.14
CA PRO B 17 -34.35 -9.71 -3.68
C PRO B 17 -34.12 -9.97 -2.20
N ILE B 18 -34.88 -10.92 -1.68
CA ILE B 18 -34.79 -11.34 -0.29
C ILE B 18 -34.29 -12.78 -0.31
N GLN B 19 -33.19 -13.04 0.37
CA GLN B 19 -32.63 -14.39 0.39
C GLN B 19 -32.60 -14.97 1.80
N PRO B 20 -32.76 -16.28 1.89
CA PRO B 20 -32.75 -16.93 3.21
C PRO B 20 -31.27 -17.11 3.60
N LEU B 21 -30.97 -16.97 4.87
CA LEU B 21 -29.60 -17.17 5.36
C LEU B 21 -29.75 -18.45 6.17
N ALA B 22 -30.06 -19.52 5.46
CA ALA B 22 -30.26 -20.83 6.04
C ALA B 22 -29.03 -21.32 6.81
N ARG B 23 -27.87 -21.24 6.16
CA ARG B 23 -26.65 -21.71 6.79
C ARG B 23 -26.33 -20.94 8.06
N LEU B 24 -26.35 -19.61 7.98
CA LEU B 24 -26.06 -18.84 9.18
C LEU B 24 -27.14 -19.15 10.21
N SER B 25 -28.39 -19.22 9.77
CA SER B 25 -29.49 -19.49 10.70
C SER B 25 -29.23 -20.79 11.43
N LYS B 26 -28.96 -21.84 10.66
CA LYS B 26 -28.67 -23.15 11.23
C LYS B 26 -27.44 -23.09 12.12
N HIS B 27 -26.44 -22.35 11.68
CA HIS B 27 -25.23 -22.27 12.48
C HIS B 27 -25.50 -21.73 13.88
N LEU B 28 -26.40 -20.76 13.98
CA LEU B 28 -26.73 -20.12 15.26
C LEU B 28 -27.79 -20.83 16.13
N GLY B 29 -28.16 -22.06 15.80
CA GLY B 29 -29.13 -22.77 16.63
C GLY B 29 -30.41 -23.18 15.93
N GLY B 30 -30.74 -22.51 14.83
CA GLY B 30 -31.96 -22.86 14.11
C GLY B 30 -33.27 -22.38 14.73
N LYS B 31 -33.18 -21.63 15.82
CA LYS B 31 -34.40 -21.13 16.48
C LYS B 31 -34.90 -19.84 15.85
N VAL B 32 -34.03 -19.15 15.14
CA VAL B 32 -34.39 -17.89 14.48
C VAL B 32 -34.07 -17.97 12.99
N HIS B 33 -35.02 -17.55 12.17
CA HIS B 33 -34.87 -17.59 10.72
C HIS B 33 -34.42 -16.26 10.11
N LEU B 34 -33.16 -16.23 9.68
CA LEU B 34 -32.57 -15.02 9.12
C LEU B 34 -32.67 -14.95 7.60
N TYR B 35 -32.92 -13.73 7.12
CA TYR B 35 -33.03 -13.46 5.68
C TYR B 35 -32.26 -12.19 5.40
N ALA B 36 -32.06 -11.90 4.12
CA ALA B 36 -31.33 -10.71 3.71
C ALA B 36 -31.96 -10.08 2.48
N LYS B 37 -32.19 -8.78 2.54
CA LYS B 37 -32.76 -8.08 1.40
C LYS B 37 -31.54 -7.38 0.86
N ARG B 38 -31.21 -7.69 -0.38
CA ARG B 38 -29.97 -7.17 -0.96
C ARG B 38 -29.99 -5.80 -1.58
N GLU B 39 -29.94 -4.77 -0.75
CA GLU B 39 -29.91 -3.41 -1.28
C GLU B 39 -28.54 -3.23 -1.93
N ASP B 40 -27.57 -3.99 -1.45
CA ASP B 40 -26.21 -3.95 -1.99
C ASP B 40 -26.09 -4.43 -3.43
N CYS B 41 -27.15 -5.03 -3.98
CA CYS B 41 -27.11 -5.53 -5.36
C CYS B 41 -28.22 -4.89 -6.22
N ASN B 42 -28.64 -3.71 -5.82
CA ASN B 42 -29.73 -3.01 -6.49
C ASN B 42 -29.44 -2.22 -7.76
N SER B 43 -28.17 -2.06 -8.13
CA SER B 43 -27.89 -1.23 -9.29
C SER B 43 -26.63 -1.55 -10.08
N GLY B 44 -26.61 -1.12 -11.34
CA GLY B 44 -25.46 -1.35 -12.18
C GLY B 44 -24.52 -0.17 -12.12
N LEU B 45 -24.92 0.81 -11.33
CA LEU B 45 -24.13 2.02 -11.15
C LEU B 45 -23.13 1.85 -10.01
N ALA B 46 -21.93 1.42 -10.40
CA ALA B 46 -20.80 1.16 -9.51
C ALA B 46 -21.16 0.47 -8.20
N PHE B 47 -21.96 -0.59 -8.31
CA PHE B 47 -22.38 -1.39 -7.15
C PHE B 47 -23.56 -0.84 -6.33
N GLY B 48 -23.96 0.40 -6.59
CA GLY B 48 -25.08 0.96 -5.86
C GLY B 48 -25.09 0.77 -4.35
N GLY B 49 -26.26 0.42 -3.81
CA GLY B 49 -26.41 0.26 -2.38
C GLY B 49 -27.56 1.16 -1.87
N ASN B 50 -27.80 1.17 -0.57
CA ASN B 50 -28.88 1.96 0.03
C ASN B 50 -28.98 3.41 -0.44
N LYS B 51 -27.84 4.07 -0.65
CA LYS B 51 -27.84 5.45 -1.06
C LYS B 51 -28.52 5.64 -2.42
N THR B 52 -28.32 4.66 -3.27
CA THR B 52 -28.89 4.70 -4.60
C THR B 52 -30.43 4.64 -4.54
N ARG B 53 -30.98 3.89 -3.59
CA ARG B 53 -32.43 3.82 -3.49
C ARG B 53 -32.95 5.21 -3.05
N LYS B 54 -32.16 5.90 -2.24
CA LYS B 54 -32.53 7.22 -1.74
C LYS B 54 -32.51 8.25 -2.88
N LEU B 55 -31.44 8.24 -3.66
CA LEU B 55 -31.29 9.17 -4.76
C LEU B 55 -32.39 9.15 -5.81
N GLU B 56 -33.19 8.09 -5.85
CA GLU B 56 -34.27 7.99 -6.85
C GLU B 56 -35.35 9.05 -6.59
N TYR B 57 -35.50 9.49 -5.35
CA TYR B 57 -36.50 10.53 -5.03
C TYR B 57 -35.87 11.92 -5.00
N LEU B 58 -34.54 11.99 -5.04
CA LEU B 58 -33.89 13.28 -5.05
C LEU B 58 -33.60 13.76 -6.47
N ILE B 59 -33.25 12.83 -7.35
CA ILE B 59 -32.93 13.18 -8.72
C ILE B 59 -33.99 13.99 -9.47
N PRO B 60 -35.27 13.58 -9.39
CA PRO B 60 -36.32 14.35 -10.09
C PRO B 60 -36.28 15.84 -9.73
N GLU B 61 -36.01 16.16 -8.47
CA GLU B 61 -35.94 17.55 -8.04
C GLU B 61 -34.73 18.26 -8.59
N ALA B 62 -33.60 17.56 -8.66
CA ALA B 62 -32.38 18.16 -9.20
C ALA B 62 -32.65 18.46 -10.69
N LEU B 63 -33.30 17.52 -11.37
CA LEU B 63 -33.64 17.69 -12.78
C LEU B 63 -34.68 18.81 -12.92
N ALA B 64 -35.72 18.77 -12.10
CA ALA B 64 -36.77 19.80 -12.13
C ALA B 64 -36.11 21.16 -11.99
N GLN B 65 -35.19 21.27 -11.02
CA GLN B 65 -34.48 22.51 -10.77
C GLN B 65 -33.43 22.85 -11.82
N GLY B 66 -33.38 22.08 -12.90
CA GLY B 66 -32.39 22.33 -13.94
C GLY B 66 -30.94 22.38 -13.46
N CYS B 67 -30.58 21.57 -12.47
CA CYS B 67 -29.20 21.55 -11.96
C CYS B 67 -28.27 20.80 -12.91
N ASP B 68 -26.99 21.17 -12.94
CA ASP B 68 -26.04 20.52 -13.84
C ASP B 68 -24.86 19.86 -13.11
N THR B 69 -24.92 19.86 -11.79
CA THR B 69 -23.84 19.29 -10.99
C THR B 69 -24.36 18.73 -9.68
N LEU B 70 -23.97 17.50 -9.35
CA LEU B 70 -24.39 16.93 -8.08
C LEU B 70 -23.26 17.16 -7.11
N VAL B 71 -23.61 17.59 -5.89
CA VAL B 71 -22.61 17.88 -4.87
C VAL B 71 -22.93 17.13 -3.59
N SER B 72 -21.97 16.35 -3.09
CA SER B 72 -22.20 15.62 -1.85
C SER B 72 -20.95 15.53 -1.02
N ILE B 73 -21.03 14.77 0.08
CA ILE B 73 -19.92 14.74 0.99
C ILE B 73 -19.88 13.46 1.84
N GLY B 74 -18.68 13.07 2.27
CA GLY B 74 -18.56 11.90 3.11
C GLY B 74 -17.12 11.70 3.54
N GLY B 75 -16.87 10.61 4.27
CA GLY B 75 -15.53 10.27 4.70
C GLY B 75 -14.76 9.80 3.45
N ILE B 76 -13.47 9.54 3.60
CA ILE B 76 -12.64 9.09 2.49
C ILE B 76 -13.19 7.83 1.80
N GLN B 77 -13.64 6.83 2.56
CA GLN B 77 -14.18 5.61 1.96
C GLN B 77 -15.70 5.61 1.93
N SER B 78 -16.26 6.81 1.82
CA SER B 78 -17.71 6.99 1.76
C SER B 78 -18.35 6.19 0.60
N ASN B 79 -19.47 5.53 0.87
CA ASN B 79 -20.21 4.79 -0.17
C ASN B 79 -21.15 5.81 -0.83
N GLN B 80 -21.59 6.78 -0.02
CA GLN B 80 -22.48 7.84 -0.50
C GLN B 80 -21.86 8.62 -1.66
N THR B 81 -20.64 9.13 -1.49
CA THR B 81 -20.04 9.91 -2.56
C THR B 81 -19.79 9.11 -3.84
N ARG B 82 -19.43 7.82 -3.69
CA ARG B 82 -19.18 6.96 -4.85
C ARG B 82 -20.50 6.77 -5.61
N GLN B 83 -21.60 6.56 -4.89
CA GLN B 83 -22.88 6.41 -5.55
C GLN B 83 -23.31 7.71 -6.22
N VAL B 84 -23.01 8.86 -5.62
CA VAL B 84 -23.39 10.13 -6.26
C VAL B 84 -22.59 10.31 -7.55
N ALA B 85 -21.32 9.94 -7.51
CA ALA B 85 -20.46 10.04 -8.68
C ALA B 85 -21.01 9.19 -9.85
N ALA B 86 -21.50 7.98 -9.52
CA ALA B 86 -22.03 7.09 -10.55
C ALA B 86 -23.37 7.59 -11.10
N VAL B 87 -24.29 7.92 -10.19
CA VAL B 87 -25.58 8.42 -10.59
C VAL B 87 -25.36 9.65 -11.48
N ALA B 88 -24.47 10.53 -11.07
CA ALA B 88 -24.16 11.74 -11.84
C ALA B 88 -23.72 11.46 -13.26
N ALA B 89 -22.65 10.65 -13.40
CA ALA B 89 -22.13 10.28 -14.71
C ALA B 89 -23.25 9.71 -15.56
N HIS B 90 -24.03 8.83 -14.97
CA HIS B 90 -25.12 8.21 -15.67
C HIS B 90 -26.05 9.30 -16.20
N LEU B 91 -26.43 10.23 -15.32
CA LEU B 91 -27.33 11.32 -15.67
C LEU B 91 -26.68 12.39 -16.52
N GLY B 92 -25.39 12.26 -16.77
CA GLY B 92 -24.71 13.26 -17.58
C GLY B 92 -24.45 14.56 -16.83
N MET B 93 -24.38 14.49 -15.51
CA MET B 93 -24.12 15.67 -14.69
C MET B 93 -22.68 15.70 -14.23
N LYS B 94 -22.23 16.87 -13.79
CA LYS B 94 -20.88 17.01 -13.27
C LYS B 94 -21.01 16.56 -11.83
N CYS B 95 -19.89 16.42 -11.12
CA CYS B 95 -19.96 15.96 -9.74
C CYS B 95 -18.77 16.45 -8.92
N VAL B 96 -19.08 17.05 -7.78
CA VAL B 96 -18.07 17.55 -6.88
C VAL B 96 -18.31 16.84 -5.55
N LEU B 97 -17.24 16.24 -5.00
CA LEU B 97 -17.38 15.51 -3.75
C LEU B 97 -16.38 16.02 -2.71
N VAL B 98 -16.85 16.19 -1.49
CA VAL B 98 -15.97 16.62 -0.43
C VAL B 98 -15.70 15.39 0.41
N GLN B 99 -14.45 14.93 0.39
CA GLN B 99 -14.08 13.75 1.18
C GLN B 99 -13.34 14.22 2.41
N GLU B 100 -13.96 14.09 3.56
CA GLU B 100 -13.30 14.53 4.79
C GLU B 100 -12.59 13.39 5.49
N ASN B 101 -11.65 13.72 6.37
CA ASN B 101 -10.93 12.69 7.12
C ASN B 101 -11.77 12.35 8.33
N TRP B 102 -12.81 11.55 8.09
CA TRP B 102 -13.75 11.14 9.13
C TRP B 102 -13.34 10.00 10.03
N VAL B 103 -12.28 9.29 9.71
CA VAL B 103 -11.91 8.16 10.52
C VAL B 103 -10.47 8.25 11.01
N ASN B 104 -10.25 7.91 12.27
CA ASN B 104 -8.92 7.92 12.84
C ASN B 104 -8.30 6.58 12.46
N TYR B 105 -8.07 6.39 11.16
CA TYR B 105 -7.47 5.15 10.65
C TYR B 105 -6.32 5.54 9.72
N SER B 106 -5.20 4.85 9.85
CA SER B 106 -4.06 5.16 9.02
C SER B 106 -3.68 3.97 8.14
N ASP B 107 -4.00 4.09 6.86
CA ASP B 107 -3.69 3.04 5.92
C ASP B 107 -3.11 3.66 4.65
N ALA B 108 -2.03 3.07 4.15
CA ALA B 108 -1.28 3.53 2.98
C ALA B 108 -2.05 3.80 1.69
N VAL B 109 -3.11 3.02 1.42
CA VAL B 109 -3.86 3.24 0.19
C VAL B 109 -5.31 3.64 0.47
N TYR B 110 -5.59 4.10 1.68
CA TYR B 110 -6.96 4.43 2.06
C TYR B 110 -7.70 5.37 1.12
N ASP B 111 -6.97 6.30 0.51
CA ASP B 111 -7.56 7.30 -0.38
C ASP B 111 -7.30 6.99 -1.86
N ARG B 112 -7.03 5.72 -2.16
CA ARG B 112 -6.73 5.30 -3.53
C ARG B 112 -7.34 3.99 -4.02
N VAL B 113 -8.11 3.34 -3.16
CA VAL B 113 -8.75 2.08 -3.50
C VAL B 113 -10.23 2.14 -3.16
N GLY B 114 -10.94 1.05 -3.40
CA GLY B 114 -12.35 1.03 -3.07
C GLY B 114 -13.21 2.16 -3.60
N ASN B 115 -14.06 2.70 -2.73
CA ASN B 115 -15.00 3.78 -3.10
C ASN B 115 -14.41 5.01 -3.75
N ILE B 116 -13.47 5.66 -3.09
CA ILE B 116 -12.87 6.86 -3.66
C ILE B 116 -12.18 6.60 -5.00
N GLN B 117 -11.53 5.44 -5.17
CA GLN B 117 -10.89 5.16 -6.46
C GLN B 117 -11.97 5.19 -7.55
N MET B 118 -13.09 4.53 -7.30
CA MET B 118 -14.17 4.52 -8.29
C MET B 118 -14.71 5.92 -8.59
N SER B 119 -14.91 6.74 -7.55
CA SER B 119 -15.41 8.10 -7.77
C SER B 119 -14.54 8.86 -8.75
N ARG B 120 -13.23 8.70 -8.64
CA ARG B 120 -12.32 9.40 -9.55
C ARG B 120 -12.41 8.84 -10.96
N ILE B 121 -12.47 7.53 -11.09
CA ILE B 121 -12.56 6.94 -12.41
C ILE B 121 -13.86 7.42 -13.05
N LEU B 122 -14.91 7.46 -12.24
CA LEU B 122 -16.24 7.90 -12.68
C LEU B 122 -16.29 9.36 -13.13
N GLY B 123 -15.17 10.05 -12.97
CA GLY B 123 -15.07 11.44 -13.41
C GLY B 123 -15.36 12.54 -12.41
N ALA B 124 -15.70 12.19 -11.17
CA ALA B 124 -16.02 13.20 -10.16
C ALA B 124 -14.82 14.06 -9.73
N ASP B 125 -15.11 15.30 -9.29
CA ASP B 125 -14.09 16.22 -8.79
C ASP B 125 -13.97 15.84 -7.32
N VAL B 126 -12.92 15.10 -6.97
CA VAL B 126 -12.78 14.65 -5.58
C VAL B 126 -11.86 15.54 -4.77
N ARG B 127 -12.47 16.31 -3.86
CA ARG B 127 -11.74 17.24 -3.01
C ARG B 127 -11.52 16.71 -1.58
N LEU B 128 -10.26 16.57 -1.19
CA LEU B 128 -9.89 16.07 0.13
C LEU B 128 -9.59 17.20 1.11
N VAL B 129 -10.21 17.16 2.29
CA VAL B 129 -10.00 18.21 3.30
C VAL B 129 -9.28 17.75 4.56
N SER B 140 -16.87 23.91 4.62
CA SER B 140 -16.39 22.88 3.70
C SER B 140 -17.46 22.61 2.65
N TRP B 141 -18.62 22.25 3.15
CA TRP B 141 -19.80 21.95 2.34
C TRP B 141 -20.11 23.17 1.47
N GLU B 142 -20.28 24.32 2.13
CA GLU B 142 -20.59 25.58 1.47
C GLU B 142 -19.60 25.95 0.40
N ASP B 143 -18.37 26.21 0.84
CA ASP B 143 -17.29 26.61 -0.04
C ASP B 143 -17.34 25.81 -1.34
N ALA B 144 -17.78 24.56 -1.24
CA ALA B 144 -17.88 23.68 -2.39
C ALA B 144 -19.05 24.09 -3.30
N LEU B 145 -20.25 24.11 -2.74
CA LEU B 145 -21.44 24.49 -3.51
C LEU B 145 -21.20 25.82 -4.23
N GLU B 146 -20.68 26.80 -3.50
CA GLU B 146 -20.40 28.12 -4.03
C GLU B 146 -19.45 27.98 -5.22
N SER B 147 -18.50 27.08 -5.09
CA SER B 147 -17.52 26.81 -6.13
C SER B 147 -18.21 26.58 -7.46
N VAL B 148 -19.22 25.70 -7.46
CA VAL B 148 -19.95 25.40 -8.68
C VAL B 148 -20.66 26.65 -9.19
N ARG B 149 -21.32 27.37 -8.28
CA ARG B 149 -22.02 28.59 -8.65
C ARG B 149 -21.04 29.53 -9.33
N ALA B 150 -19.97 29.85 -8.63
CA ALA B 150 -18.94 30.74 -9.16
C ALA B 150 -18.41 30.29 -10.51
N ALA B 151 -18.39 28.98 -10.74
CA ALA B 151 -17.90 28.43 -12.00
C ALA B 151 -18.94 28.58 -13.10
N GLY B 152 -20.18 28.87 -12.70
CA GLY B 152 -21.24 29.05 -13.68
C GLY B 152 -22.14 27.85 -13.89
N GLY B 153 -22.24 26.99 -12.88
CA GLY B 153 -23.09 25.82 -13.00
C GLY B 153 -24.13 25.79 -11.89
N LYS B 154 -25.16 24.99 -12.05
CA LYS B 154 -26.20 24.91 -11.02
C LYS B 154 -26.06 23.64 -10.19
N PRO B 155 -25.55 23.77 -8.97
CA PRO B 155 -25.34 22.66 -8.05
C PRO B 155 -26.58 22.13 -7.35
N TYR B 156 -26.64 20.82 -7.19
CA TYR B 156 -27.74 20.21 -6.46
C TYR B 156 -27.12 19.66 -5.19
N ALA B 157 -27.35 20.35 -4.08
CA ALA B 157 -26.79 19.96 -2.80
C ALA B 157 -27.37 18.66 -2.24
N ILE B 158 -26.49 17.73 -1.90
CA ILE B 158 -26.89 16.43 -1.35
C ILE B 158 -26.09 16.22 -0.08
N PRO B 159 -26.76 16.28 1.08
CA PRO B 159 -26.11 16.10 2.39
C PRO B 159 -25.62 14.68 2.65
N ALA B 160 -24.79 14.53 3.67
CA ALA B 160 -24.23 13.24 4.03
C ALA B 160 -25.31 12.17 4.05
N GLY B 161 -25.08 11.10 3.31
CA GLY B 161 -26.03 10.01 3.24
C GLY B 161 -27.37 10.35 2.65
N CYS B 162 -27.49 11.52 2.03
CA CYS B 162 -28.77 11.98 1.45
C CYS B 162 -29.79 12.07 2.59
N SER B 163 -29.34 11.91 3.83
CA SER B 163 -30.24 11.88 4.95
C SER B 163 -31.00 13.13 5.39
N ASP B 164 -30.30 14.17 5.82
CA ASP B 164 -31.00 15.37 6.27
C ASP B 164 -31.42 16.23 5.09
N HIS B 165 -32.49 15.81 4.43
CA HIS B 165 -32.99 16.49 3.25
C HIS B 165 -34.47 16.15 3.21
N PRO B 166 -35.29 17.07 2.67
CA PRO B 166 -36.74 16.87 2.57
C PRO B 166 -37.16 15.55 1.93
N LEU B 167 -36.40 15.12 0.93
CA LEU B 167 -36.71 13.88 0.22
C LEU B 167 -35.86 12.69 0.68
N GLY B 168 -34.84 12.97 1.48
CA GLY B 168 -33.94 11.93 1.95
C GLY B 168 -34.57 10.72 2.61
N GLY B 169 -35.83 10.85 3.04
CA GLY B 169 -36.46 9.73 3.70
C GLY B 169 -37.42 8.92 2.86
N LEU B 170 -37.75 9.41 1.67
CA LEU B 170 -38.69 8.71 0.80
C LEU B 170 -38.25 7.35 0.31
N GLY B 171 -37.01 7.27 -0.17
CA GLY B 171 -36.48 6.01 -0.67
C GLY B 171 -36.84 4.86 0.25
N PHE B 172 -36.48 4.98 1.53
CA PHE B 172 -36.80 3.87 2.40
C PHE B 172 -38.20 3.73 2.92
N VAL B 173 -39.06 4.68 2.57
CA VAL B 173 -40.46 4.49 2.93
C VAL B 173 -40.85 3.46 1.86
N GLY B 174 -40.34 3.65 0.65
CA GLY B 174 -40.62 2.70 -0.44
C GLY B 174 -40.14 1.28 -0.10
N PHE B 175 -39.04 1.18 0.65
CA PHE B 175 -38.49 -0.12 1.06
C PHE B 175 -39.53 -0.94 1.85
N ALA B 176 -40.20 -0.30 2.81
CA ALA B 176 -41.20 -1.01 3.61
C ALA B 176 -42.37 -1.44 2.71
N GLU B 177 -42.71 -0.58 1.76
CA GLU B 177 -43.78 -0.86 0.82
C GLU B 177 -43.41 -2.16 0.07
N GLU B 178 -42.20 -2.17 -0.47
CA GLU B 178 -41.66 -3.30 -1.22
C GLU B 178 -41.74 -4.57 -0.39
N VAL B 179 -41.27 -4.47 0.85
CA VAL B 179 -41.27 -5.63 1.72
C VAL B 179 -42.68 -6.17 1.92
N ARG B 180 -43.65 -5.27 2.05
CA ARG B 180 -45.04 -5.68 2.23
C ARG B 180 -45.48 -6.52 1.04
N ALA B 181 -45.16 -6.08 -0.17
CA ALA B 181 -45.54 -6.83 -1.36
C ALA B 181 -44.84 -8.20 -1.42
N GLN B 182 -43.60 -8.25 -0.96
CA GLN B 182 -42.84 -9.50 -1.01
C GLN B 182 -43.32 -10.49 0.05
N GLU B 183 -43.80 -9.97 1.18
CA GLU B 183 -44.30 -10.85 2.23
C GLU B 183 -45.62 -11.45 1.73
N ALA B 184 -46.32 -10.69 0.89
CA ALA B 184 -47.57 -11.13 0.32
C ALA B 184 -47.26 -12.29 -0.61
N GLU B 185 -46.30 -12.08 -1.50
CA GLU B 185 -45.88 -13.14 -2.41
C GLU B 185 -45.36 -14.34 -1.63
N LEU B 186 -44.61 -14.08 -0.57
CA LEU B 186 -44.07 -15.18 0.23
C LEU B 186 -45.12 -15.90 1.06
N GLY B 187 -46.18 -15.19 1.41
CA GLY B 187 -47.22 -15.81 2.21
C GLY B 187 -46.90 -15.78 3.69
N PHE B 188 -45.94 -14.95 4.10
CA PHE B 188 -45.58 -14.84 5.50
C PHE B 188 -44.97 -13.46 5.78
N LYS B 189 -44.98 -13.05 7.03
CA LYS B 189 -44.44 -11.74 7.40
C LYS B 189 -43.15 -11.82 8.22
N PHE B 190 -42.30 -10.81 8.07
CA PHE B 190 -41.06 -10.78 8.85
C PHE B 190 -41.41 -10.08 10.16
N ASP B 191 -40.89 -10.60 11.26
CA ASP B 191 -41.17 -10.03 12.57
C ASP B 191 -40.25 -8.85 12.89
N TYR B 192 -39.05 -8.85 12.31
CA TYR B 192 -38.11 -7.77 12.55
C TYR B 192 -37.25 -7.48 11.32
N VAL B 193 -36.63 -6.31 11.32
CA VAL B 193 -35.71 -5.92 10.27
C VAL B 193 -34.49 -5.39 11.01
N VAL B 194 -33.29 -5.71 10.52
CA VAL B 194 -32.09 -5.20 11.15
C VAL B 194 -31.47 -4.28 10.13
N VAL B 195 -31.08 -3.10 10.55
CA VAL B 195 -30.53 -2.14 9.62
C VAL B 195 -29.44 -1.29 10.30
N CYS B 196 -28.39 -0.99 9.56
CA CYS B 196 -27.30 -0.19 10.10
C CYS B 196 -27.65 1.28 9.97
N SER B 197 -27.43 2.05 11.03
CA SER B 197 -27.76 3.48 11.02
C SER B 197 -26.60 4.39 11.38
N VAL B 198 -26.39 5.41 10.55
CA VAL B 198 -25.35 6.41 10.80
C VAL B 198 -25.90 7.83 10.56
N THR B 199 -26.27 8.18 9.33
CA THR B 199 -26.81 9.51 9.12
C THR B 199 -28.33 9.56 9.30
N GLY B 200 -28.97 8.38 9.37
CA GLY B 200 -30.40 8.36 9.67
C GLY B 200 -31.59 8.16 8.74
N SER B 201 -31.58 8.71 7.53
CA SER B 201 -32.76 8.56 6.70
C SER B 201 -33.08 7.17 6.24
N THR B 202 -32.11 6.24 6.34
CA THR B 202 -32.41 4.87 5.94
C THR B 202 -33.39 4.29 6.96
N GLN B 203 -32.99 4.28 8.23
CA GLN B 203 -33.89 3.73 9.24
C GLN B 203 -35.16 4.60 9.34
N ALA B 204 -35.00 5.91 9.22
CA ALA B 204 -36.14 6.82 9.30
C ALA B 204 -37.22 6.48 8.27
N GLY B 205 -36.79 6.25 7.03
CA GLY B 205 -37.74 5.91 5.98
C GLY B 205 -38.39 4.60 6.37
N MET B 206 -37.60 3.72 6.96
CA MET B 206 -38.12 2.43 7.38
C MET B 206 -39.16 2.59 8.49
N VAL B 207 -38.82 3.36 9.51
CA VAL B 207 -39.71 3.61 10.64
C VAL B 207 -41.08 4.14 10.14
N VAL B 208 -41.03 5.07 9.20
CA VAL B 208 -42.24 5.65 8.65
C VAL B 208 -43.04 4.62 7.86
N GLY B 209 -42.36 3.88 6.99
CA GLY B 209 -43.02 2.86 6.18
C GLY B 209 -43.63 1.73 6.97
N PHE B 210 -42.95 1.30 8.02
CA PHE B 210 -43.48 0.21 8.85
C PHE B 210 -44.42 0.67 9.95
N ALA B 211 -44.41 1.97 10.23
CA ALA B 211 -45.33 2.51 11.22
C ALA B 211 -46.70 2.26 10.58
N ALA B 212 -46.77 2.52 9.28
CA ALA B 212 -47.99 2.34 8.50
C ALA B 212 -48.70 1.02 8.78
N ASP B 213 -47.99 -0.03 9.14
CA ASP B 213 -48.68 -1.27 9.46
C ASP B 213 -48.37 -1.77 10.86
N GLY B 214 -48.10 -0.82 11.76
CA GLY B 214 -47.84 -1.11 13.16
C GLY B 214 -46.56 -1.86 13.49
N ARG B 215 -45.57 -1.78 12.61
CA ARG B 215 -44.30 -2.49 12.86
C ARG B 215 -43.07 -1.59 12.99
N ALA B 216 -43.28 -0.30 13.27
CA ALA B 216 -42.17 0.64 13.39
C ALA B 216 -41.16 0.20 14.43
N ASP B 217 -41.65 -0.35 15.54
CA ASP B 217 -40.78 -0.79 16.61
C ASP B 217 -40.11 -2.14 16.33
N ARG B 218 -40.39 -2.73 15.17
CA ARG B 218 -39.79 -4.01 14.79
C ARG B 218 -38.56 -3.70 13.92
N VAL B 219 -38.38 -2.42 13.60
CA VAL B 219 -37.21 -2.00 12.81
C VAL B 219 -36.09 -1.77 13.81
N ILE B 220 -35.21 -2.76 13.91
CA ILE B 220 -34.09 -2.70 14.84
C ILE B 220 -32.83 -2.09 14.25
N GLY B 221 -32.66 -0.79 14.48
CA GLY B 221 -31.48 -0.13 13.96
C GLY B 221 -30.29 -0.53 14.80
N VAL B 222 -29.10 -0.53 14.18
CA VAL B 222 -27.87 -0.86 14.89
C VAL B 222 -26.95 0.32 14.59
N ASP B 223 -26.54 1.02 15.64
CA ASP B 223 -25.67 2.18 15.49
C ASP B 223 -24.24 1.83 15.07
N ALA B 224 -23.72 2.58 14.10
CA ALA B 224 -22.36 2.41 13.61
C ALA B 224 -21.62 3.75 13.70
N SER B 225 -22.31 4.78 14.22
CA SER B 225 -21.71 6.11 14.35
C SER B 225 -20.83 6.24 15.59
N ALA B 226 -21.17 5.51 16.65
CA ALA B 226 -20.47 5.58 17.93
C ALA B 226 -20.81 6.89 18.66
N LYS B 227 -21.92 7.50 18.25
CA LYS B 227 -22.45 8.75 18.85
C LYS B 227 -23.94 8.47 18.73
N PRO B 228 -24.40 7.41 19.40
CA PRO B 228 -25.80 6.99 19.38
C PRO B 228 -26.87 8.06 19.66
N ALA B 229 -26.54 9.04 20.51
CA ALA B 229 -27.49 10.09 20.82
C ALA B 229 -27.82 10.94 19.60
N GLN B 230 -26.80 11.45 18.92
CA GLN B 230 -27.05 12.29 17.75
C GLN B 230 -27.76 11.50 16.64
N THR B 231 -27.27 10.30 16.38
CA THR B 231 -27.86 9.45 15.36
C THR B 231 -29.31 9.15 15.70
N ARG B 232 -29.57 8.81 16.96
CA ARG B 232 -30.93 8.50 17.39
C ARG B 232 -31.82 9.73 17.14
N GLU B 233 -31.32 10.88 17.54
CA GLU B 233 -32.06 12.12 17.38
C GLU B 233 -32.27 12.47 15.91
N GLN B 234 -31.29 12.16 15.08
CA GLN B 234 -31.41 12.49 13.67
C GLN B 234 -32.42 11.57 13.00
N ILE B 235 -32.38 10.28 13.33
CA ILE B 235 -33.34 9.34 12.76
C ILE B 235 -34.76 9.85 13.08
N THR B 236 -35.00 10.08 14.36
CA THR B 236 -36.31 10.53 14.86
C THR B 236 -36.79 11.78 14.14
N ARG B 237 -35.90 12.77 14.05
CA ARG B 237 -36.24 14.02 13.39
C ARG B 237 -36.67 13.79 11.96
N ILE B 238 -35.83 13.11 11.19
CA ILE B 238 -36.10 12.82 9.78
C ILE B 238 -37.35 11.95 9.65
N ALA B 239 -37.56 11.05 10.59
CA ALA B 239 -38.76 10.19 10.56
C ALA B 239 -40.02 11.07 10.70
N ARG B 240 -39.99 11.99 11.65
CA ARG B 240 -41.12 12.89 11.87
C ARG B 240 -41.42 13.71 10.62
N GLN B 241 -40.40 14.32 10.03
CA GLN B 241 -40.59 15.14 8.83
C GLN B 241 -41.09 14.31 7.66
N THR B 242 -40.54 13.10 7.52
CA THR B 242 -40.95 12.22 6.43
C THR B 242 -42.37 11.71 6.60
N ALA B 243 -42.75 11.40 7.83
CA ALA B 243 -44.11 10.90 8.10
C ALA B 243 -45.13 11.98 7.70
N GLU B 244 -44.70 13.22 7.85
CA GLU B 244 -45.54 14.36 7.50
C GLU B 244 -45.58 14.45 5.97
N LYS B 245 -44.42 14.30 5.33
CA LYS B 245 -44.34 14.36 3.87
C LYS B 245 -45.26 13.35 3.17
N VAL B 246 -45.35 12.15 3.71
CA VAL B 246 -46.14 11.10 3.10
C VAL B 246 -47.57 10.94 3.62
N GLY B 247 -47.94 11.74 4.60
CA GLY B 247 -49.30 11.66 5.13
C GLY B 247 -49.49 10.52 6.12
N LEU B 248 -48.44 10.18 6.85
CA LEU B 248 -48.59 9.13 7.85
C LEU B 248 -49.62 9.68 8.82
N GLU B 249 -50.64 8.90 9.11
CA GLU B 249 -51.69 9.35 10.01
C GLU B 249 -51.35 9.02 11.45
N ARG B 250 -50.24 9.57 11.92
CA ARG B 250 -49.80 9.33 13.29
C ARG B 250 -48.47 10.00 13.56
N ASP B 251 -48.17 10.19 14.84
CA ASP B 251 -46.90 10.80 15.23
C ASP B 251 -45.87 9.71 15.40
N ILE B 252 -44.61 10.04 15.20
CA ILE B 252 -43.55 9.07 15.42
C ILE B 252 -43.10 9.34 16.83
N MET B 253 -43.23 8.36 17.70
CA MET B 253 -42.84 8.49 19.10
C MET B 253 -41.44 7.92 19.30
N ARG B 254 -40.86 8.11 20.48
CA ARG B 254 -39.53 7.58 20.77
C ARG B 254 -39.55 6.06 20.70
N ALA B 255 -40.67 5.47 21.07
CA ALA B 255 -40.81 4.01 21.05
C ALA B 255 -40.67 3.41 19.66
N ASP B 256 -40.97 4.19 18.64
CA ASP B 256 -40.89 3.72 17.26
C ASP B 256 -39.48 3.72 16.70
N VAL B 257 -38.58 4.38 17.40
CA VAL B 257 -37.20 4.47 16.95
C VAL B 257 -36.30 3.66 17.86
N VAL B 258 -36.00 2.45 17.41
CA VAL B 258 -35.14 1.53 18.16
C VAL B 258 -33.74 1.58 17.59
N LEU B 259 -32.76 1.88 18.44
CA LEU B 259 -31.37 1.94 18.01
C LEU B 259 -30.44 1.25 19.01
N ASP B 260 -29.86 0.11 18.62
CA ASP B 260 -28.95 -0.61 19.52
C ASP B 260 -27.60 0.09 19.44
N GLU B 261 -26.95 0.27 20.58
CA GLU B 261 -25.69 0.99 20.64
C GLU B 261 -24.48 0.10 20.92
N ARG B 262 -24.76 -1.14 21.26
CA ARG B 262 -23.75 -2.11 21.64
C ARG B 262 -22.72 -2.56 20.60
N PHE B 263 -22.93 -2.25 19.32
CA PHE B 263 -22.02 -2.76 18.32
C PHE B 263 -21.25 -1.75 17.49
N ALA B 264 -21.32 -0.49 17.91
CA ALA B 264 -20.67 0.61 17.21
C ALA B 264 -19.19 0.77 17.43
N GLY B 265 -18.71 0.15 18.51
CA GLY B 265 -17.30 0.28 18.89
C GLY B 265 -16.20 -0.09 17.92
N PRO B 266 -15.01 0.52 18.08
CA PRO B 266 -14.69 1.53 19.11
C PRO B 266 -14.97 2.97 18.67
N GLU B 267 -15.04 3.19 17.36
CA GLU B 267 -15.30 4.49 16.79
C GLU B 267 -15.96 4.25 15.45
N TYR B 268 -16.39 5.34 14.83
CA TYR B 268 -16.98 5.23 13.52
C TYR B 268 -15.82 4.91 12.58
N GLY B 269 -16.06 4.02 11.60
CA GLY B 269 -15.01 3.67 10.65
C GLY B 269 -14.00 2.64 11.12
N LEU B 270 -14.10 2.28 12.40
CA LEU B 270 -13.20 1.30 13.00
C LEU B 270 -13.96 0.12 13.53
N PRO B 271 -13.53 -1.09 13.15
CA PRO B 271 -14.17 -2.32 13.58
C PRO B 271 -13.62 -2.81 14.92
N ASN B 272 -14.44 -3.55 15.66
CA ASN B 272 -13.91 -4.15 16.88
C ASN B 272 -13.73 -5.64 16.49
N GLU B 273 -13.29 -6.46 17.43
CA GLU B 273 -13.07 -7.87 17.13
C GLU B 273 -14.36 -8.61 16.82
N GLY B 274 -15.48 -8.10 17.34
CA GLY B 274 -16.76 -8.73 17.10
C GLY B 274 -17.19 -8.46 15.67
N THR B 275 -16.86 -7.27 15.20
CA THR B 275 -17.18 -6.89 13.84
C THR B 275 -16.47 -7.87 12.91
N LEU B 276 -15.16 -8.00 13.11
CA LEU B 276 -14.36 -8.88 12.28
C LEU B 276 -14.89 -10.32 12.31
N GLU B 277 -15.18 -10.85 13.49
CA GLU B 277 -15.69 -12.20 13.56
C GLU B 277 -17.02 -12.34 12.82
N ALA B 278 -17.87 -11.31 12.92
CA ALA B 278 -19.17 -11.35 12.26
C ALA B 278 -19.05 -11.39 10.73
N ILE B 279 -18.09 -10.60 10.23
CA ILE B 279 -17.85 -10.51 8.80
C ILE B 279 -17.41 -11.88 8.28
N ARG B 280 -16.46 -12.49 8.98
CA ARG B 280 -15.96 -13.80 8.59
C ARG B 280 -17.05 -14.87 8.67
N LEU B 281 -17.80 -14.89 9.78
CA LEU B 281 -18.84 -15.90 9.96
C LEU B 281 -19.88 -15.83 8.85
N CYS B 282 -20.39 -14.63 8.59
CA CYS B 282 -21.39 -14.42 7.56
C CYS B 282 -20.85 -14.73 6.16
N ALA B 283 -19.61 -14.29 5.89
CA ALA B 283 -19.03 -14.55 4.58
C ALA B 283 -18.77 -16.05 4.37
N ARG B 284 -18.37 -16.75 5.43
CA ARG B 284 -18.06 -18.18 5.35
C ARG B 284 -19.26 -19.12 5.46
N THR B 285 -20.41 -18.60 5.88
CA THR B 285 -21.58 -19.46 5.95
C THR B 285 -22.51 -19.20 4.78
N GLU B 286 -22.48 -17.99 4.24
CA GLU B 286 -23.40 -17.65 3.16
C GLU B 286 -22.76 -17.16 1.87
N GLY B 287 -21.48 -16.81 1.93
CA GLY B 287 -20.83 -16.32 0.74
C GLY B 287 -21.21 -14.86 0.56
N MET B 288 -21.77 -14.26 1.60
CA MET B 288 -22.19 -12.85 1.56
C MET B 288 -21.22 -11.96 2.38
N LEU B 289 -20.58 -11.03 1.68
CA LEU B 289 -19.61 -10.11 2.29
C LEU B 289 -20.22 -8.89 2.99
N THR B 290 -19.58 -8.41 4.05
CA THR B 290 -20.01 -7.20 4.77
C THR B 290 -18.71 -6.45 5.08
N ASP B 291 -18.82 -5.18 5.46
CA ASP B 291 -17.64 -4.35 5.69
C ASP B 291 -17.39 -3.95 7.14
N PRO B 292 -16.16 -3.48 7.43
CA PRO B 292 -15.73 -3.07 8.76
C PRO B 292 -16.38 -1.78 9.30
N VAL B 293 -16.89 -0.93 8.42
CA VAL B 293 -17.50 0.35 8.86
C VAL B 293 -18.98 0.25 9.19
N TYR B 294 -19.77 -0.25 8.26
CA TYR B 294 -21.21 -0.34 8.45
C TYR B 294 -21.87 -1.70 8.60
N GLU B 295 -21.98 -2.43 7.50
CA GLU B 295 -22.69 -3.71 7.54
C GLU B 295 -22.15 -4.76 8.48
N GLY B 296 -20.84 -4.84 8.61
CA GLY B 296 -20.26 -5.80 9.52
C GLY B 296 -20.78 -5.57 10.92
N LYS B 297 -21.03 -4.31 11.25
CA LYS B 297 -21.55 -3.98 12.58
C LYS B 297 -23.02 -4.39 12.76
N SER B 298 -23.86 -4.16 11.74
CA SER B 298 -25.25 -4.59 11.87
C SER B 298 -25.31 -6.11 11.83
N MET B 299 -24.39 -6.72 11.09
CA MET B 299 -24.33 -8.18 11.01
C MET B 299 -23.95 -8.70 12.39
N HIS B 300 -22.95 -8.06 12.97
CA HIS B 300 -22.49 -8.43 14.30
C HIS B 300 -23.69 -8.34 15.24
N GLY B 301 -24.38 -7.20 15.18
CA GLY B 301 -25.54 -6.99 16.02
C GLY B 301 -26.58 -8.08 15.88
N MET B 302 -26.96 -8.40 14.64
CA MET B 302 -27.94 -9.45 14.42
C MET B 302 -27.53 -10.82 14.96
N ILE B 303 -26.29 -11.19 14.73
CA ILE B 303 -25.79 -12.48 15.18
C ILE B 303 -25.83 -12.56 16.69
N GLU B 304 -25.32 -11.52 17.32
CA GLU B 304 -25.29 -11.46 18.77
C GLU B 304 -26.72 -11.56 19.33
N MET B 305 -27.64 -10.85 18.69
CA MET B 305 -29.03 -10.87 19.11
C MET B 305 -29.59 -12.28 19.10
N VAL B 306 -29.39 -12.99 18.00
CA VAL B 306 -29.86 -14.36 17.89
C VAL B 306 -29.20 -15.21 18.97
N ARG B 307 -27.89 -15.03 19.14
CA ARG B 307 -27.13 -15.78 20.13
C ARG B 307 -27.61 -15.56 21.56
N ASN B 308 -27.93 -14.31 21.91
CA ASN B 308 -28.41 -14.00 23.24
C ASN B 308 -29.87 -14.41 23.44
N GLY B 309 -30.50 -14.88 22.37
CA GLY B 309 -31.89 -15.31 22.45
C GLY B 309 -32.85 -14.14 22.55
N GLU B 310 -32.41 -12.97 22.09
CA GLU B 310 -33.24 -11.77 22.14
C GLU B 310 -34.36 -11.80 21.12
N PHE B 311 -34.28 -12.69 20.14
CA PHE B 311 -35.33 -12.82 19.14
C PHE B 311 -36.22 -13.99 19.52
N PRO B 312 -37.50 -13.75 19.79
CA PRO B 312 -38.38 -14.87 20.15
C PRO B 312 -38.16 -16.06 19.22
N GLU B 313 -38.15 -17.26 19.77
CA GLU B 313 -37.95 -18.46 18.96
C GLU B 313 -38.99 -18.47 17.84
N GLY B 314 -38.57 -18.80 16.62
CA GLY B 314 -39.51 -18.84 15.51
C GLY B 314 -39.60 -17.55 14.70
N SER B 315 -38.96 -16.49 15.17
CA SER B 315 -38.98 -15.23 14.46
C SER B 315 -38.33 -15.31 13.10
N ARG B 316 -38.76 -14.43 12.20
CA ARG B 316 -38.17 -14.34 10.88
C ARG B 316 -37.60 -12.94 10.89
N VAL B 317 -36.28 -12.84 10.75
CA VAL B 317 -35.61 -11.54 10.77
C VAL B 317 -35.05 -11.19 9.39
N LEU B 318 -35.42 -10.01 8.91
CA LEU B 318 -34.94 -9.56 7.61
C LEU B 318 -33.76 -8.61 7.80
N TYR B 319 -32.59 -9.05 7.37
CA TYR B 319 -31.38 -8.24 7.45
C TYR B 319 -31.34 -7.36 6.22
N ALA B 320 -31.20 -6.06 6.41
CA ALA B 320 -31.13 -5.16 5.27
C ALA B 320 -29.65 -4.96 5.00
N HIS B 321 -29.18 -5.47 3.85
CA HIS B 321 -27.78 -5.31 3.51
C HIS B 321 -27.70 -4.08 2.61
N LEU B 322 -27.16 -3.01 3.20
CA LEU B 322 -27.06 -1.71 2.54
C LEU B 322 -25.92 -1.46 1.58
N GLY B 323 -24.98 -2.40 1.46
CA GLY B 323 -23.85 -2.23 0.56
C GLY B 323 -22.57 -2.03 1.36
N GLY B 324 -21.65 -1.21 0.88
CA GLY B 324 -20.44 -0.95 1.64
C GLY B 324 -19.24 -1.86 1.46
N VAL B 325 -19.41 -2.96 0.73
CA VAL B 325 -18.31 -3.91 0.58
C VAL B 325 -17.01 -3.37 0.00
N PRO B 326 -17.06 -2.53 -1.05
CA PRO B 326 -15.81 -2.01 -1.59
C PRO B 326 -14.86 -1.37 -0.58
N ALA B 327 -15.40 -0.85 0.54
CA ALA B 327 -14.54 -0.23 1.56
C ALA B 327 -13.55 -1.24 2.16
N LEU B 328 -13.83 -2.53 1.96
CA LEU B 328 -12.96 -3.61 2.45
C LEU B 328 -11.50 -3.38 2.03
N ASN B 329 -11.32 -2.86 0.82
CA ASN B 329 -10.00 -2.59 0.29
C ASN B 329 -9.16 -1.60 1.12
N GLY B 330 -9.80 -0.72 1.88
CA GLY B 330 -9.09 0.22 2.74
C GLY B 330 -8.61 -0.39 4.06
N TYR B 331 -9.03 -1.61 4.35
CA TYR B 331 -8.66 -2.34 5.57
C TYR B 331 -7.91 -3.66 5.19
N SER B 332 -7.09 -3.61 4.16
CA SER B 332 -6.40 -4.81 3.71
C SER B 332 -5.52 -5.52 4.75
N PHE B 333 -4.70 -4.79 5.51
CA PHE B 333 -3.83 -5.48 6.47
C PHE B 333 -4.58 -6.40 7.45
N ILE B 334 -5.71 -5.92 7.96
CA ILE B 334 -6.51 -6.68 8.92
C ILE B 334 -6.95 -8.06 8.41
N PHE B 335 -7.25 -8.15 7.12
CA PHE B 335 -7.69 -9.42 6.54
C PHE B 335 -6.61 -10.15 5.70
N ARG B 336 -5.36 -9.80 5.92
CA ARG B 336 -4.27 -10.37 5.16
C ARG B 336 -4.14 -11.88 5.23
N ASP B 337 -4.63 -12.47 6.30
CA ASP B 337 -4.59 -13.93 6.49
C ASP B 337 -6.02 -14.44 6.65
N GLY B 338 -7.00 -13.66 6.21
CA GLY B 338 -8.38 -14.09 6.37
C GLY B 338 -9.14 -13.16 7.32
N MET C 1 35.23 1.59 37.71
CA MET C 1 34.58 1.14 36.44
C MET C 1 35.65 0.73 35.42
N ASN C 2 35.44 -0.40 34.74
CA ASN C 2 36.39 -0.91 33.77
C ASN C 2 35.74 -1.61 32.58
N LEU C 3 35.16 -0.82 31.68
CA LEU C 3 34.48 -1.33 30.49
C LEU C 3 35.46 -2.05 29.58
N GLN C 4 36.73 -1.64 29.67
CA GLN C 4 37.77 -2.19 28.83
C GLN C 4 37.99 -3.68 29.05
N ARG C 5 37.47 -4.18 30.16
CA ARG C 5 37.59 -5.59 30.48
C ARG C 5 36.89 -6.46 29.42
N PHE C 6 35.78 -5.95 28.89
CA PHE C 6 35.02 -6.70 27.89
C PHE C 6 35.35 -6.38 26.45
N PRO C 7 35.54 -7.42 25.62
CA PRO C 7 35.85 -7.18 24.21
C PRO C 7 34.67 -6.53 23.47
N ARG C 8 34.99 -5.84 22.38
CA ARG C 8 34.01 -5.16 21.56
C ARG C 8 34.32 -5.48 20.12
N TYR C 9 33.34 -6.00 19.39
CA TYR C 9 33.53 -6.34 17.99
C TYR C 9 33.12 -5.13 17.18
N PRO C 10 34.04 -4.58 16.37
CA PRO C 10 33.71 -3.39 15.56
C PRO C 10 32.56 -3.64 14.61
N LEU C 11 31.52 -2.83 14.73
CA LEU C 11 30.36 -2.95 13.86
C LEU C 11 29.97 -1.55 13.42
N THR C 12 30.68 -0.58 13.97
CA THR C 12 30.43 0.82 13.69
C THR C 12 31.60 1.48 12.98
N PHE C 13 31.42 2.72 12.56
CA PHE C 13 32.49 3.43 11.88
C PHE C 13 33.52 3.99 12.86
N GLY C 14 33.13 4.09 14.13
CA GLY C 14 34.00 4.64 15.15
C GLY C 14 33.15 5.56 15.98
N PRO C 15 33.71 6.37 16.88
CA PRO C 15 32.84 7.25 17.66
C PRO C 15 31.83 8.02 16.82
N THR C 16 30.63 8.22 17.35
CA THR C 16 29.58 8.92 16.61
C THR C 16 29.69 10.42 16.85
N PRO C 17 29.41 11.23 15.81
CA PRO C 17 29.48 12.70 15.86
C PRO C 17 28.42 13.45 16.62
N ILE C 18 28.81 14.63 17.08
CA ILE C 18 27.91 15.52 17.82
C ILE C 18 27.76 16.82 17.05
N GLN C 19 26.53 17.12 16.66
CA GLN C 19 26.26 18.31 15.88
C GLN C 19 25.37 19.26 16.65
N PRO C 20 25.58 20.56 16.48
CA PRO C 20 24.73 21.51 17.18
C PRO C 20 23.42 21.63 16.41
N LEU C 21 22.31 21.79 17.10
CA LEU C 21 21.01 21.95 16.45
C LEU C 21 20.68 23.43 16.58
N ALA C 22 21.54 24.25 15.99
CA ALA C 22 21.43 25.70 16.05
C ALA C 22 20.12 26.31 15.56
N ARG C 23 19.59 25.82 14.45
CA ARG C 23 18.34 26.39 13.94
C ARG C 23 17.17 26.06 14.87
N LEU C 24 17.14 24.83 15.36
CA LEU C 24 16.05 24.41 16.25
C LEU C 24 16.21 25.18 17.55
N SER C 25 17.44 25.31 18.03
CA SER C 25 17.70 26.06 19.26
C SER C 25 17.21 27.50 19.12
N LYS C 26 17.66 28.17 18.07
CA LYS C 26 17.27 29.54 17.81
C LYS C 26 15.75 29.63 17.78
N HIS C 27 15.14 28.76 16.99
CA HIS C 27 13.68 28.72 16.83
C HIS C 27 12.88 28.60 18.13
N LEU C 28 13.43 27.92 19.14
CA LEU C 28 12.71 27.74 20.39
C LEU C 28 12.92 28.87 21.39
N GLY C 29 13.87 29.76 21.10
CA GLY C 29 14.12 30.87 22.00
C GLY C 29 15.59 31.21 22.17
N GLY C 30 16.46 30.31 21.72
CA GLY C 30 17.88 30.53 21.84
C GLY C 30 18.37 30.38 23.26
N LYS C 31 17.46 30.29 24.22
CA LYS C 31 17.79 30.16 25.64
C LYS C 31 18.40 28.83 26.08
N VAL C 32 18.31 27.81 25.23
CA VAL C 32 18.86 26.49 25.55
C VAL C 32 19.57 25.97 24.31
N HIS C 33 20.76 25.41 24.50
CA HIS C 33 21.53 24.91 23.37
C HIS C 33 21.43 23.41 23.16
N LEU C 34 20.71 23.05 22.11
CA LEU C 34 20.48 21.67 21.74
C LEU C 34 21.53 21.16 20.77
N TYR C 35 22.00 19.93 21.00
CA TYR C 35 22.99 19.26 20.15
C TYR C 35 22.44 17.86 19.91
N ALA C 36 23.13 17.07 19.09
CA ALA C 36 22.67 15.71 18.82
C ALA C 36 23.84 14.78 18.49
N LYS C 37 23.89 13.62 19.15
CA LYS C 37 24.94 12.65 18.88
C LYS C 37 24.29 11.61 17.98
N ARG C 38 24.80 11.51 16.76
CA ARG C 38 24.23 10.63 15.74
C ARG C 38 24.45 9.12 15.80
N GLU C 39 23.85 8.45 16.79
CA GLU C 39 23.98 6.98 16.87
C GLU C 39 23.31 6.41 15.60
N ASP C 40 22.37 7.17 15.05
CA ASP C 40 21.63 6.77 13.85
C ASP C 40 22.48 6.75 12.58
N CYS C 41 23.69 7.31 12.63
CA CYS C 41 24.58 7.32 11.47
C CYS C 41 25.85 6.58 11.84
N ASN C 42 25.74 5.66 12.79
CA ASN C 42 26.88 4.93 13.29
C ASN C 42 27.40 3.72 12.51
N SER C 43 26.70 3.28 11.48
CA SER C 43 27.19 2.07 10.82
C SER C 43 26.78 1.94 9.34
N GLY C 44 27.49 1.06 8.63
CA GLY C 44 27.20 0.83 7.22
C GLY C 44 26.31 -0.39 7.01
N LEU C 45 25.97 -1.06 8.13
CA LEU C 45 25.11 -2.24 8.10
C LEU C 45 23.67 -1.79 8.26
N ALA C 46 22.98 -1.71 7.11
CA ALA C 46 21.58 -1.33 7.05
C ALA C 46 21.16 -0.16 7.93
N PHE C 47 21.93 0.93 7.85
CA PHE C 47 21.66 2.16 8.62
C PHE C 47 21.98 2.09 10.10
N GLY C 48 22.39 0.91 10.58
CA GLY C 48 22.72 0.76 11.99
C GLY C 48 21.82 1.46 12.98
N GLY C 49 22.41 2.02 14.05
CA GLY C 49 21.62 2.70 15.08
C GLY C 49 22.04 2.25 16.49
N ASN C 50 21.33 2.72 17.52
CA ASN C 50 21.69 2.38 18.91
C ASN C 50 21.86 0.89 19.19
N LYS C 51 21.03 0.04 18.61
CA LYS C 51 21.15 -1.39 18.87
C LYS C 51 22.48 -1.96 18.37
N THR C 52 23.01 -1.36 17.32
CA THR C 52 24.26 -1.84 16.77
C THR C 52 25.42 -1.53 17.73
N ARG C 53 25.30 -0.45 18.49
CA ARG C 53 26.35 -0.14 19.45
C ARG C 53 26.29 -1.28 20.48
N LYS C 54 25.07 -1.55 20.98
CA LYS C 54 24.85 -2.62 21.97
C LYS C 54 25.44 -3.94 21.49
N LEU C 55 25.21 -4.25 20.22
CA LEU C 55 25.68 -5.52 19.65
C LEU C 55 27.19 -5.74 19.62
N GLU C 56 27.98 -4.67 19.57
CA GLU C 56 29.43 -4.86 19.54
C GLU C 56 29.92 -5.67 20.74
N TYR C 57 29.26 -5.51 21.89
CA TYR C 57 29.65 -6.24 23.09
C TYR C 57 29.03 -7.61 23.23
N LEU C 58 28.07 -7.93 22.37
CA LEU C 58 27.46 -9.25 22.44
C LEU C 58 28.10 -10.25 21.48
N ILE C 59 28.51 -9.80 20.29
CA ILE C 59 29.11 -10.67 19.28
C ILE C 59 30.33 -11.48 19.73
N PRO C 60 31.29 -10.85 20.43
CA PRO C 60 32.46 -11.63 20.87
C PRO C 60 31.97 -12.91 21.56
N GLU C 61 31.01 -12.76 22.47
CA GLU C 61 30.49 -13.91 23.19
C GLU C 61 29.89 -14.92 22.23
N ALA C 62 29.06 -14.44 21.31
CA ALA C 62 28.44 -15.34 20.35
C ALA C 62 29.52 -16.10 19.59
N LEU C 63 30.59 -15.38 19.23
CA LEU C 63 31.68 -16.01 18.49
C LEU C 63 32.45 -16.97 19.39
N ALA C 64 32.79 -16.52 20.59
CA ALA C 64 33.53 -17.37 21.51
C ALA C 64 32.78 -18.67 21.77
N GLN C 65 31.45 -18.64 21.76
CA GLN C 65 30.67 -19.86 22.00
C GLN C 65 30.50 -20.69 20.75
N GLY C 66 31.03 -20.21 19.64
CA GLY C 66 30.91 -20.96 18.40
C GLY C 66 29.50 -21.02 17.83
N CYS C 67 28.70 -20.01 18.11
CA CYS C 67 27.34 -19.97 17.57
C CYS C 67 27.43 -19.67 16.07
N ASP C 68 26.45 -20.15 15.31
CA ASP C 68 26.45 -19.91 13.86
C ASP C 68 25.15 -19.26 13.40
N THR C 69 24.28 -18.95 14.36
CA THR C 69 23.00 -18.33 14.06
C THR C 69 22.62 -17.32 15.11
N LEU C 70 22.19 -16.14 14.67
CA LEU C 70 21.73 -15.13 15.62
C LEU C 70 20.20 -15.19 15.59
N VAL C 71 19.60 -15.25 16.77
CA VAL C 71 18.16 -15.32 16.90
C VAL C 71 17.67 -14.12 17.70
N SER C 72 16.71 -13.37 17.16
CA SER C 72 16.18 -12.25 17.93
C SER C 72 14.68 -12.07 17.74
N ILE C 73 14.12 -10.98 18.26
CA ILE C 73 12.67 -10.84 18.25
C ILE C 73 12.27 -9.39 18.36
N GLY C 74 11.09 -9.06 17.87
CA GLY C 74 10.63 -7.68 17.94
C GLY C 74 9.36 -7.49 17.14
N GLY C 75 8.76 -6.31 17.23
CA GLY C 75 7.54 -6.05 16.49
C GLY C 75 7.84 -5.94 14.99
N ILE C 76 6.80 -5.83 14.18
CA ILE C 76 6.96 -5.75 12.74
C ILE C 76 7.99 -4.72 12.22
N GLN C 77 7.94 -3.50 12.77
CA GLN C 77 8.88 -2.46 12.35
C GLN C 77 10.05 -2.29 13.31
N SER C 78 10.36 -3.36 14.03
CA SER C 78 11.47 -3.36 14.97
C SER C 78 12.76 -2.93 14.27
N ASN C 79 13.54 -2.06 14.91
CA ASN C 79 14.81 -1.63 14.35
C ASN C 79 15.83 -2.66 14.78
N GLN C 80 15.58 -3.24 15.95
CA GLN C 80 16.43 -4.24 16.56
C GLN C 80 16.65 -5.43 15.65
N THR C 81 15.57 -6.02 15.14
CA THR C 81 15.71 -7.20 14.31
C THR C 81 16.44 -6.90 12.99
N ARG C 82 16.19 -5.73 12.41
CA ARG C 82 16.88 -5.39 11.17
C ARG C 82 18.40 -5.29 11.41
N GLN C 83 18.80 -4.71 12.54
CA GLN C 83 20.23 -4.61 12.79
C GLN C 83 20.84 -5.97 13.04
N VAL C 84 20.10 -6.86 13.72
CA VAL C 84 20.61 -8.20 13.97
C VAL C 84 20.81 -8.92 12.66
N ALA C 85 19.87 -8.70 11.74
CA ALA C 85 19.96 -9.33 10.43
C ALA C 85 21.21 -8.82 9.66
N ALA C 86 21.46 -7.52 9.71
CA ALA C 86 22.63 -6.99 8.99
C ALA C 86 23.93 -7.48 9.63
N VAL C 87 23.99 -7.45 10.96
CA VAL C 87 25.18 -7.92 11.64
C VAL C 87 25.45 -9.39 11.33
N ALA C 88 24.40 -10.21 11.33
CA ALA C 88 24.55 -11.65 11.04
C ALA C 88 25.14 -11.87 9.67
N ALA C 89 24.54 -11.25 8.66
CA ALA C 89 25.02 -11.40 7.30
C ALA C 89 26.48 -10.96 7.23
N HIS C 90 26.78 -9.84 7.87
CA HIS C 90 28.12 -9.30 7.87
C HIS C 90 29.13 -10.27 8.47
N LEU C 91 28.68 -11.06 9.44
CA LEU C 91 29.58 -11.98 10.11
C LEU C 91 29.60 -13.36 9.50
N GLY C 92 28.69 -13.64 8.58
CA GLY C 92 28.64 -14.95 7.99
C GLY C 92 27.78 -15.90 8.83
N MET C 93 26.92 -15.34 9.68
CA MET C 93 26.01 -16.15 10.49
C MET C 93 24.60 -16.12 9.94
N LYS C 94 23.83 -17.15 10.24
CA LYS C 94 22.43 -17.19 9.82
C LYS C 94 21.65 -16.34 10.81
N CYS C 95 20.37 -16.14 10.55
CA CYS C 95 19.59 -15.29 11.44
C CYS C 95 18.13 -15.67 11.39
N VAL C 96 17.53 -15.82 12.57
CA VAL C 96 16.11 -16.13 12.67
C VAL C 96 15.46 -15.00 13.43
N LEU C 97 14.44 -14.39 12.84
CA LEU C 97 13.76 -13.32 13.52
C LEU C 97 12.30 -13.72 13.80
N VAL C 98 11.95 -13.69 15.10
CA VAL C 98 10.59 -14.01 15.52
C VAL C 98 9.89 -12.68 15.60
N GLN C 99 8.85 -12.50 14.80
CA GLN C 99 8.17 -11.24 14.78
C GLN C 99 6.67 -11.33 14.80
N GLU C 100 6.07 -10.31 15.38
CA GLU C 100 4.62 -10.27 15.49
C GLU C 100 4.22 -8.82 15.59
N ASN C 101 2.98 -8.53 15.22
CA ASN C 101 2.54 -7.15 15.30
C ASN C 101 2.34 -6.75 16.76
N TRP C 102 3.29 -5.99 17.28
CA TRP C 102 3.22 -5.55 18.66
C TRP C 102 2.55 -4.19 18.82
N VAL C 103 1.89 -3.72 17.77
CA VAL C 103 1.24 -2.42 17.82
C VAL C 103 -0.19 -2.56 17.33
N ASN C 104 -1.09 -1.75 17.90
CA ASN C 104 -2.49 -1.78 17.47
C ASN C 104 -2.51 -0.83 16.27
N TYR C 105 -1.95 -1.34 15.18
CA TYR C 105 -1.81 -0.58 13.95
C TYR C 105 -1.92 -1.56 12.81
N SER C 106 -2.36 -1.10 11.66
CA SER C 106 -2.53 -2.03 10.53
C SER C 106 -2.46 -1.41 9.15
N ASP C 107 -1.33 -0.78 8.86
CA ASP C 107 -1.14 -0.15 7.56
C ASP C 107 -0.95 -1.23 6.50
N ALA C 108 -1.48 -0.96 5.30
CA ALA C 108 -1.43 -1.89 4.19
C ALA C 108 -0.06 -2.49 3.83
N VAL C 109 1.02 -1.73 3.97
CA VAL C 109 2.34 -2.26 3.62
C VAL C 109 3.25 -2.33 4.84
N TYR C 110 2.64 -2.33 6.01
CA TYR C 110 3.37 -2.35 7.28
C TYR C 110 4.42 -3.45 7.40
N ASP C 111 4.08 -4.65 6.91
CA ASP C 111 4.99 -5.79 7.00
C ASP C 111 5.82 -6.02 5.75
N ARG C 112 5.92 -5.00 4.89
CA ARG C 112 6.65 -5.18 3.65
C ARG C 112 7.51 -3.99 3.22
N VAL C 113 7.68 -3.04 4.13
CA VAL C 113 8.54 -1.89 3.86
C VAL C 113 9.42 -1.66 5.07
N GLY C 114 10.23 -0.61 5.00
CA GLY C 114 11.08 -0.26 6.12
C GLY C 114 12.00 -1.32 6.67
N ASN C 115 11.94 -1.52 7.98
CA ASN C 115 12.82 -2.47 8.65
C ASN C 115 12.72 -3.93 8.25
N ILE C 116 11.51 -4.47 8.24
CA ILE C 116 11.30 -5.87 7.93
C ILE C 116 11.69 -6.17 6.47
N GLN C 117 11.41 -5.22 5.58
CA GLN C 117 11.81 -5.42 4.16
C GLN C 117 13.32 -5.68 4.12
N MET C 118 14.09 -4.83 4.81
CA MET C 118 15.53 -5.02 4.82
C MET C 118 15.95 -6.37 5.42
N SER C 119 15.37 -6.78 6.56
CA SER C 119 15.73 -8.06 7.16
C SER C 119 15.61 -9.20 6.13
N ARG C 120 14.51 -9.22 5.39
CA ARG C 120 14.34 -10.26 4.38
C ARG C 120 15.41 -10.17 3.30
N ILE C 121 15.69 -8.97 2.79
CA ILE C 121 16.70 -8.85 1.73
C ILE C 121 18.04 -9.33 2.31
N LEU C 122 18.29 -8.96 3.57
CA LEU C 122 19.51 -9.37 4.27
C LEU C 122 19.62 -10.87 4.52
N GLY C 123 18.63 -11.64 4.06
CA GLY C 123 18.69 -13.09 4.21
C GLY C 123 18.23 -13.69 5.54
N ALA C 124 17.59 -12.90 6.39
CA ALA C 124 17.13 -13.42 7.68
C ALA C 124 15.85 -14.23 7.47
N ASP C 125 15.63 -15.17 8.36
CA ASP C 125 14.43 -16.02 8.30
C ASP C 125 13.44 -15.26 9.17
N VAL C 126 12.58 -14.47 8.55
CA VAL C 126 11.59 -13.66 9.24
C VAL C 126 10.30 -14.45 9.50
N ARG C 127 10.13 -14.86 10.76
CA ARG C 127 8.97 -15.65 11.19
C ARG C 127 7.90 -14.73 11.78
N LEU C 128 7.03 -14.28 10.88
CA LEU C 128 5.98 -13.36 11.24
C LEU C 128 4.73 -14.18 11.41
N VAL C 129 4.17 -14.14 12.62
CA VAL C 129 2.95 -14.88 12.92
C VAL C 129 1.70 -14.04 12.64
N PRO C 130 0.54 -14.68 12.38
CA PRO C 130 -0.73 -14.00 12.09
C PRO C 130 -1.32 -13.43 13.38
N ASP C 131 -2.28 -12.51 13.26
CA ASP C 131 -2.90 -11.93 14.44
C ASP C 131 -3.52 -13.03 15.28
N GLY C 132 -3.52 -12.84 16.59
CA GLY C 132 -4.09 -13.84 17.49
C GLY C 132 -3.10 -14.92 17.89
N PHE C 133 -2.03 -15.07 17.10
CA PHE C 133 -1.03 -16.08 17.38
C PHE C 133 -0.48 -15.92 18.79
N ASP C 134 0.14 -14.78 19.05
CA ASP C 134 0.72 -14.48 20.36
C ASP C 134 1.98 -15.32 20.57
N ILE C 135 3.11 -14.74 20.19
CA ILE C 135 4.41 -15.39 20.31
C ILE C 135 4.78 -15.48 21.79
N GLY C 136 4.42 -14.43 22.55
CA GLY C 136 4.71 -14.41 23.97
C GLY C 136 3.94 -15.48 24.73
N PHE C 137 2.74 -15.79 24.26
CA PHE C 137 1.89 -16.81 24.88
C PHE C 137 2.46 -18.19 24.58
N ARG C 138 2.53 -18.53 23.30
CA ARG C 138 3.04 -19.83 22.89
C ARG C 138 4.53 -20.05 23.21
N ARG C 139 5.27 -18.96 23.36
CA ARG C 139 6.70 -19.03 23.62
C ARG C 139 7.42 -19.35 22.32
N SER C 140 7.02 -18.68 21.24
CA SER C 140 7.64 -18.89 19.94
C SER C 140 9.14 -18.64 20.00
N TRP C 141 9.54 -17.74 20.92
CA TRP C 141 10.94 -17.41 21.14
C TRP C 141 11.75 -18.68 21.32
N GLU C 142 11.36 -19.50 22.28
CA GLU C 142 12.05 -20.76 22.58
C GLU C 142 12.01 -21.78 21.44
N ASP C 143 10.87 -21.87 20.75
CA ASP C 143 10.77 -22.80 19.64
C ASP C 143 11.76 -22.43 18.54
N ALA C 144 11.91 -21.13 18.30
CA ALA C 144 12.85 -20.65 17.31
C ALA C 144 14.23 -21.14 17.74
N LEU C 145 14.59 -20.92 19.00
CA LEU C 145 15.89 -21.38 19.48
C LEU C 145 16.12 -22.88 19.25
N GLU C 146 15.13 -23.72 19.55
CA GLU C 146 15.26 -25.16 19.37
C GLU C 146 15.31 -25.57 17.90
N SER C 147 14.51 -24.89 17.07
CA SER C 147 14.48 -25.18 15.64
C SER C 147 15.88 -25.05 15.01
N VAL C 148 16.67 -24.11 15.52
CA VAL C 148 18.02 -23.90 15.01
C VAL C 148 18.85 -25.12 15.39
N ARG C 149 18.72 -25.51 16.66
CA ARG C 149 19.44 -26.67 17.17
C ARG C 149 19.01 -27.89 16.37
N ALA C 150 17.73 -28.24 16.47
CA ALA C 150 17.18 -29.39 15.75
C ALA C 150 17.66 -29.39 14.30
N ALA C 151 17.91 -28.20 13.76
CA ALA C 151 18.35 -28.07 12.38
C ALA C 151 19.85 -28.33 12.22
N GLY C 152 20.59 -28.31 13.31
CA GLY C 152 22.02 -28.56 13.24
C GLY C 152 22.87 -27.31 13.40
N GLY C 153 22.29 -26.25 13.96
CA GLY C 153 23.06 -25.03 14.15
C GLY C 153 23.17 -24.72 15.63
N LYS C 154 23.91 -23.69 15.98
CA LYS C 154 24.03 -23.30 17.38
C LYS C 154 23.61 -21.84 17.49
N PRO C 155 22.40 -21.62 17.99
CA PRO C 155 21.84 -20.28 18.15
C PRO C 155 22.40 -19.41 19.25
N TYR C 156 22.50 -18.11 18.97
CA TYR C 156 22.93 -17.19 19.99
C TYR C 156 21.67 -16.34 20.24
N ALA C 157 21.16 -16.41 21.46
CA ALA C 157 19.94 -15.72 21.86
C ALA C 157 20.09 -14.23 22.14
N ILE C 158 19.38 -13.41 21.37
CA ILE C 158 19.42 -11.98 21.59
C ILE C 158 18.01 -11.51 21.90
N PRO C 159 17.74 -11.21 23.18
CA PRO C 159 16.43 -10.75 23.68
C PRO C 159 15.98 -9.45 23.05
N ALA C 160 14.69 -9.16 23.20
CA ALA C 160 14.13 -7.93 22.67
C ALA C 160 15.05 -6.74 22.99
N GLY C 161 15.37 -5.96 21.95
CA GLY C 161 16.22 -4.80 22.08
C GLY C 161 17.59 -4.98 22.69
N CYS C 162 18.07 -6.21 22.78
CA CYS C 162 19.37 -6.51 23.39
C CYS C 162 19.42 -6.14 24.86
N SER C 163 18.36 -5.52 25.36
CA SER C 163 18.35 -5.05 26.73
C SER C 163 18.51 -6.01 27.89
N ASP C 164 17.56 -6.92 28.07
CA ASP C 164 17.64 -7.86 29.19
C ASP C 164 18.57 -9.03 28.91
N HIS C 165 19.84 -8.74 28.76
CA HIS C 165 20.88 -9.72 28.47
C HIS C 165 22.07 -9.24 29.31
N PRO C 166 22.91 -10.18 29.79
CA PRO C 166 24.07 -9.80 30.61
C PRO C 166 24.99 -8.74 30.02
N LEU C 167 25.14 -8.72 28.70
CA LEU C 167 26.04 -7.75 28.08
C LEU C 167 25.36 -6.52 27.43
N GLY C 168 24.03 -6.51 27.44
CA GLY C 168 23.27 -5.44 26.81
C GLY C 168 23.35 -4.00 27.29
N GLY C 169 23.97 -3.76 28.43
CA GLY C 169 24.08 -2.40 28.91
C GLY C 169 25.48 -1.87 28.68
N LEU C 170 26.40 -2.74 28.27
CA LEU C 170 27.79 -2.37 28.05
C LEU C 170 27.95 -1.30 26.96
N GLY C 171 27.34 -1.56 25.81
CA GLY C 171 27.44 -0.62 24.72
C GLY C 171 27.25 0.81 25.14
N PHE C 172 26.18 1.10 25.86
CA PHE C 172 26.02 2.49 26.21
C PHE C 172 26.78 3.02 27.40
N VAL C 173 27.57 2.17 28.03
CA VAL C 173 28.42 2.64 29.11
C VAL C 173 29.49 3.37 28.25
N GLY C 174 29.95 2.68 27.20
CA GLY C 174 30.93 3.25 26.29
C GLY C 174 30.49 4.60 25.73
N PHE C 175 29.19 4.79 25.55
CA PHE C 175 28.65 6.04 25.03
C PHE C 175 28.93 7.23 25.95
N ALA C 176 28.81 7.01 27.27
CA ALA C 176 29.07 8.09 28.21
C ALA C 176 30.57 8.40 28.13
N GLU C 177 31.35 7.33 27.95
CA GLU C 177 32.80 7.38 27.81
C GLU C 177 33.14 8.31 26.63
N GLU C 178 32.62 7.96 25.45
CA GLU C 178 32.81 8.75 24.24
C GLU C 178 32.45 10.19 24.53
N VAL C 179 31.28 10.39 25.11
CA VAL C 179 30.87 11.75 25.38
C VAL C 179 31.89 12.54 26.20
N ARG C 180 32.50 11.91 27.20
CA ARG C 180 33.47 12.59 28.02
C ARG C 180 34.60 13.10 27.14
N ALA C 181 35.20 12.18 26.40
CA ALA C 181 36.29 12.53 25.48
C ALA C 181 35.88 13.76 24.64
N GLN C 182 34.78 13.64 23.92
CA GLN C 182 34.33 14.73 23.09
C GLN C 182 34.07 16.02 23.90
N GLU C 183 33.68 15.89 25.16
CA GLU C 183 33.44 17.09 25.94
C GLU C 183 34.80 17.72 26.21
N ALA C 184 35.82 16.86 26.21
CA ALA C 184 37.20 17.26 26.47
C ALA C 184 37.75 18.08 25.31
N GLU C 185 37.02 18.12 24.21
CA GLU C 185 37.46 18.89 23.06
C GLU C 185 36.64 20.17 23.01
N LEU C 186 35.35 20.04 23.31
CA LEU C 186 34.44 21.17 23.33
C LEU C 186 34.79 22.14 24.43
N GLY C 187 35.42 21.63 25.49
CA GLY C 187 35.79 22.48 26.60
C GLY C 187 34.62 22.77 27.52
N PHE C 188 33.57 21.96 27.42
CA PHE C 188 32.41 22.11 28.29
C PHE C 188 31.67 20.77 28.44
N LYS C 189 30.86 20.70 29.50
CA LYS C 189 30.10 19.49 29.79
C LYS C 189 28.64 19.73 29.48
N PHE C 190 28.01 18.74 28.89
CA PHE C 190 26.59 18.86 28.59
C PHE C 190 25.86 18.77 29.92
N ASP C 191 24.88 19.64 30.12
CA ASP C 191 24.11 19.66 31.36
C ASP C 191 23.06 18.56 31.42
N TYR C 192 22.63 18.08 30.26
CA TYR C 192 21.63 17.01 30.20
C TYR C 192 21.76 16.19 28.92
N VAL C 193 21.12 15.03 28.93
CA VAL C 193 21.10 14.15 27.77
C VAL C 193 19.66 13.73 27.64
N VAL C 194 19.16 13.64 26.42
CA VAL C 194 17.80 13.20 26.21
C VAL C 194 17.87 11.92 25.39
N VAL C 195 17.23 10.86 25.90
CA VAL C 195 17.27 9.58 25.26
C VAL C 195 15.92 8.88 25.33
N CYS C 196 15.52 8.26 24.22
CA CYS C 196 14.25 7.53 24.14
C CYS C 196 14.41 6.18 24.80
N SER C 197 13.44 5.79 25.62
CA SER C 197 13.55 4.48 26.29
C SER C 197 12.34 3.58 26.15
N VAL C 198 12.60 2.31 25.81
CA VAL C 198 11.54 1.34 25.72
C VAL C 198 11.96 0.03 26.39
N THR C 199 12.95 -0.70 25.85
CA THR C 199 13.33 -1.95 26.53
C THR C 199 14.39 -1.66 27.59
N GLY C 200 14.90 -0.43 27.56
CA GLY C 200 15.79 0.07 28.59
C GLY C 200 17.29 0.00 28.74
N SER C 201 17.99 -0.88 28.03
CA SER C 201 19.43 -0.94 28.26
C SER C 201 20.21 0.19 27.59
N THR C 202 19.53 1.03 26.81
CA THR C 202 20.23 2.16 26.18
C THR C 202 20.46 3.11 27.34
N GLN C 203 19.35 3.63 27.90
CA GLN C 203 19.41 4.55 29.02
C GLN C 203 20.18 3.91 30.17
N ALA C 204 20.02 2.60 30.37
CA ALA C 204 20.71 1.91 31.46
C ALA C 204 22.22 2.04 31.34
N GLY C 205 22.74 1.82 30.13
CA GLY C 205 24.17 1.93 29.92
C GLY C 205 24.60 3.35 30.24
N MET C 206 23.83 4.30 29.74
CA MET C 206 24.15 5.69 29.98
C MET C 206 24.15 6.05 31.47
N VAL C 207 23.17 5.52 32.21
CA VAL C 207 23.07 5.82 33.63
C VAL C 207 24.34 5.35 34.32
N VAL C 208 24.76 4.14 34.01
CA VAL C 208 25.97 3.57 34.58
C VAL C 208 27.14 4.45 34.14
N GLY C 209 27.20 4.73 32.84
CA GLY C 209 28.27 5.54 32.29
C GLY C 209 28.42 6.91 32.92
N PHE C 210 27.33 7.66 33.05
CA PHE C 210 27.40 8.99 33.64
C PHE C 210 27.40 9.00 35.17
N ALA C 211 27.03 7.86 35.76
CA ALA C 211 27.04 7.76 37.22
C ALA C 211 28.50 7.93 37.63
N ALA C 212 29.40 7.32 36.85
CA ALA C 212 30.83 7.36 37.09
C ALA C 212 31.38 8.78 37.24
N ASP C 213 30.71 9.79 36.70
CA ASP C 213 31.17 11.15 36.88
C ASP C 213 30.08 12.03 37.48
N GLY C 214 29.10 11.38 38.12
CA GLY C 214 28.01 12.09 38.79
C GLY C 214 26.89 12.75 38.01
N ARG C 215 26.61 12.26 36.80
CA ARG C 215 25.54 12.87 36.02
C ARG C 215 24.39 11.93 35.65
N ALA C 216 24.28 10.81 36.35
CA ALA C 216 23.24 9.83 36.07
C ALA C 216 21.88 10.50 35.97
N ASP C 217 21.58 11.34 36.94
CA ASP C 217 20.30 12.02 36.97
C ASP C 217 20.19 13.13 35.92
N ARG C 218 21.21 13.23 35.08
CA ARG C 218 21.18 14.21 34.00
C ARG C 218 20.75 13.49 32.71
N VAL C 219 20.65 12.15 32.76
CA VAL C 219 20.20 11.35 31.63
C VAL C 219 18.69 11.39 31.70
N ILE C 220 18.09 12.26 30.89
CA ILE C 220 16.65 12.41 30.89
C ILE C 220 16.01 11.45 29.89
N GLY C 221 15.58 10.29 30.38
CA GLY C 221 14.96 9.31 29.50
C GLY C 221 13.57 9.77 29.19
N VAL C 222 13.13 9.53 27.96
CA VAL C 222 11.77 9.87 27.53
C VAL C 222 11.10 8.55 27.15
N ASP C 223 10.08 8.19 27.91
CA ASP C 223 9.39 6.93 27.68
C ASP C 223 8.66 6.84 26.33
N ALA C 224 8.87 5.75 25.61
CA ALA C 224 8.18 5.56 24.34
C ALA C 224 7.32 4.29 24.40
N SER C 225 7.29 3.65 25.58
CA SER C 225 6.55 2.43 25.77
C SER C 225 5.08 2.62 26.12
N ALA C 226 4.77 3.74 26.76
CA ALA C 226 3.40 3.99 27.19
C ALA C 226 3.11 3.04 28.36
N LYS C 227 4.16 2.39 28.87
CA LYS C 227 4.07 1.49 30.03
C LYS C 227 5.30 1.90 30.84
N PRO C 228 5.30 3.15 31.33
CA PRO C 228 6.39 3.75 32.11
C PRO C 228 6.92 3.02 33.34
N ALA C 229 6.02 2.48 34.15
CA ALA C 229 6.44 1.77 35.34
C ALA C 229 7.32 0.60 34.97
N GLN C 230 6.86 -0.25 34.05
CA GLN C 230 7.66 -1.39 33.67
C GLN C 230 8.97 -0.96 33.03
N THR C 231 8.93 0.07 32.19
CA THR C 231 10.14 0.54 31.54
C THR C 231 11.14 1.08 32.59
N ARG C 232 10.64 1.96 33.45
CA ARG C 232 11.45 2.55 34.50
C ARG C 232 12.14 1.48 35.31
N GLU C 233 11.38 0.46 35.68
CA GLU C 233 11.94 -0.63 36.48
C GLU C 233 12.96 -1.46 35.70
N GLN C 234 12.75 -1.61 34.39
CA GLN C 234 13.69 -2.38 33.58
C GLN C 234 15.03 -1.65 33.46
N ILE C 235 14.96 -0.33 33.35
CA ILE C 235 16.17 0.48 33.21
C ILE C 235 17.01 0.37 34.51
N THR C 236 16.35 0.62 35.62
CA THR C 236 16.98 0.57 36.94
C THR C 236 17.66 -0.77 37.16
N ARG C 237 16.92 -1.84 36.88
CA ARG C 237 17.47 -3.18 37.07
C ARG C 237 18.67 -3.45 36.17
N ILE C 238 18.51 -3.13 34.89
CA ILE C 238 19.60 -3.37 33.95
C ILE C 238 20.80 -2.52 34.34
N ALA C 239 20.54 -1.29 34.78
CA ALA C 239 21.61 -0.40 35.20
C ALA C 239 22.39 -1.04 36.36
N ARG C 240 21.69 -1.41 37.44
CA ARG C 240 22.33 -2.02 38.59
C ARG C 240 23.14 -3.25 38.20
N GLN C 241 22.57 -4.12 37.38
CA GLN C 241 23.31 -5.30 36.95
C GLN C 241 24.56 -4.93 36.14
N THR C 242 24.43 -3.94 35.27
CA THR C 242 25.55 -3.50 34.44
C THR C 242 26.59 -2.79 35.28
N ALA C 243 26.14 -1.96 36.21
CA ALA C 243 27.09 -1.25 37.08
C ALA C 243 27.99 -2.29 37.72
N GLU C 244 27.37 -3.30 38.33
CA GLU C 244 28.15 -4.36 38.97
C GLU C 244 29.09 -5.03 37.99
N LYS C 245 28.59 -5.29 36.79
CA LYS C 245 29.36 -5.93 35.74
C LYS C 245 30.63 -5.14 35.38
N VAL C 246 30.50 -3.82 35.28
CA VAL C 246 31.64 -2.96 34.88
C VAL C 246 32.45 -2.38 36.04
N GLY C 247 32.14 -2.80 37.27
CA GLY C 247 32.87 -2.32 38.42
C GLY C 247 32.57 -0.91 38.89
N LEU C 248 31.40 -0.39 38.59
CA LEU C 248 31.05 0.94 39.05
C LEU C 248 31.17 0.85 40.57
N GLU C 249 31.80 1.82 41.20
CA GLU C 249 31.92 1.77 42.66
C GLU C 249 30.79 2.57 43.27
N ARG C 250 29.57 2.26 42.86
CA ARG C 250 28.41 2.98 43.34
C ARG C 250 27.14 2.15 43.27
N ASP C 251 26.16 2.55 44.06
CA ASP C 251 24.89 1.87 44.02
C ASP C 251 23.98 2.83 43.29
N ILE C 252 23.43 2.38 42.17
CA ILE C 252 22.53 3.21 41.39
C ILE C 252 21.29 3.39 42.26
N MET C 253 20.99 4.65 42.58
CA MET C 253 19.83 5.03 43.38
C MET C 253 18.62 5.14 42.48
N ARG C 254 17.43 4.93 43.06
CA ARG C 254 16.21 5.06 42.31
C ARG C 254 16.22 6.45 41.67
N ALA C 255 16.83 7.40 42.38
CA ALA C 255 16.91 8.78 41.92
C ALA C 255 17.81 9.01 40.71
N ASP C 256 18.67 8.05 40.38
CA ASP C 256 19.55 8.18 39.23
C ASP C 256 18.84 7.90 37.89
N VAL C 257 17.69 7.25 37.96
CA VAL C 257 16.94 6.91 36.77
C VAL C 257 15.81 7.88 36.53
N VAL C 258 15.95 8.70 35.49
CA VAL C 258 14.92 9.66 35.16
C VAL C 258 14.22 9.23 33.88
N LEU C 259 12.91 9.06 33.95
CA LEU C 259 12.12 8.66 32.79
C LEU C 259 10.88 9.52 32.73
N ASP C 260 10.85 10.49 31.82
CA ASP C 260 9.67 11.37 31.69
C ASP C 260 8.56 10.54 31.01
N GLU C 261 7.32 10.72 31.45
CA GLU C 261 6.21 9.92 30.91
C GLU C 261 5.27 10.67 30.01
N ARG C 262 5.44 11.98 29.96
CA ARG C 262 4.52 12.82 29.20
C ARG C 262 4.44 12.74 27.67
N PHE C 263 5.40 12.09 27.03
CA PHE C 263 5.36 12.07 25.57
C PHE C 263 5.21 10.72 24.87
N ALA C 264 4.87 9.69 25.63
CA ALA C 264 4.76 8.33 25.10
C ALA C 264 3.44 7.94 24.43
N GLY C 265 2.42 8.76 24.60
CA GLY C 265 1.10 8.41 24.08
C GLY C 265 0.84 8.40 22.59
N PRO C 266 -0.26 7.75 22.17
CA PRO C 266 -1.21 7.04 23.05
C PRO C 266 -0.80 5.64 23.45
N GLU C 267 0.06 5.02 22.65
CA GLU C 267 0.52 3.66 22.92
C GLU C 267 1.87 3.50 22.25
N TYR C 268 2.53 2.39 22.54
CA TYR C 268 3.78 2.11 21.88
C TYR C 268 3.43 1.95 20.40
N GLY C 269 4.22 2.54 19.51
CA GLY C 269 4.00 2.42 18.10
C GLY C 269 3.05 3.42 17.47
N LEU C 270 2.44 4.27 18.27
CA LEU C 270 1.51 5.24 17.71
C LEU C 270 1.95 6.63 18.06
N PRO C 271 2.00 7.53 17.06
CA PRO C 271 2.44 8.89 17.36
C PRO C 271 1.25 9.72 17.83
N ASN C 272 1.50 10.77 18.61
CA ASN C 272 0.39 11.67 18.98
C ASN C 272 0.59 12.90 18.07
N GLU C 273 -0.35 13.85 18.06
CA GLU C 273 -0.20 15.04 17.21
C GLU C 273 1.06 15.80 17.59
N GLY C 274 1.50 15.64 18.83
CA GLY C 274 2.69 16.30 19.28
C GLY C 274 3.92 15.67 18.64
N THR C 275 3.90 14.34 18.56
CA THR C 275 5.03 13.61 17.94
C THR C 275 5.23 14.10 16.51
N LEU C 276 4.13 14.24 15.79
CA LEU C 276 4.18 14.68 14.40
C LEU C 276 4.74 16.09 14.26
N GLU C 277 4.23 17.04 15.06
CA GLU C 277 4.75 18.40 14.97
C GLU C 277 6.24 18.40 15.27
N ALA C 278 6.65 17.57 16.23
CA ALA C 278 8.05 17.47 16.61
C ALA C 278 8.95 16.96 15.47
N ILE C 279 8.52 15.89 14.80
CA ILE C 279 9.25 15.31 13.69
C ILE C 279 9.41 16.36 12.59
N ARG C 280 8.30 17.01 12.25
CA ARG C 280 8.30 18.04 11.22
C ARG C 280 9.14 19.26 11.56
N LEU C 281 9.06 19.72 12.81
CA LEU C 281 9.83 20.90 13.21
C LEU C 281 11.31 20.59 13.18
N CYS C 282 11.69 19.44 13.70
CA CYS C 282 13.11 19.09 13.72
C CYS C 282 13.64 18.88 12.30
N ALA C 283 12.83 18.25 11.46
CA ALA C 283 13.22 18.00 10.08
C ALA C 283 13.36 19.32 9.29
N ARG C 284 12.39 20.21 9.47
CA ARG C 284 12.39 21.47 8.74
C ARG C 284 13.35 22.53 9.24
N THR C 285 14.00 22.30 10.38
CA THR C 285 14.96 23.27 10.88
C THR C 285 16.36 22.72 10.75
N GLU C 286 16.51 21.40 10.89
CA GLU C 286 17.84 20.79 10.82
C GLU C 286 18.12 19.78 9.70
N GLY C 287 17.09 19.37 8.96
CA GLY C 287 17.29 18.38 7.91
C GLY C 287 17.56 17.02 8.55
N MET C 288 17.21 16.91 9.83
CA MET C 288 17.40 15.67 10.59
C MET C 288 16.02 15.01 10.80
N LEU C 289 15.88 13.81 10.27
CA LEU C 289 14.61 13.07 10.39
C LEU C 289 14.55 12.25 11.68
N THR C 290 13.35 12.04 12.21
CA THR C 290 13.12 11.21 13.41
C THR C 290 11.82 10.44 13.08
N ASP C 291 11.48 9.39 13.84
CA ASP C 291 10.30 8.58 13.52
C ASP C 291 9.10 8.67 14.44
N PRO C 292 7.94 8.15 13.99
CA PRO C 292 6.69 8.17 14.77
C PRO C 292 6.72 7.27 16.01
N VAL C 293 7.66 6.33 16.07
CA VAL C 293 7.67 5.40 17.19
C VAL C 293 8.62 5.72 18.35
N TYR C 294 9.87 6.03 18.03
CA TYR C 294 10.86 6.29 19.08
C TYR C 294 11.40 7.73 19.11
N GLU C 295 12.37 8.00 18.24
CA GLU C 295 13.01 9.31 18.23
C GLU C 295 12.05 10.50 18.15
N GLY C 296 10.99 10.40 17.37
CA GLY C 296 10.06 11.52 17.30
C GLY C 296 9.45 11.84 18.66
N LYS C 297 9.31 10.84 19.53
CA LYS C 297 8.71 11.06 20.84
C LYS C 297 9.69 11.77 21.80
N SER C 298 10.96 11.35 21.81
CA SER C 298 11.93 12.03 22.66
C SER C 298 12.20 13.44 22.11
N MET C 299 12.13 13.62 20.78
CA MET C 299 12.36 14.94 20.19
C MET C 299 11.21 15.82 20.66
N HIS C 300 10.00 15.27 20.65
CA HIS C 300 8.84 16.02 21.12
C HIS C 300 9.12 16.37 22.60
N GLY C 301 9.78 15.47 23.31
CA GLY C 301 10.07 15.68 24.71
C GLY C 301 11.03 16.83 24.93
N MET C 302 12.20 16.76 24.30
CA MET C 302 13.19 17.80 24.42
C MET C 302 12.61 19.17 24.10
N ILE C 303 11.92 19.25 22.96
CA ILE C 303 11.33 20.50 22.51
C ILE C 303 10.36 21.10 23.53
N GLU C 304 9.46 20.27 24.03
CA GLU C 304 8.46 20.66 25.01
C GLU C 304 9.14 21.09 26.33
N MET C 305 10.19 20.37 26.71
CA MET C 305 10.95 20.68 27.91
C MET C 305 11.60 22.05 27.80
N VAL C 306 12.11 22.38 26.62
CA VAL C 306 12.73 23.68 26.38
C VAL C 306 11.63 24.75 26.34
N ARG C 307 10.62 24.53 25.52
CA ARG C 307 9.54 25.49 25.40
C ARG C 307 8.97 25.81 26.77
N ASN C 308 8.87 24.79 27.62
CA ASN C 308 8.33 24.97 28.96
C ASN C 308 9.32 25.61 29.92
N GLY C 309 10.58 25.72 29.49
CA GLY C 309 11.59 26.32 30.33
C GLY C 309 12.08 25.41 31.44
N GLU C 310 11.89 24.11 31.25
CA GLU C 310 12.30 23.14 32.26
C GLU C 310 13.81 23.01 32.25
N PHE C 311 14.44 23.58 31.23
CA PHE C 311 15.89 23.57 31.13
C PHE C 311 16.37 24.97 31.55
N PRO C 312 17.32 25.02 32.49
CA PRO C 312 17.84 26.31 32.96
C PRO C 312 18.41 27.09 31.77
N GLU C 313 18.14 28.38 31.70
CA GLU C 313 18.67 29.18 30.60
C GLU C 313 20.15 28.89 30.47
N GLY C 314 20.71 28.97 29.27
CA GLY C 314 22.13 28.69 29.11
C GLY C 314 22.51 27.21 29.08
N SER C 315 21.57 26.34 29.46
CA SER C 315 21.84 24.90 29.46
C SER C 315 22.19 24.34 28.07
N ARG C 316 23.03 23.30 28.06
CA ARG C 316 23.40 22.64 26.83
C ARG C 316 22.81 21.23 26.94
N VAL C 317 21.94 20.86 26.00
CA VAL C 317 21.29 19.56 26.00
C VAL C 317 21.78 18.68 24.83
N LEU C 318 22.25 17.48 25.13
CA LEU C 318 22.71 16.57 24.09
C LEU C 318 21.66 15.50 23.71
N TYR C 319 20.99 15.68 22.57
CA TYR C 319 19.98 14.74 22.09
C TYR C 319 20.64 13.51 21.46
N ALA C 320 20.38 12.34 22.01
CA ALA C 320 20.92 11.10 21.48
C ALA C 320 19.97 10.56 20.41
N HIS C 321 20.40 10.55 19.14
CA HIS C 321 19.56 10.06 18.07
C HIS C 321 19.86 8.58 17.88
N LEU C 322 18.94 7.75 18.36
CA LEU C 322 19.10 6.31 18.33
C LEU C 322 18.85 5.59 17.01
N GLY C 323 18.26 6.28 16.04
CA GLY C 323 17.99 5.68 14.73
C GLY C 323 16.51 5.60 14.47
N GLY C 324 16.08 4.47 13.89
CA GLY C 324 14.66 4.22 13.67
C GLY C 324 13.95 4.86 12.51
N VAL C 325 14.67 5.71 11.77
CA VAL C 325 14.05 6.42 10.66
C VAL C 325 13.36 5.55 9.60
N PRO C 326 13.93 4.39 9.25
CA PRO C 326 13.28 3.55 8.24
C PRO C 326 11.81 3.20 8.54
N ALA C 327 11.40 3.27 9.80
CA ALA C 327 10.03 2.93 10.17
C ALA C 327 8.98 3.88 9.62
N LEU C 328 9.43 5.05 9.14
CA LEU C 328 8.53 6.04 8.57
C LEU C 328 7.76 5.46 7.37
N ASN C 329 8.36 4.50 6.68
CA ASN C 329 7.73 3.92 5.51
C ASN C 329 6.42 3.24 5.85
N GLY C 330 6.29 2.79 7.09
CA GLY C 330 5.08 2.12 7.51
C GLY C 330 4.00 3.09 7.97
N TYR C 331 4.26 4.39 7.86
CA TYR C 331 3.28 5.41 8.27
C TYR C 331 3.14 6.45 7.16
N SER C 332 3.08 5.98 5.92
CA SER C 332 2.98 6.89 4.78
C SER C 332 1.69 7.73 4.71
N PHE C 333 0.57 7.19 5.16
CA PHE C 333 -0.66 7.96 5.05
C PHE C 333 -0.62 9.24 5.88
N ILE C 334 -0.03 9.13 7.07
CA ILE C 334 0.10 10.25 7.99
C ILE C 334 0.97 11.36 7.40
N PHE C 335 1.95 10.98 6.61
CA PHE C 335 2.84 11.99 6.05
C PHE C 335 2.61 12.25 4.57
N ARG C 336 1.44 11.88 4.06
CA ARG C 336 1.16 12.07 2.64
C ARG C 336 1.28 13.50 2.14
N ASP C 337 1.05 14.48 2.99
CA ASP C 337 1.19 15.90 2.62
C ASP C 337 2.32 16.51 3.47
N GLY C 338 3.21 15.68 3.98
CA GLY C 338 4.29 16.17 4.79
C GLY C 338 4.07 15.87 6.25
N MET D 1 46.17 20.15 -11.45
CA MET D 1 44.89 20.91 -11.34
C MET D 1 44.80 21.61 -10.00
N ASN D 2 43.77 22.45 -9.83
CA ASN D 2 43.57 23.17 -8.59
C ASN D 2 42.09 23.20 -8.18
N LEU D 3 41.66 22.20 -7.42
CA LEU D 3 40.27 22.12 -6.97
C LEU D 3 40.06 23.10 -5.83
N GLN D 4 41.06 23.20 -4.96
CA GLN D 4 41.01 24.09 -3.79
C GLN D 4 40.52 25.50 -4.13
N ARG D 5 40.63 25.87 -5.39
CA ARG D 5 40.19 27.18 -5.82
C ARG D 5 38.74 27.41 -5.42
N PHE D 6 37.94 26.35 -5.51
CA PHE D 6 36.52 26.48 -5.20
C PHE D 6 36.14 26.14 -3.78
N PRO D 7 35.23 26.92 -3.20
CA PRO D 7 34.72 26.79 -1.84
C PRO D 7 33.73 25.62 -1.70
N ARG D 8 33.94 24.80 -0.67
CA ARG D 8 33.12 23.63 -0.37
C ARG D 8 32.35 23.82 0.92
N TYR D 9 31.03 23.84 0.85
CA TYR D 9 30.21 23.99 2.05
C TYR D 9 30.04 22.61 2.70
N PRO D 10 30.44 22.46 3.98
CA PRO D 10 30.33 21.16 4.67
C PRO D 10 28.89 20.69 4.87
N LEU D 11 28.60 19.52 4.31
CA LEU D 11 27.26 18.93 4.44
C LEU D 11 27.41 17.46 4.80
N THR D 12 28.67 17.03 4.91
CA THR D 12 29.01 15.66 5.20
C THR D 12 29.77 15.57 6.54
N PHE D 13 29.98 14.37 7.05
CA PHE D 13 30.69 14.23 8.32
C PHE D 13 32.20 14.36 8.08
N GLY D 14 32.58 14.29 6.79
CA GLY D 14 33.98 14.36 6.43
C GLY D 14 34.25 13.28 5.41
N PRO D 15 35.52 12.90 5.19
CA PRO D 15 35.80 11.85 4.20
C PRO D 15 35.07 10.54 4.49
N THR D 16 34.62 9.89 3.45
CA THR D 16 33.88 8.65 3.57
C THR D 16 34.78 7.43 3.76
N PRO D 17 34.41 6.52 4.67
CA PRO D 17 35.23 5.34 4.89
C PRO D 17 35.24 4.33 3.77
N ILE D 18 36.32 3.55 3.70
CA ILE D 18 36.45 2.50 2.70
C ILE D 18 36.51 1.18 3.46
N GLN D 19 35.60 0.26 3.17
CA GLN D 19 35.61 -1.01 3.88
C GLN D 19 35.86 -2.16 2.93
N PRO D 20 36.56 -3.20 3.42
CA PRO D 20 36.84 -4.38 2.59
C PRO D 20 35.54 -5.21 2.50
N LEU D 21 35.34 -5.91 1.39
CA LEU D 21 34.17 -6.75 1.22
C LEU D 21 34.78 -8.13 1.10
N ALA D 22 35.39 -8.54 2.20
CA ALA D 22 36.07 -9.80 2.32
C ALA D 22 35.16 -10.98 2.04
N ARG D 23 33.95 -10.95 2.62
CA ARG D 23 33.03 -12.05 2.41
C ARG D 23 32.64 -12.12 0.94
N LEU D 24 32.21 -11.01 0.36
CA LEU D 24 31.83 -11.05 -1.05
C LEU D 24 33.03 -11.47 -1.93
N SER D 25 34.22 -11.01 -1.55
CA SER D 25 35.42 -11.35 -2.30
C SER D 25 35.71 -12.87 -2.24
N LYS D 26 35.60 -13.44 -1.05
CA LYS D 26 35.86 -14.86 -0.87
C LYS D 26 34.85 -15.68 -1.64
N HIS D 27 33.59 -15.23 -1.55
CA HIS D 27 32.48 -15.90 -2.21
C HIS D 27 32.67 -16.03 -3.71
N LEU D 28 33.17 -14.96 -4.34
CA LEU D 28 33.37 -14.98 -5.78
C LEU D 28 34.69 -15.58 -6.25
N GLY D 29 35.41 -16.24 -5.36
CA GLY D 29 36.67 -16.87 -5.77
C GLY D 29 37.95 -16.36 -5.13
N GLY D 30 37.88 -15.25 -4.41
CA GLY D 30 39.07 -14.72 -3.75
C GLY D 30 40.15 -14.18 -4.67
N LYS D 31 39.93 -14.24 -5.97
CA LYS D 31 40.91 -13.75 -6.95
C LYS D 31 40.97 -12.23 -6.99
N VAL D 32 39.85 -11.57 -6.73
CA VAL D 32 39.79 -10.12 -6.74
C VAL D 32 39.30 -9.60 -5.39
N HIS D 33 40.02 -8.62 -4.86
CA HIS D 33 39.71 -8.00 -3.58
C HIS D 33 38.81 -6.81 -3.83
N LEU D 34 37.62 -6.84 -3.23
CA LEU D 34 36.63 -5.78 -3.38
C LEU D 34 36.52 -4.94 -2.13
N TYR D 35 36.31 -3.65 -2.31
CA TYR D 35 36.18 -2.72 -1.18
C TYR D 35 35.03 -1.80 -1.53
N ALA D 36 34.53 -1.07 -0.57
CA ALA D 36 33.44 -0.13 -0.84
C ALA D 36 33.70 1.18 -0.15
N LYS D 37 33.47 2.30 -0.86
CA LYS D 37 33.66 3.63 -0.27
C LYS D 37 32.24 4.04 -0.03
N ARG D 38 31.93 4.34 1.23
CA ARG D 38 30.56 4.63 1.63
C ARG D 38 30.01 6.04 1.50
N GLU D 39 29.73 6.48 0.28
CA GLU D 39 29.15 7.82 0.10
C GLU D 39 27.72 7.78 0.67
N ASP D 40 27.14 6.59 0.68
CA ASP D 40 25.78 6.41 1.19
C ASP D 40 25.66 6.73 2.68
N CYS D 41 26.79 6.80 3.39
CA CYS D 41 26.79 7.09 4.83
C CYS D 41 27.54 8.39 5.14
N ASN D 42 27.57 9.31 4.19
CA ASN D 42 28.32 10.57 4.34
C ASN D 42 27.67 11.72 5.05
N SER D 43 26.39 11.63 5.40
CA SER D 43 25.77 12.79 6.03
C SER D 43 24.60 12.51 6.96
N GLY D 44 24.40 13.41 7.92
CA GLY D 44 23.31 13.26 8.87
C GLY D 44 22.03 13.86 8.31
N LEU D 45 22.14 14.37 7.08
CA LEU D 45 21.00 14.97 6.42
C LEU D 45 20.22 13.93 5.60
N ALA D 46 19.16 13.40 6.20
CA ALA D 46 18.28 12.42 5.59
C ALA D 46 19.00 11.36 4.76
N PHE D 47 19.98 10.71 5.36
CA PHE D 47 20.78 9.65 4.72
C PHE D 47 21.82 10.10 3.66
N GLY D 48 21.68 11.30 3.13
CA GLY D 48 22.64 11.77 2.15
C GLY D 48 22.96 10.90 0.94
N GLY D 49 24.24 10.82 0.59
CA GLY D 49 24.69 10.06 -0.58
C GLY D 49 25.52 10.92 -1.55
N ASN D 50 25.85 10.37 -2.72
CA ASN D 50 26.68 11.08 -3.72
C ASN D 50 26.25 12.50 -4.05
N LYS D 51 24.94 12.73 -4.15
CA LYS D 51 24.44 14.04 -4.48
C LYS D 51 24.81 15.09 -3.42
N THR D 52 24.87 14.66 -2.16
CA THR D 52 25.22 15.59 -1.09
C THR D 52 26.68 16.02 -1.22
N ARG D 53 27.56 15.12 -1.66
CA ARG D 53 28.94 15.51 -1.85
C ARG D 53 29.01 16.56 -2.97
N LYS D 54 28.18 16.39 -4.01
CA LYS D 54 28.13 17.34 -5.14
C LYS D 54 27.63 18.69 -4.65
N LEU D 55 26.58 18.67 -3.84
CA LEU D 55 25.98 19.88 -3.31
C LEU D 55 26.88 20.77 -2.46
N GLU D 56 27.99 20.24 -1.96
CA GLU D 56 28.85 21.07 -1.14
C GLU D 56 29.47 22.18 -1.99
N TYR D 57 29.74 21.88 -3.27
CA TYR D 57 30.32 22.87 -4.18
C TYR D 57 29.32 23.80 -4.84
N LEU D 58 28.03 23.51 -4.71
CA LEU D 58 27.02 24.36 -5.30
C LEU D 58 26.47 25.37 -4.30
N ILE D 59 26.27 24.92 -3.06
CA ILE D 59 25.73 25.78 -2.02
C ILE D 59 26.45 27.13 -1.81
N PRO D 60 27.80 27.16 -1.86
CA PRO D 60 28.50 28.44 -1.68
C PRO D 60 27.94 29.48 -2.65
N GLU D 61 27.79 29.07 -3.91
CA GLU D 61 27.28 29.96 -4.94
C GLU D 61 25.85 30.38 -4.65
N ALA D 62 24.99 29.44 -4.30
CA ALA D 62 23.61 29.78 -4.01
C ALA D 62 23.55 30.86 -2.94
N LEU D 63 24.42 30.73 -1.95
CA LEU D 63 24.50 31.68 -0.86
C LEU D 63 25.10 32.98 -1.36
N ALA D 64 26.26 32.90 -2.01
CA ALA D 64 26.90 34.11 -2.54
C ALA D 64 25.85 34.93 -3.30
N GLN D 65 25.08 34.28 -4.17
CA GLN D 65 24.06 34.97 -4.95
C GLN D 65 22.84 35.42 -4.12
N GLY D 66 22.77 35.03 -2.87
CA GLY D 66 21.63 35.43 -2.05
C GLY D 66 20.32 34.74 -2.39
N CYS D 67 20.41 33.52 -2.93
CA CYS D 67 19.19 32.78 -3.26
C CYS D 67 18.54 32.35 -1.96
N ASP D 68 17.21 32.28 -1.95
CA ASP D 68 16.51 31.88 -0.73
C ASP D 68 15.77 30.55 -0.88
N THR D 69 15.67 30.07 -2.11
CA THR D 69 14.99 28.80 -2.42
C THR D 69 15.84 27.89 -3.30
N LEU D 70 15.93 26.60 -2.96
CA LEU D 70 16.68 25.65 -3.78
C LEU D 70 15.62 24.91 -4.58
N VAL D 71 15.80 24.89 -5.90
CA VAL D 71 14.82 24.24 -6.78
C VAL D 71 15.51 23.11 -7.54
N SER D 72 14.88 21.94 -7.59
CA SER D 72 15.52 20.85 -8.31
C SER D 72 14.52 19.88 -8.90
N ILE D 73 15.00 18.76 -9.41
CA ILE D 73 14.09 17.87 -10.10
C ILE D 73 14.57 16.43 -10.23
N GLY D 74 13.60 15.52 -10.35
CA GLY D 74 13.91 14.12 -10.50
C GLY D 74 12.65 13.26 -10.60
N GLY D 75 12.84 11.95 -10.74
CA GLY D 75 11.69 11.06 -10.78
C GLY D 75 11.06 10.93 -9.39
N ILE D 76 9.92 10.27 -9.30
CA ILE D 76 9.20 10.09 -8.04
C ILE D 76 10.10 9.63 -6.89
N GLN D 77 10.96 8.66 -7.13
CA GLN D 77 11.84 8.18 -6.08
C GLN D 77 13.26 8.71 -6.20
N SER D 78 13.38 9.94 -6.70
CA SER D 78 14.67 10.58 -6.84
C SER D 78 15.38 10.72 -5.48
N ASN D 79 16.68 10.42 -5.47
CA ASN D 79 17.49 10.56 -4.29
C ASN D 79 17.97 11.99 -4.25
N GLN D 80 18.24 12.53 -5.44
CA GLN D 80 18.72 13.91 -5.58
C GLN D 80 17.76 14.91 -4.96
N THR D 81 16.48 14.81 -5.30
CA THR D 81 15.50 15.73 -4.76
C THR D 81 15.35 15.63 -3.24
N ARG D 82 15.55 14.44 -2.68
CA ARG D 82 15.45 14.27 -1.24
C ARG D 82 16.68 14.90 -0.55
N GLN D 83 17.85 14.77 -1.15
CA GLN D 83 19.05 15.35 -0.56
C GLN D 83 19.00 16.88 -0.68
N VAL D 84 18.42 17.37 -1.77
CA VAL D 84 18.29 18.81 -1.93
C VAL D 84 17.33 19.33 -0.86
N ALA D 85 16.25 18.59 -0.62
CA ALA D 85 15.28 19.02 0.39
C ALA D 85 15.92 19.10 1.79
N ALA D 86 16.78 18.13 2.09
CA ALA D 86 17.42 18.07 3.40
C ALA D 86 18.44 19.18 3.56
N VAL D 87 19.22 19.46 2.51
CA VAL D 87 20.20 20.53 2.59
C VAL D 87 19.47 21.86 2.79
N ALA D 88 18.38 22.05 2.05
CA ALA D 88 17.60 23.26 2.18
C ALA D 88 17.20 23.51 3.62
N ALA D 89 16.46 22.55 4.20
CA ALA D 89 15.99 22.66 5.58
C ALA D 89 17.10 23.08 6.51
N HIS D 90 18.23 22.39 6.40
CA HIS D 90 19.42 22.62 7.20
C HIS D 90 19.91 24.06 7.06
N LEU D 91 19.94 24.53 5.82
CA LEU D 91 20.42 25.86 5.51
C LEU D 91 19.45 26.97 5.80
N GLY D 92 18.18 26.63 6.03
CA GLY D 92 17.19 27.66 6.29
C GLY D 92 16.53 28.17 5.03
N MET D 93 16.64 27.40 3.95
CA MET D 93 16.05 27.79 2.67
C MET D 93 14.77 27.03 2.32
N LYS D 94 13.98 27.62 1.43
CA LYS D 94 12.77 26.98 0.95
C LYS D 94 13.23 26.00 -0.11
N CYS D 95 12.35 25.09 -0.50
CA CYS D 95 12.67 24.09 -1.49
C CYS D 95 11.46 23.74 -2.34
N VAL D 96 11.62 23.83 -3.66
CA VAL D 96 10.57 23.48 -4.59
C VAL D 96 11.13 22.35 -5.43
N LEU D 97 10.40 21.24 -5.49
CA LEU D 97 10.87 20.08 -6.24
C LEU D 97 9.90 19.66 -7.33
N VAL D 98 10.43 19.53 -8.53
CA VAL D 98 9.65 19.07 -9.68
C VAL D 98 9.85 17.54 -9.74
N GLN D 99 8.81 16.80 -9.39
CA GLN D 99 8.90 15.34 -9.39
C GLN D 99 8.16 14.82 -10.61
N GLU D 100 8.88 14.15 -11.49
CA GLU D 100 8.29 13.62 -12.71
C GLU D 100 8.26 12.12 -12.67
N ASN D 101 7.42 11.50 -13.49
CA ASN D 101 7.40 10.05 -13.50
C ASN D 101 8.32 9.54 -14.59
N TRP D 102 9.59 9.36 -14.23
CA TRP D 102 10.60 8.90 -15.16
C TRP D 102 10.64 7.39 -15.30
N VAL D 103 9.83 6.68 -14.54
CA VAL D 103 9.85 5.23 -14.58
C VAL D 103 8.51 4.59 -14.95
N ASN D 104 8.58 3.56 -15.79
CA ASN D 104 7.37 2.85 -16.19
C ASN D 104 7.10 1.84 -15.09
N TYR D 105 6.66 2.36 -13.95
CA TYR D 105 6.36 1.58 -12.76
C TYR D 105 5.08 2.19 -12.18
N SER D 106 4.30 1.40 -11.44
CA SER D 106 3.09 1.97 -10.89
C SER D 106 2.67 1.41 -9.54
N ASP D 107 3.65 1.17 -8.68
CA ASP D 107 3.36 0.64 -7.36
C ASP D 107 2.45 1.59 -6.55
N ALA D 108 1.51 1.00 -5.82
CA ALA D 108 0.52 1.70 -4.99
C ALA D 108 1.04 2.80 -4.03
N VAL D 109 2.24 2.63 -3.48
CA VAL D 109 2.78 3.61 -2.53
C VAL D 109 4.00 4.31 -3.10
N TYR D 110 4.24 4.12 -4.39
CA TYR D 110 5.40 4.70 -5.04
C TYR D 110 5.67 6.16 -4.69
N ASP D 111 4.62 6.97 -4.66
CA ASP D 111 4.77 8.39 -4.38
C ASP D 111 4.53 8.79 -2.93
N ARG D 112 4.53 7.80 -2.03
CA ARG D 112 4.29 8.08 -0.62
C ARG D 112 5.29 7.49 0.35
N VAL D 113 6.29 6.77 -0.15
CA VAL D 113 7.29 6.18 0.72
C VAL D 113 8.70 6.60 0.32
N GLY D 114 9.70 6.13 1.06
CA GLY D 114 11.07 6.42 0.70
C GLY D 114 11.49 7.87 0.51
N ASN D 115 12.19 8.14 -0.59
CA ASN D 115 12.69 9.48 -0.83
C ASN D 115 11.66 10.60 -0.87
N ILE D 116 10.57 10.42 -1.61
CA ILE D 116 9.57 11.46 -1.72
C ILE D 116 8.87 11.74 -0.39
N GLN D 117 8.68 10.70 0.42
CA GLN D 117 8.05 10.88 1.74
C GLN D 117 8.97 11.77 2.60
N MET D 118 10.26 11.51 2.54
CA MET D 118 11.20 12.31 3.31
C MET D 118 11.20 13.77 2.86
N SER D 119 11.18 14.04 1.55
CA SER D 119 11.18 15.42 1.09
C SER D 119 9.97 16.17 1.61
N ARG D 120 8.79 15.53 1.65
CA ARG D 120 7.62 16.21 2.16
C ARG D 120 7.78 16.50 3.66
N ILE D 121 8.37 15.58 4.39
CA ILE D 121 8.53 15.80 5.83
C ILE D 121 9.56 16.91 6.05
N LEU D 122 10.61 16.92 5.23
CA LEU D 122 11.65 17.93 5.33
C LEU D 122 11.18 19.35 4.95
N GLY D 123 9.90 19.50 4.64
CA GLY D 123 9.37 20.80 4.31
C GLY D 123 9.39 21.26 2.86
N ALA D 124 9.81 20.41 1.91
CA ALA D 124 9.87 20.80 0.50
C ALA D 124 8.50 20.87 -0.14
N ASP D 125 8.38 21.70 -1.18
CA ASP D 125 7.13 21.82 -1.91
C ASP D 125 7.30 20.84 -3.06
N VAL D 126 6.75 19.65 -2.89
CA VAL D 126 6.85 18.58 -3.87
C VAL D 126 5.74 18.67 -4.90
N ARG D 127 6.12 19.04 -6.12
CA ARG D 127 5.15 19.19 -7.19
C ARG D 127 5.16 18.00 -8.16
N LEU D 128 4.03 17.32 -8.23
CA LEU D 128 3.90 16.16 -9.09
C LEU D 128 3.30 16.61 -10.43
N VAL D 129 4.06 16.41 -11.50
CA VAL D 129 3.64 16.78 -12.86
C VAL D 129 2.45 15.97 -13.37
N ARG D 139 6.13 25.05 -18.91
CA ARG D 139 7.30 24.19 -18.92
C ARG D 139 7.73 23.78 -17.50
N SER D 140 7.16 22.66 -17.06
CA SER D 140 7.41 22.04 -15.75
C SER D 140 8.47 22.69 -14.85
N TRP D 141 9.73 22.59 -15.29
CA TRP D 141 10.88 23.13 -14.59
C TRP D 141 10.94 24.64 -14.62
N GLU D 142 10.87 25.21 -15.82
CA GLU D 142 10.92 26.66 -15.96
C GLU D 142 9.78 27.27 -15.15
N ASP D 143 8.63 26.62 -15.17
CA ASP D 143 7.47 27.10 -14.41
C ASP D 143 7.78 27.18 -12.93
N ALA D 144 8.53 26.20 -12.43
CA ALA D 144 8.89 26.17 -11.02
C ALA D 144 9.78 27.36 -10.72
N LEU D 145 10.87 27.49 -11.48
CA LEU D 145 11.81 28.58 -11.28
C LEU D 145 11.11 29.93 -11.32
N GLU D 146 10.28 30.13 -12.34
CA GLU D 146 9.55 31.38 -12.50
C GLU D 146 8.59 31.61 -11.34
N SER D 147 7.93 30.55 -10.90
CA SER D 147 6.98 30.64 -9.80
C SER D 147 7.65 31.17 -8.53
N VAL D 148 8.89 30.72 -8.30
CA VAL D 148 9.62 31.14 -7.12
C VAL D 148 9.86 32.65 -7.21
N ARG D 149 10.30 33.10 -8.39
CA ARG D 149 10.56 34.52 -8.61
C ARG D 149 9.26 35.29 -8.40
N ALA D 150 8.23 34.93 -9.17
CA ALA D 150 6.93 35.57 -9.09
C ALA D 150 6.34 35.53 -7.67
N ALA D 151 6.98 34.78 -6.79
CA ALA D 151 6.51 34.67 -5.41
C ALA D 151 7.30 35.63 -4.55
N GLY D 152 8.32 36.23 -5.14
CA GLY D 152 9.15 37.17 -4.42
C GLY D 152 10.40 36.54 -3.85
N GLY D 153 10.69 35.31 -4.25
CA GLY D 153 11.88 34.64 -3.76
C GLY D 153 12.92 34.52 -4.86
N LYS D 154 14.15 34.19 -4.49
CA LYS D 154 15.17 34.04 -5.51
C LYS D 154 15.61 32.58 -5.54
N PRO D 155 15.22 31.86 -6.60
CA PRO D 155 15.57 30.45 -6.74
C PRO D 155 16.96 30.13 -7.26
N TYR D 156 17.59 29.13 -6.66
CA TYR D 156 18.89 28.67 -7.11
C TYR D 156 18.58 27.38 -7.88
N ALA D 157 18.85 27.37 -9.18
CA ALA D 157 18.55 26.20 -10.00
C ALA D 157 19.53 25.06 -9.87
N ILE D 158 19.00 23.87 -9.61
CA ILE D 158 19.81 22.67 -9.50
C ILE D 158 19.28 21.60 -10.45
N PRO D 159 19.96 21.43 -11.59
CA PRO D 159 19.56 20.44 -12.61
C PRO D 159 19.54 19.01 -12.08
N ALA D 160 18.91 18.12 -12.84
CA ALA D 160 18.83 16.72 -12.44
C ALA D 160 20.18 16.19 -11.98
N GLY D 161 20.18 15.53 -10.81
CA GLY D 161 21.41 14.98 -10.27
C GLY D 161 22.56 15.95 -10.10
N CYS D 162 22.26 17.25 -10.17
CA CYS D 162 23.29 18.31 -10.06
C CYS D 162 24.30 18.20 -11.19
N SER D 163 24.07 17.30 -12.13
CA SER D 163 25.03 17.05 -13.19
C SER D 163 25.34 18.10 -14.24
N ASP D 164 24.35 18.51 -15.01
CA ASP D 164 24.57 19.50 -16.06
C ASP D 164 24.62 20.91 -15.45
N HIS D 165 25.59 21.13 -14.57
CA HIS D 165 25.73 22.41 -13.87
C HIS D 165 27.23 22.67 -13.83
N PRO D 166 27.63 23.95 -13.96
CA PRO D 166 29.06 24.27 -13.93
C PRO D 166 29.82 23.70 -12.74
N LEU D 167 29.25 23.81 -11.55
CA LEU D 167 29.89 23.32 -10.33
C LEU D 167 29.59 21.85 -9.99
N GLY D 168 28.71 21.24 -10.77
CA GLY D 168 28.30 19.86 -10.54
C GLY D 168 29.32 18.74 -10.61
N GLY D 169 30.45 18.96 -11.28
CA GLY D 169 31.45 17.92 -11.38
C GLY D 169 32.57 18.02 -10.36
N LEU D 170 32.59 19.10 -9.60
CA LEU D 170 33.67 19.30 -8.63
C LEU D 170 33.65 18.31 -7.48
N GLY D 171 32.46 18.11 -6.91
CA GLY D 171 32.33 17.20 -5.78
C GLY D 171 33.15 15.95 -5.97
N PHE D 172 33.02 15.31 -7.11
CA PHE D 172 33.75 14.08 -7.29
C PHE D 172 35.17 14.15 -7.76
N VAL D 173 35.66 15.36 -8.02
CA VAL D 173 37.08 15.48 -8.36
C VAL D 173 37.71 15.26 -6.97
N GLY D 174 37.10 15.89 -5.96
CA GLY D 174 37.56 15.73 -4.59
C GLY D 174 37.52 14.26 -4.18
N PHE D 175 36.51 13.54 -4.64
CA PHE D 175 36.41 12.11 -4.30
C PHE D 175 37.75 11.47 -4.63
N ALA D 176 38.30 11.83 -5.78
CA ALA D 176 39.58 11.30 -6.22
C ALA D 176 40.70 11.79 -5.32
N GLU D 177 40.59 13.04 -4.88
CA GLU D 177 41.57 13.65 -3.99
C GLU D 177 41.57 12.78 -2.72
N GLU D 178 40.38 12.59 -2.18
CA GLU D 178 40.14 11.79 -0.98
C GLU D 178 40.71 10.38 -1.07
N VAL D 179 40.41 9.67 -2.15
CA VAL D 179 40.91 8.30 -2.30
C VAL D 179 42.43 8.25 -2.24
N ARG D 180 43.10 9.22 -2.88
CA ARG D 180 44.55 9.24 -2.86
C ARG D 180 45.04 9.38 -1.43
N ALA D 181 44.46 10.33 -0.71
CA ALA D 181 44.85 10.52 0.68
C ALA D 181 44.68 9.19 1.43
N GLN D 182 43.56 8.51 1.20
CA GLN D 182 43.31 7.24 1.88
C GLN D 182 44.23 6.11 1.44
N GLU D 183 44.56 6.06 0.14
CA GLU D 183 45.45 5.01 -0.33
C GLU D 183 46.80 5.19 0.36
N ALA D 184 47.12 6.44 0.69
CA ALA D 184 48.36 6.75 1.37
C ALA D 184 48.32 6.05 2.72
N GLU D 185 47.34 6.41 3.55
CA GLU D 185 47.17 5.82 4.87
C GLU D 185 47.21 4.30 4.74
N LEU D 186 46.43 3.77 3.80
CA LEU D 186 46.36 2.33 3.59
C LEU D 186 47.69 1.71 3.16
N GLY D 187 48.47 2.47 2.41
CA GLY D 187 49.74 1.96 1.95
C GLY D 187 49.61 1.17 0.67
N PHE D 188 48.57 1.47 -0.11
CA PHE D 188 48.36 0.78 -1.38
C PHE D 188 47.33 1.53 -2.22
N LYS D 189 47.27 1.18 -3.50
CA LYS D 189 46.34 1.84 -4.40
C LYS D 189 45.37 0.87 -5.04
N PHE D 190 44.19 1.38 -5.35
CA PHE D 190 43.15 0.59 -5.97
C PHE D 190 43.37 0.64 -7.47
N ASP D 191 43.22 -0.51 -8.12
CA ASP D 191 43.39 -0.60 -9.56
C ASP D 191 42.16 -0.15 -10.34
N TYR D 192 40.98 -0.22 -9.71
CA TYR D 192 39.74 0.22 -10.37
C TYR D 192 38.73 0.78 -9.37
N VAL D 193 37.76 1.49 -9.91
CA VAL D 193 36.68 2.07 -9.14
C VAL D 193 35.44 1.71 -9.95
N VAL D 194 34.39 1.23 -9.26
CA VAL D 194 33.16 0.90 -9.97
C VAL D 194 32.17 1.92 -9.47
N VAL D 195 31.42 2.51 -10.41
CA VAL D 195 30.47 3.55 -10.06
C VAL D 195 29.25 3.51 -10.96
N CYS D 196 28.09 3.77 -10.37
CA CYS D 196 26.86 3.79 -11.15
C CYS D 196 26.73 5.16 -11.80
N SER D 197 26.31 5.20 -13.07
CA SER D 197 26.19 6.47 -13.78
C SER D 197 24.86 6.64 -14.49
N VAL D 198 24.23 7.79 -14.28
CA VAL D 198 22.97 8.05 -14.95
C VAL D 198 22.96 9.47 -15.50
N THR D 199 23.01 10.49 -14.63
CA THR D 199 23.04 11.87 -15.16
C THR D 199 24.45 12.31 -15.50
N GLY D 200 25.46 11.62 -14.94
CA GLY D 200 26.83 11.92 -15.31
C GLY D 200 27.92 12.63 -14.52
N SER D 201 27.61 13.62 -13.69
CA SER D 201 28.70 14.31 -13.01
C SER D 201 29.42 13.54 -11.92
N THR D 202 28.89 12.37 -11.55
CA THR D 202 29.59 11.61 -10.53
C THR D 202 30.83 11.00 -11.17
N GLN D 203 30.63 10.21 -12.21
CA GLN D 203 31.78 9.58 -12.87
C GLN D 203 32.67 10.62 -13.55
N ALA D 204 32.08 11.71 -14.04
CA ALA D 204 32.88 12.74 -14.70
C ALA D 204 33.86 13.32 -13.67
N GLY D 205 33.33 13.72 -12.52
CA GLY D 205 34.18 14.25 -11.46
C GLY D 205 35.29 13.28 -11.14
N MET D 206 34.96 11.99 -11.05
CA MET D 206 35.97 10.97 -10.77
C MET D 206 37.00 10.89 -11.88
N VAL D 207 36.51 10.84 -13.13
CA VAL D 207 37.35 10.76 -14.31
C VAL D 207 38.40 11.89 -14.30
N VAL D 208 37.94 13.11 -14.03
CA VAL D 208 38.80 14.28 -13.98
C VAL D 208 39.80 14.13 -12.85
N GLY D 209 39.28 13.80 -11.67
CA GLY D 209 40.13 13.62 -10.51
C GLY D 209 41.14 12.50 -10.66
N PHE D 210 40.77 11.42 -11.32
CA PHE D 210 41.71 10.31 -11.48
C PHE D 210 42.62 10.41 -12.69
N ALA D 211 42.31 11.36 -13.57
CA ALA D 211 43.13 11.59 -14.75
C ALA D 211 44.40 12.19 -14.15
N ALA D 212 44.22 13.01 -13.13
CA ALA D 212 45.29 13.69 -12.41
C ALA D 212 46.46 12.79 -12.12
N ASP D 213 46.20 11.50 -11.92
CA ASP D 213 47.28 10.56 -11.65
C ASP D 213 47.22 9.41 -12.66
N GLY D 214 46.53 9.67 -13.76
CA GLY D 214 46.41 8.69 -14.84
C GLY D 214 45.56 7.44 -14.61
N ARG D 215 44.44 7.58 -13.91
CA ARG D 215 43.59 6.42 -13.68
C ARG D 215 42.17 6.62 -14.18
N ALA D 216 41.92 7.74 -14.82
CA ALA D 216 40.60 8.08 -15.34
C ALA D 216 39.90 6.89 -16.01
N ASP D 217 40.64 6.13 -16.80
CA ASP D 217 40.06 4.99 -17.50
C ASP D 217 40.00 3.73 -16.64
N ARG D 218 40.29 3.88 -15.36
CA ARG D 218 40.22 2.74 -14.44
C ARG D 218 38.91 2.89 -13.69
N VAL D 219 38.21 3.98 -13.98
CA VAL D 219 36.93 4.26 -13.39
C VAL D 219 35.91 3.56 -14.29
N ILE D 220 35.45 2.37 -13.87
CA ILE D 220 34.47 1.61 -14.62
C ILE D 220 33.07 2.10 -14.32
N GLY D 221 32.50 2.89 -15.21
CA GLY D 221 31.15 3.37 -14.99
C GLY D 221 30.22 2.25 -15.43
N VAL D 222 29.11 2.08 -14.71
CA VAL D 222 28.13 1.03 -15.02
C VAL D 222 26.83 1.78 -15.26
N ASP D 223 26.39 1.80 -16.52
CA ASP D 223 25.18 2.52 -16.88
C ASP D 223 23.91 1.99 -16.22
N ALA D 224 23.03 2.89 -15.78
CA ALA D 224 21.77 2.51 -15.18
C ALA D 224 20.64 3.29 -15.83
N SER D 225 20.95 4.01 -16.91
CA SER D 225 19.94 4.80 -17.63
C SER D 225 19.17 3.97 -18.65
N ALA D 226 19.86 3.00 -19.24
CA ALA D 226 19.30 2.17 -20.31
C ALA D 226 19.21 3.03 -21.58
N LYS D 227 20.11 4.01 -21.69
CA LYS D 227 20.25 4.94 -22.83
C LYS D 227 21.69 5.34 -22.70
N PRO D 228 22.60 4.34 -22.72
CA PRO D 228 24.04 4.48 -22.59
C PRO D 228 24.74 5.48 -23.50
N ALA D 229 24.28 5.63 -24.74
CA ALA D 229 24.93 6.59 -25.65
C ALA D 229 24.82 7.99 -25.08
N GLN D 230 23.61 8.35 -24.67
CA GLN D 230 23.31 9.65 -24.10
C GLN D 230 24.05 9.87 -22.77
N THR D 231 24.07 8.85 -21.92
CA THR D 231 24.75 8.96 -20.63
C THR D 231 26.24 9.05 -20.84
N ARG D 232 26.74 8.25 -21.77
CA ARG D 232 28.18 8.26 -22.08
C ARG D 232 28.59 9.65 -22.56
N GLU D 233 27.73 10.27 -23.35
CA GLU D 233 28.05 11.59 -23.86
C GLU D 233 28.04 12.64 -22.76
N GLN D 234 27.11 12.53 -21.83
CA GLN D 234 27.04 13.50 -20.75
C GLN D 234 28.22 13.45 -19.81
N ILE D 235 28.68 12.23 -19.54
CA ILE D 235 29.82 12.05 -18.67
C ILE D 235 31.02 12.69 -19.36
N THR D 236 31.09 12.50 -20.67
CA THR D 236 32.18 13.05 -21.47
C THR D 236 32.14 14.56 -21.39
N ARG D 237 31.01 15.11 -21.82
CA ARG D 237 30.77 16.55 -21.82
C ARG D 237 30.98 17.23 -20.49
N ILE D 238 30.58 16.59 -19.40
CA ILE D 238 30.72 17.20 -18.10
C ILE D 238 32.13 17.11 -17.58
N ALA D 239 32.79 15.97 -17.86
CA ALA D 239 34.15 15.78 -17.42
C ALA D 239 35.06 16.78 -18.14
N ARG D 240 34.74 17.09 -19.40
CA ARG D 240 35.55 18.04 -20.15
C ARG D 240 35.35 19.43 -19.58
N GLN D 241 34.10 19.84 -19.38
CA GLN D 241 33.82 21.16 -18.81
C GLN D 241 34.44 21.26 -17.41
N THR D 242 34.67 20.11 -16.77
CA THR D 242 35.23 20.06 -15.43
C THR D 242 36.74 19.98 -15.40
N ALA D 243 37.32 19.13 -16.23
CA ALA D 243 38.78 19.01 -16.26
C ALA D 243 39.33 20.40 -16.62
N GLU D 244 38.52 21.17 -17.33
CA GLU D 244 38.91 22.50 -17.75
C GLU D 244 38.73 23.52 -16.62
N LYS D 245 37.68 23.35 -15.84
CA LYS D 245 37.40 24.28 -14.74
C LYS D 245 38.38 24.18 -13.58
N VAL D 246 38.95 23.00 -13.36
CA VAL D 246 39.89 22.83 -12.27
C VAL D 246 41.29 22.86 -12.85
N GLY D 247 41.35 23.28 -14.11
CA GLY D 247 42.62 23.38 -14.80
C GLY D 247 43.43 22.10 -14.88
N LEU D 248 42.83 21.03 -15.41
CA LEU D 248 43.57 19.78 -15.57
C LEU D 248 44.57 20.10 -16.68
N GLU D 249 45.70 19.42 -16.70
CA GLU D 249 46.70 19.69 -17.72
C GLU D 249 46.58 18.78 -18.94
N ARG D 250 45.36 18.31 -19.20
CA ARG D 250 45.05 17.42 -20.31
C ARG D 250 43.63 17.71 -20.74
N ASP D 251 43.30 17.36 -21.97
CA ASP D 251 41.95 17.53 -22.47
C ASP D 251 41.39 16.14 -22.21
N ILE D 252 40.15 16.04 -21.76
CA ILE D 252 39.60 14.72 -21.50
C ILE D 252 39.25 14.01 -22.80
N MET D 253 39.85 12.84 -22.99
CA MET D 253 39.60 12.04 -24.18
C MET D 253 38.45 11.06 -23.96
N ARG D 254 37.69 10.80 -25.03
CA ARG D 254 36.56 9.87 -24.95
C ARG D 254 37.03 8.53 -24.42
N ALA D 255 38.30 8.24 -24.61
CA ALA D 255 38.85 6.98 -24.12
C ALA D 255 39.06 7.01 -22.61
N ASP D 256 38.90 8.17 -21.99
CA ASP D 256 39.04 8.30 -20.54
C ASP D 256 37.71 7.91 -19.88
N VAL D 257 36.65 7.87 -20.67
CA VAL D 257 35.33 7.55 -20.18
C VAL D 257 34.94 6.11 -20.48
N VAL D 258 34.93 5.29 -19.42
CA VAL D 258 34.58 3.87 -19.51
C VAL D 258 33.17 3.69 -18.94
N LEU D 259 32.29 3.09 -19.73
CA LEU D 259 30.89 2.89 -19.32
C LEU D 259 30.31 1.57 -19.81
N ASP D 260 30.14 0.61 -18.90
CA ASP D 260 29.57 -0.69 -19.25
C ASP D 260 28.06 -0.53 -19.39
N GLU D 261 27.51 -1.09 -20.47
CA GLU D 261 26.09 -0.98 -20.77
C GLU D 261 25.34 -2.27 -20.49
N ARG D 262 26.08 -3.31 -20.16
CA ARG D 262 25.52 -4.63 -19.91
C ARG D 262 24.57 -4.82 -18.73
N PHE D 263 24.52 -3.87 -17.80
CA PHE D 263 23.69 -4.08 -16.62
C PHE D 263 22.55 -3.13 -16.33
N ALA D 264 22.20 -2.28 -17.30
CA ALA D 264 21.14 -1.29 -17.09
C ALA D 264 19.73 -1.79 -17.32
N GLY D 265 19.60 -2.96 -17.95
CA GLY D 265 18.30 -3.52 -18.29
C GLY D 265 17.28 -3.64 -17.19
N PRO D 266 15.97 -3.59 -17.52
CA PRO D 266 15.39 -3.44 -18.87
C PRO D 266 15.10 -1.99 -19.21
N GLU D 267 15.03 -1.15 -18.19
CA GLU D 267 14.75 0.28 -18.34
C GLU D 267 15.27 0.96 -17.08
N TYR D 268 15.33 2.29 -17.14
CA TYR D 268 15.74 3.07 -15.98
C TYR D 268 14.62 2.90 -14.95
N GLY D 269 15.00 2.65 -13.69
CA GLY D 269 14.00 2.51 -12.66
C GLY D 269 13.45 1.11 -12.49
N LEU D 270 13.89 0.18 -13.33
CA LEU D 270 13.42 -1.19 -13.28
C LEU D 270 14.58 -2.15 -13.18
N PRO D 271 14.52 -3.09 -12.22
CA PRO D 271 15.62 -4.05 -12.07
C PRO D 271 15.37 -5.24 -12.97
N ASN D 272 16.44 -5.97 -13.30
CA ASN D 272 16.29 -7.20 -14.04
C ASN D 272 16.61 -8.27 -12.98
N GLU D 273 16.49 -9.54 -13.34
CA GLU D 273 16.73 -10.63 -12.39
C GLU D 273 18.14 -10.59 -11.82
N GLY D 274 19.08 -10.11 -12.63
CA GLY D 274 20.46 -10.02 -12.19
C GLY D 274 20.59 -8.94 -11.14
N THR D 275 19.90 -7.82 -11.33
CA THR D 275 19.95 -6.74 -10.34
C THR D 275 19.52 -7.31 -8.96
N LEU D 276 18.37 -7.99 -8.93
CA LEU D 276 17.87 -8.56 -7.68
C LEU D 276 18.83 -9.53 -7.02
N GLU D 277 19.36 -10.47 -7.81
CA GLU D 277 20.31 -11.42 -7.29
C GLU D 277 21.51 -10.70 -6.68
N ALA D 278 21.99 -9.68 -7.37
CA ALA D 278 23.16 -8.93 -6.88
C ALA D 278 22.86 -8.21 -5.58
N ILE D 279 21.68 -7.62 -5.47
CA ILE D 279 21.30 -6.92 -4.26
C ILE D 279 21.27 -7.92 -3.07
N ARG D 280 20.73 -9.11 -3.32
CA ARG D 280 20.63 -10.14 -2.29
C ARG D 280 21.99 -10.71 -1.89
N LEU D 281 22.82 -11.00 -2.89
CA LEU D 281 24.13 -11.58 -2.62
C LEU D 281 24.91 -10.60 -1.75
N CYS D 282 25.03 -9.37 -2.24
CA CYS D 282 25.76 -8.34 -1.52
C CYS D 282 25.24 -8.12 -0.10
N ALA D 283 23.93 -8.07 0.02
CA ALA D 283 23.30 -7.87 1.32
C ALA D 283 23.55 -9.04 2.26
N ARG D 284 23.48 -10.25 1.71
CA ARG D 284 23.62 -11.45 2.52
C ARG D 284 25.06 -11.87 2.85
N THR D 285 26.04 -11.29 2.16
CA THR D 285 27.43 -11.63 2.47
C THR D 285 28.06 -10.49 3.25
N GLU D 286 27.62 -9.27 3.00
CA GLU D 286 28.22 -8.11 3.63
C GLU D 286 27.35 -7.29 4.55
N GLY D 287 26.02 -7.47 4.47
CA GLY D 287 25.16 -6.68 5.32
C GLY D 287 25.05 -5.29 4.76
N MET D 288 25.47 -5.12 3.52
CA MET D 288 25.41 -3.82 2.83
C MET D 288 24.28 -3.87 1.77
N LEU D 289 23.32 -2.98 1.91
CA LEU D 289 22.17 -2.93 1.00
C LEU D 289 22.38 -2.07 -0.24
N THR D 290 21.74 -2.45 -1.33
CA THR D 290 21.80 -1.67 -2.56
C THR D 290 20.37 -1.61 -3.13
N ASP D 291 20.11 -0.67 -4.03
CA ASP D 291 18.75 -0.53 -4.55
C ASP D 291 18.56 -1.09 -5.95
N PRO D 292 17.30 -1.26 -6.37
CA PRO D 292 17.05 -1.82 -7.69
C PRO D 292 17.15 -0.81 -8.85
N VAL D 293 17.27 0.48 -8.53
CA VAL D 293 17.37 1.50 -9.56
C VAL D 293 18.82 1.81 -9.95
N TYR D 294 19.65 2.02 -8.93
CA TYR D 294 21.04 2.37 -9.16
C TYR D 294 22.15 1.42 -8.74
N GLU D 295 22.46 1.42 -7.45
CA GLU D 295 23.56 0.63 -6.94
C GLU D 295 23.47 -0.85 -7.16
N GLY D 296 22.25 -1.39 -7.18
CA GLY D 296 22.10 -2.81 -7.43
C GLY D 296 22.63 -3.16 -8.81
N LYS D 297 22.48 -2.23 -9.74
CA LYS D 297 22.94 -2.44 -11.10
C LYS D 297 24.47 -2.36 -11.19
N SER D 298 25.07 -1.40 -10.51
CA SER D 298 26.53 -1.30 -10.53
C SER D 298 27.10 -2.46 -9.73
N MET D 299 26.37 -2.90 -8.70
CA MET D 299 26.87 -4.01 -7.89
C MET D 299 26.77 -5.26 -8.74
N HIS D 300 25.69 -5.36 -9.50
CA HIS D 300 25.51 -6.49 -10.39
C HIS D 300 26.68 -6.50 -11.35
N GLY D 301 27.04 -5.33 -11.87
CA GLY D 301 28.17 -5.27 -12.78
C GLY D 301 29.48 -5.69 -12.15
N MET D 302 29.79 -5.19 -10.97
CA MET D 302 31.06 -5.53 -10.34
C MET D 302 31.20 -7.02 -10.10
N ILE D 303 30.11 -7.63 -9.64
CA ILE D 303 30.09 -9.07 -9.36
C ILE D 303 30.27 -9.83 -10.68
N GLU D 304 29.53 -9.44 -11.70
CA GLU D 304 29.63 -10.11 -12.99
C GLU D 304 31.04 -9.98 -13.56
N MET D 305 31.64 -8.81 -13.39
CA MET D 305 32.99 -8.60 -13.90
C MET D 305 33.95 -9.54 -13.19
N VAL D 306 33.87 -9.61 -11.87
CA VAL D 306 34.74 -10.48 -11.10
C VAL D 306 34.47 -11.95 -11.47
N ARG D 307 33.22 -12.31 -11.64
CA ARG D 307 32.89 -13.69 -11.97
C ARG D 307 33.39 -14.10 -13.35
N ASN D 308 33.41 -13.16 -14.29
CA ASN D 308 33.86 -13.45 -15.64
C ASN D 308 35.37 -13.33 -15.79
N GLY D 309 36.04 -12.95 -14.70
CA GLY D 309 37.48 -12.81 -14.72
C GLY D 309 37.92 -11.56 -15.45
N GLU D 310 36.98 -10.65 -15.70
CA GLU D 310 37.28 -9.42 -16.39
C GLU D 310 38.23 -8.53 -15.60
N PHE D 311 38.46 -8.87 -14.33
CA PHE D 311 39.41 -8.12 -13.50
C PHE D 311 40.62 -9.03 -13.39
N PRO D 312 41.81 -8.53 -13.71
CA PRO D 312 43.00 -9.37 -13.61
C PRO D 312 43.24 -9.76 -12.15
N GLU D 313 43.72 -10.98 -11.93
CA GLU D 313 43.99 -11.48 -10.58
C GLU D 313 44.84 -10.53 -9.73
N GLY D 314 44.52 -10.47 -8.44
CA GLY D 314 45.25 -9.60 -7.52
C GLY D 314 44.72 -8.20 -7.51
N SER D 315 43.82 -7.90 -8.44
CA SER D 315 43.26 -6.55 -8.52
C SER D 315 42.47 -6.14 -7.29
N ARG D 316 42.61 -4.87 -6.92
CA ARG D 316 41.89 -4.30 -5.80
C ARG D 316 40.89 -3.35 -6.39
N VAL D 317 39.62 -3.66 -6.25
CA VAL D 317 38.57 -2.82 -6.80
C VAL D 317 37.81 -2.04 -5.73
N LEU D 318 37.57 -0.76 -6.03
CA LEU D 318 36.86 0.09 -5.10
C LEU D 318 35.48 0.43 -5.63
N TYR D 319 34.47 -0.18 -5.00
CA TYR D 319 33.08 0.06 -5.36
C TYR D 319 32.62 1.33 -4.66
N ALA D 320 32.10 2.29 -5.42
CA ALA D 320 31.59 3.52 -4.80
C ALA D 320 30.10 3.35 -4.56
N HIS D 321 29.72 3.28 -3.30
CA HIS D 321 28.30 3.14 -2.97
C HIS D 321 27.74 4.53 -2.86
N LEU D 322 26.95 4.91 -3.85
CA LEU D 322 26.41 6.26 -3.94
C LEU D 322 25.16 6.58 -3.15
N GLY D 323 24.57 5.57 -2.49
CA GLY D 323 23.37 5.80 -1.69
C GLY D 323 22.17 5.10 -2.33
N GLY D 324 20.99 5.71 -2.27
CA GLY D 324 19.82 5.13 -2.90
C GLY D 324 18.99 4.04 -2.19
N VAL D 325 19.43 3.58 -1.02
CA VAL D 325 18.69 2.51 -0.35
C VAL D 325 17.23 2.79 -0.05
N PRO D 326 16.89 4.02 0.40
CA PRO D 326 15.49 4.33 0.72
C PRO D 326 14.49 3.98 -0.40
N ALA D 327 14.97 3.97 -1.64
CA ALA D 327 14.11 3.67 -2.80
C ALA D 327 13.55 2.24 -2.74
N LEU D 328 14.17 1.40 -1.92
CA LEU D 328 13.74 0.02 -1.75
C LEU D 328 12.25 -0.05 -1.41
N ASN D 329 11.80 0.91 -0.62
CA ASN D 329 10.41 0.96 -0.17
C ASN D 329 9.38 1.05 -1.30
N GLY D 330 9.80 1.54 -2.46
CA GLY D 330 8.88 1.64 -3.58
C GLY D 330 8.80 0.37 -4.42
N TYR D 331 9.57 -0.66 -4.06
CA TYR D 331 9.58 -1.95 -4.77
C TYR D 331 9.30 -3.07 -3.74
N SER D 332 8.32 -2.84 -2.87
CA SER D 332 8.01 -3.81 -1.82
C SER D 332 7.48 -5.15 -2.28
N PHE D 333 6.72 -5.19 -3.35
CA PHE D 333 6.16 -6.46 -3.76
C PHE D 333 7.26 -7.44 -4.18
N ILE D 334 8.23 -6.93 -4.92
CA ILE D 334 9.37 -7.66 -5.45
C ILE D 334 10.21 -8.33 -4.35
N PHE D 335 10.23 -7.72 -3.17
CA PHE D 335 11.03 -8.28 -2.09
C PHE D 335 10.19 -8.86 -0.96
N ARG D 336 8.92 -9.13 -1.21
CA ARG D 336 8.04 -9.60 -0.15
C ARG D 336 8.52 -10.83 0.59
N ASP D 337 9.31 -11.66 -0.08
CA ASP D 337 9.85 -12.85 0.56
C ASP D 337 11.37 -12.76 0.49
N GLY D 338 11.91 -11.56 0.41
CA GLY D 338 13.36 -11.43 0.33
C GLY D 338 13.82 -11.00 -1.05
#